data_6PVK
#
_entry.id   6PVK
#
loop_
_entity.id
_entity.type
_entity.pdbx_description
1 polymer '23S rRNA'
2 polymer '50S ribosomal protein L2'
3 polymer '50S ribosomal protein L3'
4 polymer '50S ribosomal protein L4'
5 polymer '50S ribosomal protein L13'
6 polymer '50S ribosomal protein L14'
7 polymer '50S ribosomal protein L15'
8 polymer '50S ribosomal protein L17'
9 polymer '50S ribosomal protein L19'
10 polymer '50S ribosomal protein L20'
11 polymer '50S ribosomal protein L21'
12 polymer '50S ribosomal protein L22'
13 polymer '50S ribosomal protein L23'
14 polymer '50S ribosomal protein L24'
15 polymer '50S ribosomal protein L32'
16 polymer '50S ribosomal protein L29'
17 polymer '50S ribosomal protein L34'
18 water water
#
loop_
_entity_poly.entity_id
_entity_poly.type
_entity_poly.pdbx_seq_one_letter_code
_entity_poly.pdbx_strand_id
1 'polyribonucleotide'
;GGUUAAGUUAGAAAGGGCGCACGGUGGAUGCCUUGGCACUAGGAGCCGAUGAAGGACGGGACGAACACCGAUAUGCUUCG
GGGAGCUGUAAGCAAGCUUUGAUCCGGAGAUUUCCGAAUGGGGAAACCCACCACUCGUAAUGGAGUGGUAUCCAUAUCUG
AAUUCAUAGGAUAUGAGAAGGCAGACCCGGGGAACUGAAACAUCUAAGUACCCGGAGGAAGAGAAAGCAAAUGCGAUUCC
CUGAGUAGCGGCGAGCGAAACGGGAUCAGCCCAAACCAAGAGGCUUGCCUCUUGGGGUUGUAGGACACUCUGUACGGAGU
UACAAAGGAACGAGGUAGAUGAAGAGGUCUGGAAAGGCCCGCCAUAGGAGGUAACAGCCCUGUAGUCAAAACUUCGUUCU
CUCCUGAGUGGAUCCUGAGUACGGCGGAACACGUGAAAUUCCGUCGGAAUCCGGGAGGACCAUCUCCCAAGGCUAAAUAC
UCCCUAGUGACCGAUAGUGAACCAGUACCGUGAGGGAAAGGUGAAAAGCACCCCGGAAGGGGAGUGAAAGAGAUCCUGAA
ACCGUGUGCCUACAAGUAGUCAGAGCCCGUUAACGGGUGAUGGCGUGCCUUUUGUAGAAUGAACCGGCGAGUUACGAUCU
CGUGCAAGGUUAAGCAGAAGAUGCGGAGCCGCAGCGAAAGCGAGUCUGAAUAGGGCGCAUGAGUACGUGGUCGUAGACCC
GAAACCAGGUGAUCUACCCAUGUCCAGGGUGAAGUUCAGGUAACACUGAAUGGAGGCCCGAACCCACGCACGUUGAAAAG
UGCGGGGAUGAGGUGUGGGUAGGGGUGAAAUGCCAAUCGAACCUGGAGAUAGCUGGUUCUCUCCGAAAUAGCUUUAGGGC
UAGCCUCAAGGUAAGAGUCUUGGAGGUAGAGCACUGAUUGGACUAGGGGCCCCUACCGGGUUACCGAAUUCAGUCAAACU
CCGAAUGCCAAUGACUUAUCCUUGGGAGUCAGACUGCGAGUGAUAAGAUCCGUAGUCGAAAGGGAAACAGCCCAGACCGC
CAGCUAAGGUCCCAAAGUAUACGUUAAGUGGAAAAGGAUGUGGAGUUGCUUAGACAACCAGGAUGUUGGCUUAGAAGCAG
CCACCAUUUAAAGAGUGCGUAAUAGCUCACUGGUCGAGUGACUCUGCGCCGAAAAUGUACCGGGGCUAAACGUAUCACCG
AAGCUGCGGACUGUUCUUCGAACAGUGGUAGGAGAGCGUUCUAAGGGCUGUGAAGCCAGACCGGAAGGACUGGUGGAGCG
CUUAGAAGUGAGAAUGCCGGUAUGAGUAGCGAAAGAGGGGUGAGAAUCCCCUCCACCGAAUGCCUAAGGUUUCCUGAGGA
AGGCUCGUCCGCUCAGGGUUAGUCGGGACCUAAGCCGAGGCCGAAAGGCGUAGGCGAUGGACAACAGGUUGAUAUUCCUG
UACCACCUCCUCACCAUUUGAGCAAUGGGGGGACGCAGGAGGAUAGGGUAAGCGCGGUAUUGGAUAUCCGCGUCCAAGCA
GUUAGGCUGGGAAAUAGGCAAAUCCGUUUCCCAUAAGGCUGAGCUGUGAUGGCGAGCGAAAUAUAGUAGCGAAGUUCCUG
AUUCCACACUGCCAAGAAAAGCCUCUAGCGAGGUGAGAGGUGCCCGUACCGCAAACCGACACAGGUAGGCGAGGAGAGAA
UCCUAAGGUGAUCGAGAGAACUCUCGUUAAGGAACUCGGCAAAAUGACCCCGUAACUUCGGGAGAAGGGGUGCUCUGUUA
GGGUGCAAGCCCGAGAGAGCCGCAGUGAAUAGGCCCAGGCGACUGUUUAGCAAAAACACAGGUCUCUGCGAAGCCGUAAG
GCGAAGUAUAGGGGCUGACGCCUGCCCGGUGCUGGAAGGUUAAGAGGAGCGCUUAGCGUAAGCGAAGGUGCGAAUUGAAG
CCCCAGUAAACGGCGGCCGUAACUAUAACGGUCCUAAGGUAGCGAAAUUCCUUGUCGGGUAAGUUCCGACCCGCACGAAA
GGCGCAACGAUCUGGGCACUGUCUCAACGAGAGACUCGGUGAAAUUAUAGUACCUGUGAAGAUGCAGGUUACCCGCGACA
GGACGGAAAGACCCCGUGGAGCUUUACUGCAGCCUGAUAUUGAAUGUUGGUACAGCUUGUACAGGAUAGGUAGGAGCCUU
GGAAACCGGAGCGCCAGCUUCGGUGGAGGCAUCGGUGGGAUACUACCCUGGCUGUAUUGACCUUCUAACCCGCCGCCCUU
AUCGGGCGGGGAGACAGUGUCAGGUGGGCAGUUUGACUGGGGCGGUCGCCUCCUAAAAGGUAACGGAGGCGCCCAAAGGU
UCCCUCAGAAUGGUUGGAAAUCAUUCGCAGAGUGUAAAGGCACAAGGGAGCUUGACUGCGAGACCUACAAGUCGAGCAGG
GACGAAAGUCGGGCUUAGUGAUCCGGUGGUUCCGCAUGGAAGGGCCAUCGCUCAACGGAUAAAAGCUACCCCGGGGAUAA
CAGGCUUAUCUCCCCCAAGAGUCCACAUCGACGGGGAGGUUUGGCACCUCGAUGUCGGCUCAUCGCAUCCUGGGGCUGUA
GUCGGUCCCAAGGGUUGGGCUGUUCGCCCAUUAAAGCGGUACGCGAGCUGGGUUCAGAACGUCGUGAGACAGUUCGGUCC
CUAUCCGUCGCGGGCGCAGGAAAUUUGAGAGGAGCUGUCCUUAGUACGAGAGGACCGGGAUGGACGCACCGCUGGUGUAC
CAGUUGUUCUGCCAAGGGCAUCGCUGGGUAGCUAUGUGCGGACGGGAUAAGUGCUGAAAGCAUCUAAGCAUGAAGCCCCC
CUCAAGAUGAGAUUUCCCAUUCCGCAAGGAAGUAAGAUCCCUGAAAGAUGAUCAGGUUGAUAGGUCUGAGGUGGAAGUGU
GGCGACACAUGGAGCUGACAGAUACUAAUCGAUCGAGGACUUAACCA
;
A
2 'polypeptide(L)'
;MAIKKYKPTSNGRRGMTTSDFAEITTDKPEKSLLAPLHKKGGRNNQGKLTVRHQGGGHKRQYRVIDFKRDKDGIPGRVAT
VEYDPNRSANIALINYADGEKRYILAPKGIQVGTEIMSGPEADIKVGNALPLINIPVGTVVHNIELKPGKGGQLVRSAGT
SAQVLGKEGKYVLVRLNSGEVRMILSACRASIGQVGNEQHELINIGKAGRSRWKGIRPTVRGSVMNPNDHPHGGGEGRAP
IGRKSPMSPWGKPTLGFKTRKKKNKSDKFIVRRRKNK
;
C
3 'polypeptide(L)'
;MTKGILGRKIGMTQVFAENGDLIPVTVIEAAPNVVLQKKTAENDGYEAIQLGFDDKREKLSNKPEKGHVAKAETAPKRFV
KELRGVEMDAYEVGQEVKVEIFSAGEIVDVTGVSKGKGFQGAIKRHGQSRGPMSHGSRYHRRPGSMGPVDPNRVFKGKLL
PGRMGGEQITVQNLEIVKVDAERNLLLIKGNVPGAKKSLITVKSAVKSK
;
D
4 'polypeptide(L)'
;MPKVALYNQNGSTAGDIELNASVFGIEPNESVVFDAILMQRASLRQGTHKVKNRSEVRGGGRKPWRQKGTGRARQGSIRS
PQWRGGGVVFGPTPRSYSYKLPKKVRRLAIKSVLSSKVIDNNIIVLEDLTLDTAKTKEMAAILKGLSVEKKALIVTADAN
EAVALSARNIPGVTVVEANGINVLDVVNHEKLLITKAAVEKVEEVLA
;
E
5 'polypeptide(L)'
;MRTTPMANASTIERKWLVVDAAGKTLGRLSSEVAAILRGKHKPTYTPHVDTGDHVIIINAEKIELTGKKLTDKIYYRHTQ
HPGGLKSRTALEMRTNYPEKMLELAIKGMLPKGSLGRQMFKKLNVYRGSEHPHEAQKPEVYELRG
;
J
6 'polypeptide(L)'
;MIQQETRLKVADNSGAREVLTIKVLGGSGRKTANIGDVIVCTVKQATPGGVVKKGEVVKAVIVRTKSGARRSDGSYISFD
ENACVIIRDDKSPRGTRIFGPVARELRENNFMKIVSLAPEVI
;
K
7 'polypeptide(L)'
;MKLHELKPSEGSRKTRNRVGRGIGSGNGKTAGKGHKGQNARSGGGVRPGFEGGQMPLFQRLPKRGFTNINRKEYAVVNLD
KLNGFAEGTEVTPELLLETGVISKLNAGVKILGNGKLEKKLTVKANKFSASAKEAVEAAGGTAEV
;
L
8 'polypeptide(L)'
;MSYRKLGRTSAQRKAMLRDLTTDLIINERIETTETRAKELRSVVEKMITLGKRGDLHARRQAAAYIRNEVANEENNQDAL
QKLFSDIATRYEERQGGYTRIMKLGPRRGDGAPMAIIELV
;
N
9 'polypeptide(L)'
;MQKLIEDITKEQLRTDLPAFRPGDTLRVHVKVVEGNRERIQIFEGVVIKRRGGGISETFTVRKISYGVGVERTFPVHTPK
IAKIEVVRYGKVRRAKLYYLRELRGKAARIKEIRR
;
P
10 'polypeptide(L)'
;PRVKGGTVTRKRRKKVLKLAKGYFGSKHTLYKVANQQVMKSGNYAFRDRRQKKRDFRKLWITRINAAARMNGLSYSRLMH
GLKLSGIEVNRKMLADLAVNDLTAFNQLADAAKAQLNK
;
Q
11 'polypeptide(L)'
;MYAIIKTGGKQIKVEEGQTVYIEKLAAEAGETVTFEDVLFVGGDNVKVGNPTVEGATVTAKVEKQGRAKKITVFRYKPKK
NVHKKQGHRQPYTKVTIEKINA
;
R
12 'polypeptide(L)'
;MQAKAVARTVRIAPRKARLVMDLIRGKQVGEAVSILNLTPRAASPIIEKVLKSAIANAEHNYEMDANNLVISQAFVDEGP
TLKRFRPRAMGRASQINKRTSHITIVVSEKKEG
;
S
13 'polypeptide(L)'
;MKDPRDVLKRPVITERSADLMTEKKYTFEVDVRANKTEVKDAVESIFGVKVDKVNIMNYKGKSKRVGRYTGMTSRRRKAI
VKLTADSKEIEIFEA
;
T
14 'polypeptide(L)'
;MHVKKGDKVMVISGKDKGKQGTILAAFPKKDRVLVEGVNMVKKHSKPTQANPQGGISNQEAPIHVSNVMPLDPKTGEVTR
VGYKVEDGKKVRVAKKSGQVLDK
;
U
15 'polypeptide(L)' MAVPFRRTSKMKKRLRRTHFKLNVPGMTECPSCGEMKLSHRVCKACGSYNGKDINVKSN b
16 'polypeptide(L)' MKANEIRDLTTAEIEQKVKSLKEELFNLRFQLATGQLENTARIREVRKAIARMKTVIREREIAANK Y
17 'polypeptide(L)' MKRTFQPNNRKRSKVHGFRSRMSSKNGRLVLARRRRKGRKVLSA d
#
loop_
_chem_comp.id
_chem_comp.type
_chem_comp.name
_chem_comp.formula
A RNA linking ADENOSINE-5'-MONOPHOSPHATE 'C10 H14 N5 O7 P'
C RNA linking CYTIDINE-5'-MONOPHOSPHATE 'C9 H14 N3 O8 P'
G RNA linking GUANOSINE-5'-MONOPHOSPHATE 'C10 H14 N5 O8 P'
U RNA linking URIDINE-5'-MONOPHOSPHATE 'C9 H13 N2 O9 P'
#
# COMPACT_ATOMS: atom_id res chain seq x y z
N ALA B 2 69.94 25.66 -37.58
CA ALA B 2 70.50 24.61 -36.73
C ALA B 2 69.42 24.02 -35.83
N ILE B 3 69.77 22.96 -35.12
CA ILE B 3 68.85 22.26 -34.24
C ILE B 3 69.60 21.84 -32.99
N LYS B 4 69.08 22.22 -31.82
CA LYS B 4 69.61 21.78 -30.55
C LYS B 4 68.74 20.67 -29.99
N LYS B 5 69.37 19.69 -29.36
CA LYS B 5 68.66 18.57 -28.79
C LYS B 5 68.29 18.86 -27.33
N TYR B 6 67.57 17.93 -26.73
CA TYR B 6 67.19 18.02 -25.33
C TYR B 6 67.73 16.81 -24.58
N LYS B 7 68.03 17.01 -23.34
CA LYS B 7 68.44 15.87 -22.54
C LYS B 7 67.21 15.07 -22.12
N PRO B 8 67.30 13.75 -22.07
CA PRO B 8 66.14 12.93 -21.66
C PRO B 8 65.85 12.97 -20.16
N THR B 9 65.31 14.08 -19.69
CA THR B 9 64.97 14.21 -18.28
C THR B 9 63.69 13.45 -17.96
N SER B 10 62.62 13.71 -18.70
CA SER B 10 61.37 12.98 -18.58
C SER B 10 61.04 12.35 -19.92
N ASN B 11 60.10 11.41 -19.90
CA ASN B 11 59.80 10.63 -21.08
C ASN B 11 58.91 11.34 -22.08
N GLY B 12 58.58 12.61 -21.86
CA GLY B 12 57.99 13.40 -22.92
C GLY B 12 59.02 14.04 -23.82
N ARG B 13 60.22 14.28 -23.29
CA ARG B 13 61.31 14.92 -24.00
C ARG B 13 62.38 13.93 -24.41
N ARG B 14 61.99 12.76 -24.93
CA ARG B 14 62.95 11.71 -25.20
C ARG B 14 63.79 12.02 -26.43
N GLY B 15 63.17 12.02 -27.60
CA GLY B 15 63.92 12.27 -28.82
C GLY B 15 63.57 13.62 -29.41
N MET B 16 63.15 14.53 -28.54
CA MET B 16 62.60 15.80 -28.96
C MET B 16 63.70 16.76 -29.40
N THR B 17 63.52 17.35 -30.58
CA THR B 17 64.40 18.36 -31.13
C THR B 17 63.63 19.64 -31.33
N THR B 18 64.35 20.76 -31.41
CA THR B 18 63.72 22.03 -31.71
C THR B 18 64.58 22.84 -32.66
N SER B 19 63.99 23.89 -33.21
CA SER B 19 64.72 24.81 -34.05
C SER B 19 65.56 25.74 -33.20
N ASP B 20 66.68 26.17 -33.77
CA ASP B 20 67.62 27.00 -33.03
C ASP B 20 67.11 28.42 -32.84
N PHE B 21 66.26 28.90 -33.76
CA PHE B 21 65.79 30.29 -33.82
C PHE B 21 66.95 31.29 -33.87
N ALA B 22 68.06 30.92 -34.50
CA ALA B 22 69.24 31.78 -34.44
C ALA B 22 69.11 32.97 -35.38
N GLU B 23 68.28 32.87 -36.39
CA GLU B 23 68.23 33.94 -37.37
C GLU B 23 67.39 35.10 -36.89
N ILE B 24 66.37 34.83 -36.10
CA ILE B 24 65.49 35.89 -35.60
C ILE B 24 66.24 36.67 -34.53
N THR B 25 66.44 37.96 -34.77
CA THR B 25 67.09 38.84 -33.80
C THR B 25 66.09 39.55 -32.90
N THR B 26 65.09 40.20 -33.49
CA THR B 26 64.11 40.93 -32.71
C THR B 26 63.08 39.97 -32.13
N ASP B 27 62.14 40.53 -31.37
CA ASP B 27 61.09 39.70 -30.76
C ASP B 27 59.71 40.24 -31.09
N LYS B 28 59.58 41.49 -31.12
CA LYS B 28 58.25 42.06 -31.24
C LYS B 28 57.91 42.37 -32.68
N PRO B 29 56.64 42.27 -33.06
CA PRO B 29 56.22 42.64 -34.41
C PRO B 29 55.83 44.10 -34.47
N GLU B 30 55.72 44.58 -35.71
CA GLU B 30 55.31 45.96 -35.92
C GLU B 30 53.79 46.07 -35.86
N LYS B 31 53.31 47.17 -35.31
CA LYS B 31 51.91 47.28 -34.91
C LYS B 31 50.96 47.54 -36.08
N SER B 32 51.46 48.04 -37.21
CA SER B 32 50.54 48.40 -38.28
C SER B 32 50.40 47.33 -39.34
N LEU B 33 51.34 46.41 -39.43
CA LEU B 33 51.26 45.34 -40.43
C LEU B 33 50.62 44.08 -39.88
N LEU B 34 49.85 44.20 -38.81
CA LEU B 34 49.10 43.08 -38.28
C LEU B 34 47.65 43.18 -38.70
N ALA B 35 46.95 42.06 -38.57
CA ALA B 35 45.54 41.98 -38.92
C ALA B 35 44.99 40.78 -38.18
N PRO B 36 43.72 40.85 -37.76
CA PRO B 36 43.04 39.77 -37.03
C PRO B 36 42.90 38.50 -37.87
N LEU B 37 42.96 37.34 -37.22
CA LEU B 37 42.83 36.06 -37.90
C LEU B 37 42.42 34.96 -36.94
N HIS B 38 41.11 34.77 -36.78
CA HIS B 38 40.59 33.75 -35.88
C HIS B 38 40.75 32.35 -36.47
N LYS B 39 40.71 31.35 -35.60
CA LYS B 39 40.86 29.96 -36.03
C LYS B 39 39.53 29.40 -36.54
N LYS B 40 39.53 28.94 -37.78
CA LYS B 40 38.33 28.37 -38.39
C LYS B 40 37.90 27.09 -37.68
N GLY B 41 38.86 26.25 -37.36
CA GLY B 41 38.59 24.99 -36.68
C GLY B 41 38.03 23.94 -37.61
N GLY B 42 38.38 24.05 -38.89
CA GLY B 42 37.90 23.11 -39.89
C GLY B 42 36.39 23.05 -39.97
N ARG B 43 35.77 24.20 -40.23
CA ARG B 43 34.32 24.28 -40.33
C ARG B 43 33.89 24.70 -41.73
N ASN B 44 32.64 25.12 -41.86
CA ASN B 44 32.10 25.56 -43.14
C ASN B 44 31.03 26.59 -42.87
N ASN B 45 30.69 27.41 -43.88
CA ASN B 45 29.71 28.46 -43.67
C ASN B 45 28.29 27.94 -43.44
N GLN B 46 28.04 26.66 -43.67
CA GLN B 46 26.86 26.04 -43.09
C GLN B 46 27.09 25.71 -41.62
N GLY B 47 28.25 25.14 -41.30
CA GLY B 47 28.55 24.82 -39.92
C GLY B 47 29.10 23.42 -39.74
N LYS B 48 28.91 22.56 -40.72
CA LYS B 48 29.34 21.18 -40.61
C LYS B 48 30.85 21.08 -40.70
N LEU B 49 31.36 19.92 -40.31
CA LEU B 49 32.79 19.67 -40.45
C LEU B 49 33.06 19.11 -41.83
N THR B 50 34.05 19.67 -42.51
CA THR B 50 34.50 19.17 -43.80
C THR B 50 35.90 18.60 -43.72
N VAL B 51 36.86 19.39 -43.30
CA VAL B 51 38.23 18.92 -43.19
C VAL B 51 38.39 18.18 -41.87
N ARG B 52 39.04 17.02 -41.92
CA ARG B 52 39.23 16.23 -40.72
C ARG B 52 40.47 16.71 -39.97
N HIS B 53 40.40 16.59 -38.65
CA HIS B 53 41.49 16.74 -37.68
C HIS B 53 42.24 18.07 -37.84
N GLN B 54 41.53 19.14 -37.50
CA GLN B 54 42.13 20.45 -37.36
C GLN B 54 41.56 21.16 -36.14
N GLY B 55 41.94 22.41 -35.97
CA GLY B 55 41.42 23.25 -34.92
C GLY B 55 42.14 23.06 -33.60
N GLY B 56 41.89 23.99 -32.68
CA GLY B 56 42.36 23.85 -31.32
C GLY B 56 43.79 24.24 -31.08
N GLY B 57 44.33 25.21 -31.80
CA GLY B 57 45.71 25.63 -31.61
C GLY B 57 45.82 26.87 -30.76
N HIS B 58 47.07 27.29 -30.56
CA HIS B 58 47.33 28.55 -29.89
C HIS B 58 46.92 29.69 -30.80
N LYS B 59 46.44 30.78 -30.19
CA LYS B 59 45.93 31.91 -30.96
C LYS B 59 47.05 32.59 -31.72
N ARG B 60 46.78 32.96 -32.95
CA ARG B 60 47.77 33.60 -33.80
C ARG B 60 47.25 34.95 -34.27
N GLN B 61 48.06 35.61 -35.10
CA GLN B 61 47.69 36.91 -35.60
C GLN B 61 48.45 37.16 -36.90
N TYR B 62 47.73 37.65 -37.90
CA TYR B 62 48.18 37.53 -39.28
C TYR B 62 48.94 38.76 -39.73
N ARG B 63 50.14 38.53 -40.25
CA ARG B 63 51.03 39.57 -40.74
C ARG B 63 50.85 39.71 -42.24
N VAL B 64 50.36 40.88 -42.67
CA VAL B 64 50.12 41.10 -44.10
C VAL B 64 51.45 41.21 -44.84
N ILE B 65 51.59 40.41 -45.88
CA ILE B 65 52.80 40.33 -46.66
C ILE B 65 52.43 40.70 -48.09
N ASP B 66 53.21 41.57 -48.71
CA ASP B 66 53.02 41.79 -50.13
C ASP B 66 53.63 40.64 -50.92
N PHE B 67 53.01 40.31 -52.03
CA PHE B 67 53.59 39.40 -52.96
C PHE B 67 53.64 39.99 -54.36
N LYS B 68 52.98 41.12 -54.58
CA LYS B 68 53.13 41.85 -55.82
C LYS B 68 54.55 42.40 -55.95
N ARG B 69 55.06 43.02 -54.87
CA ARG B 69 56.36 43.70 -54.83
C ARG B 69 56.47 44.74 -55.94
N ASP B 70 55.37 45.44 -56.20
CA ASP B 70 55.23 46.23 -57.42
C ASP B 70 56.11 47.47 -57.43
N LYS B 71 56.55 47.94 -56.27
CA LYS B 71 57.40 49.11 -56.23
C LYS B 71 58.80 48.76 -56.69
N ASP B 72 59.30 49.50 -57.69
CA ASP B 72 60.57 49.23 -58.31
C ASP B 72 61.44 50.47 -58.28
N GLY B 73 62.76 50.25 -58.31
CA GLY B 73 63.71 51.33 -58.36
C GLY B 73 63.90 52.08 -57.05
N ILE B 74 63.29 51.62 -55.97
CA ILE B 74 63.43 52.25 -54.67
C ILE B 74 64.37 51.38 -53.84
N PRO B 75 65.47 51.91 -53.35
CA PRO B 75 66.38 51.08 -52.55
C PRO B 75 65.82 50.77 -51.18
N GLY B 76 65.35 49.54 -50.99
CA GLY B 76 64.86 49.11 -49.71
C GLY B 76 65.98 48.79 -48.76
N ARG B 77 65.60 48.52 -47.51
CA ARG B 77 66.59 48.20 -46.50
C ARG B 77 65.97 47.26 -45.48
N VAL B 78 66.60 46.12 -45.25
CA VAL B 78 66.12 45.16 -44.27
C VAL B 78 66.54 45.62 -42.88
N ALA B 79 65.57 45.67 -41.97
CA ALA B 79 65.82 46.07 -40.60
C ALA B 79 66.27 44.89 -39.74
N THR B 80 65.40 43.89 -39.63
CA THR B 80 65.70 42.70 -38.84
C THR B 80 64.79 41.55 -39.22
N VAL B 81 65.18 40.33 -38.86
CA VAL B 81 64.38 39.14 -39.15
C VAL B 81 63.56 38.72 -37.94
N GLU B 82 62.27 38.50 -38.16
CA GLU B 82 61.37 38.09 -37.09
C GLU B 82 60.72 36.75 -37.41
N TYR B 83 59.99 36.21 -36.42
CA TYR B 83 59.32 34.93 -36.59
C TYR B 83 57.83 35.13 -36.85
N ASP B 84 57.26 34.24 -37.67
CA ASP B 84 55.87 34.32 -38.00
C ASP B 84 55.28 32.92 -37.93
N PRO B 85 54.14 32.74 -37.28
CA PRO B 85 53.62 31.39 -37.08
C PRO B 85 52.92 30.79 -38.28
N ASN B 86 52.42 31.60 -39.21
CA ASN B 86 51.61 31.06 -40.30
C ASN B 86 52.42 30.44 -41.42
N ARG B 87 53.74 30.39 -41.29
CA ARG B 87 54.63 29.95 -42.36
C ARG B 87 55.70 29.07 -41.77
N SER B 88 56.57 28.56 -42.62
CA SER B 88 57.74 27.86 -42.13
C SER B 88 59.01 28.67 -42.31
N ALA B 89 58.97 29.75 -43.06
CA ALA B 89 60.14 30.59 -43.26
C ALA B 89 60.08 31.81 -42.36
N ASN B 90 61.25 32.38 -42.08
CA ASN B 90 61.28 33.60 -41.33
C ASN B 90 60.99 34.78 -42.23
N ILE B 91 60.64 35.91 -41.61
CA ILE B 91 60.19 37.09 -42.33
C ILE B 91 61.08 38.26 -41.94
N ALA B 92 61.51 39.02 -42.94
CA ALA B 92 62.32 40.22 -42.73
C ALA B 92 61.46 41.46 -42.86
N LEU B 93 61.78 42.46 -42.05
CA LEU B 93 61.13 43.78 -42.15
C LEU B 93 61.99 44.64 -43.06
N ILE B 94 61.57 44.79 -44.30
CA ILE B 94 62.31 45.57 -45.28
C ILE B 94 61.70 46.96 -45.31
N ASN B 95 62.53 47.97 -45.09
CA ASN B 95 62.10 49.34 -45.02
C ASN B 95 62.58 50.08 -46.26
N TYR B 96 61.69 50.87 -46.85
CA TYR B 96 62.01 51.63 -48.03
C TYR B 96 62.24 53.08 -47.66
N ALA B 97 63.07 53.76 -48.46
CA ALA B 97 63.53 55.10 -48.14
C ALA B 97 62.45 56.16 -48.26
N ASP B 98 61.31 55.85 -48.86
CA ASP B 98 60.24 56.83 -48.90
C ASP B 98 59.50 56.92 -47.58
N GLY B 99 59.40 55.79 -46.89
CA GLY B 99 58.72 55.73 -45.61
C GLY B 99 57.71 54.59 -45.54
N GLU B 100 57.91 53.58 -46.38
CA GLU B 100 57.02 52.43 -46.41
C GLU B 100 57.72 51.17 -45.90
N LYS B 101 57.14 50.57 -44.87
CA LYS B 101 57.70 49.35 -44.28
C LYS B 101 56.80 48.16 -44.52
N ARG B 102 57.30 47.18 -45.26
CA ARG B 102 56.54 45.98 -45.57
C ARG B 102 57.33 44.71 -45.21
N TYR B 103 56.66 43.57 -45.30
CA TYR B 103 57.29 42.29 -44.99
C TYR B 103 57.65 41.52 -46.25
N ILE B 104 58.80 40.85 -46.22
CA ILE B 104 59.26 40.08 -47.37
C ILE B 104 59.67 38.70 -46.88
N LEU B 105 59.22 37.66 -47.58
CA LEU B 105 59.63 36.29 -47.29
C LEU B 105 61.13 36.16 -47.41
N ALA B 106 61.78 35.94 -46.29
CA ALA B 106 63.22 36.09 -46.20
C ALA B 106 63.92 34.86 -46.77
N PRO B 107 64.70 34.98 -47.81
CA PRO B 107 65.58 33.89 -48.24
C PRO B 107 66.78 33.83 -47.31
N LYS B 108 67.60 32.80 -47.50
CA LYS B 108 68.76 32.66 -46.64
C LYS B 108 69.82 33.69 -47.00
N GLY B 109 70.72 33.94 -46.04
CA GLY B 109 71.90 34.73 -46.29
C GLY B 109 71.75 36.22 -46.11
N ILE B 110 70.53 36.74 -46.03
CA ILE B 110 70.36 38.18 -45.84
C ILE B 110 70.65 38.53 -44.39
N GLN B 111 71.24 39.70 -44.19
CA GLN B 111 71.69 40.10 -42.87
C GLN B 111 71.05 41.41 -42.47
N VAL B 112 71.55 42.02 -41.42
CA VAL B 112 71.03 43.31 -40.98
C VAL B 112 71.61 44.41 -41.88
N GLY B 113 70.75 45.33 -42.29
CA GLY B 113 71.20 46.52 -42.98
C GLY B 113 71.61 46.34 -44.42
N THR B 114 71.35 45.18 -45.02
CA THR B 114 71.71 45.01 -46.42
C THR B 114 70.67 45.69 -47.31
N GLU B 115 71.00 45.79 -48.59
CA GLU B 115 70.19 46.55 -49.53
C GLU B 115 69.34 45.62 -50.38
N ILE B 116 68.27 46.18 -50.95
CA ILE B 116 67.36 45.41 -51.79
C ILE B 116 66.80 46.27 -52.92
N MET B 117 67.09 45.90 -54.16
CA MET B 117 66.61 46.64 -55.32
C MET B 117 65.53 45.85 -56.05
N SER B 118 64.31 46.39 -56.03
CA SER B 118 63.18 45.75 -56.70
C SER B 118 62.91 46.38 -58.06
N GLY B 119 63.62 45.90 -59.09
CA GLY B 119 63.46 46.42 -60.43
C GLY B 119 64.07 45.52 -61.49
N PRO B 120 63.79 45.80 -62.76
CA PRO B 120 64.31 45.02 -63.88
C PRO B 120 65.77 45.35 -64.16
N GLU B 121 66.28 46.42 -63.56
CA GLU B 121 67.66 46.84 -63.75
C GLU B 121 68.55 46.37 -62.60
N ALA B 122 67.95 45.69 -61.64
CA ALA B 122 68.70 45.19 -60.48
C ALA B 122 69.62 44.06 -60.91
N ASP B 123 70.62 43.82 -60.08
CA ASP B 123 71.64 42.82 -60.38
C ASP B 123 71.16 41.45 -59.88
N ILE B 124 72.07 40.48 -59.85
CA ILE B 124 71.71 39.12 -59.47
C ILE B 124 72.27 38.88 -58.07
N LYS B 125 72.33 39.93 -57.27
CA LYS B 125 72.53 39.80 -55.84
C LYS B 125 71.32 39.08 -55.22
N VAL B 126 71.55 38.44 -54.07
CA VAL B 126 70.52 37.62 -53.45
C VAL B 126 69.42 38.51 -52.88
N GLY B 127 68.18 37.98 -52.89
CA GLY B 127 67.06 38.65 -52.30
C GLY B 127 66.31 39.58 -53.22
N ASN B 128 66.92 40.02 -54.31
CA ASN B 128 66.27 40.97 -55.20
C ASN B 128 65.17 40.29 -56.00
N ALA B 129 64.21 41.09 -56.43
CA ALA B 129 63.11 40.61 -57.26
C ALA B 129 63.16 41.31 -58.60
N LEU B 130 62.93 40.56 -59.67
CA LEU B 130 62.99 41.10 -61.03
C LEU B 130 62.19 40.17 -61.92
N PRO B 131 61.65 40.67 -63.03
CA PRO B 131 60.79 39.82 -63.87
C PRO B 131 61.56 38.71 -64.57
N LEU B 132 60.77 37.78 -65.12
CA LEU B 132 61.30 36.49 -65.55
C LEU B 132 62.18 36.58 -66.78
N ILE B 133 61.93 37.57 -67.63
CA ILE B 133 62.65 37.70 -68.89
C ILE B 133 64.11 38.07 -68.64
N ASN B 134 64.38 38.74 -67.53
CA ASN B 134 65.69 39.30 -67.29
C ASN B 134 66.62 38.36 -66.54
N ILE B 135 66.24 37.09 -66.39
CA ILE B 135 67.01 36.14 -65.59
C ILE B 135 67.95 35.34 -66.48
N PRO B 136 69.21 35.15 -66.09
CA PRO B 136 70.06 34.20 -66.80
C PRO B 136 69.66 32.77 -66.49
N VAL B 137 70.22 31.85 -67.25
CA VAL B 137 69.88 30.44 -67.09
C VAL B 137 70.64 29.87 -65.89
N GLY B 138 69.96 29.01 -65.13
CA GLY B 138 70.63 28.17 -64.16
C GLY B 138 70.57 28.64 -62.73
N THR B 139 70.04 29.82 -62.47
CA THR B 139 70.03 30.34 -61.11
C THR B 139 68.78 29.86 -60.36
N VAL B 140 68.91 29.79 -59.04
CA VAL B 140 67.80 29.40 -58.19
C VAL B 140 66.83 30.55 -58.06
N VAL B 141 65.57 30.23 -57.79
CA VAL B 141 64.50 31.23 -57.78
C VAL B 141 63.37 30.68 -56.93
N HIS B 142 62.55 31.58 -56.37
CA HIS B 142 61.40 31.20 -55.57
C HIS B 142 60.37 32.31 -55.64
N ASN B 143 59.16 31.98 -55.18
CA ASN B 143 58.00 32.88 -55.14
C ASN B 143 57.67 33.40 -56.55
N ILE B 144 57.24 32.46 -57.38
CA ILE B 144 57.06 32.70 -58.80
C ILE B 144 55.58 32.88 -59.10
N GLU B 145 55.24 33.97 -59.79
CA GLU B 145 53.86 34.23 -60.16
C GLU B 145 53.39 33.25 -61.23
N LEU B 146 52.09 33.29 -61.52
CA LEU B 146 51.53 32.67 -62.71
C LEU B 146 50.87 33.68 -63.63
N LYS B 147 49.96 34.49 -63.12
CA LYS B 147 49.49 35.59 -63.94
C LYS B 147 50.18 36.87 -63.51
N PRO B 148 50.49 37.77 -64.44
CA PRO B 148 51.18 39.02 -64.06
C PRO B 148 50.25 39.93 -63.29
N GLY B 149 50.63 40.20 -62.03
CA GLY B 149 49.84 41.05 -61.16
C GLY B 149 49.01 40.27 -60.16
N LYS B 150 49.55 39.18 -59.62
CA LYS B 150 48.81 38.39 -58.65
C LYS B 150 49.63 37.88 -57.48
N GLY B 151 50.95 37.91 -57.55
CA GLY B 151 51.74 37.39 -56.43
C GLY B 151 52.05 35.92 -56.58
N GLY B 152 53.22 35.54 -56.10
CA GLY B 152 53.73 34.22 -56.39
C GLY B 152 53.03 33.08 -55.68
N GLN B 153 52.25 32.30 -56.41
CA GLN B 153 51.63 31.13 -55.82
C GLN B 153 52.57 29.94 -55.73
N LEU B 154 53.69 29.98 -56.43
CA LEU B 154 54.65 28.89 -56.44
C LEU B 154 55.57 28.95 -55.24
N VAL B 155 56.74 28.31 -55.36
CA VAL B 155 57.63 27.87 -54.30
C VAL B 155 57.89 28.91 -53.23
N ARG B 156 57.47 28.62 -52.01
CA ARG B 156 57.50 29.59 -50.91
C ARG B 156 58.16 29.08 -49.65
N SER B 157 57.93 27.82 -49.29
CA SER B 157 58.17 27.38 -47.92
C SER B 157 59.65 27.12 -47.65
N ALA B 158 59.93 26.70 -46.42
CA ALA B 158 61.27 26.73 -45.89
C ALA B 158 62.12 25.62 -46.48
N GLY B 159 63.38 25.95 -46.77
CA GLY B 159 64.31 25.02 -47.35
C GLY B 159 64.13 24.75 -48.82
N THR B 160 63.13 25.35 -49.45
CA THR B 160 62.76 25.00 -50.80
C THR B 160 63.41 25.95 -51.81
N SER B 161 63.34 25.55 -53.07
CA SER B 161 64.03 26.24 -54.16
C SER B 161 63.41 25.80 -55.47
N ALA B 162 63.68 26.58 -56.51
CA ALA B 162 63.35 26.20 -57.86
C ALA B 162 64.49 26.68 -58.74
N GLN B 163 65.01 25.80 -59.58
CA GLN B 163 66.09 26.14 -60.48
C GLN B 163 65.55 26.24 -61.90
N VAL B 164 65.80 27.36 -62.56
CA VAL B 164 65.34 27.59 -63.92
C VAL B 164 66.38 27.14 -64.94
N LEU B 165 65.97 26.28 -65.87
CA LEU B 165 66.87 25.79 -66.91
C LEU B 165 67.17 26.87 -67.94
N GLY B 166 66.16 27.19 -68.76
CA GLY B 166 66.32 28.20 -69.79
C GLY B 166 65.02 28.93 -70.08
N LYS B 167 64.95 29.58 -71.23
CA LYS B 167 63.75 30.32 -71.62
C LYS B 167 63.66 30.45 -73.14
N GLU B 168 62.43 30.54 -73.64
CA GLU B 168 62.20 30.66 -75.07
C GLU B 168 61.03 31.60 -75.37
N GLY B 169 61.30 32.67 -76.10
CA GLY B 169 60.28 33.64 -76.45
C GLY B 169 59.51 34.16 -75.24
N LYS B 170 58.27 33.74 -75.11
CA LYS B 170 57.43 34.16 -73.99
C LYS B 170 57.09 33.00 -73.07
N TYR B 171 57.56 31.80 -73.43
CA TYR B 171 57.31 30.61 -72.63
C TYR B 171 58.58 30.14 -71.93
N VAL B 172 58.79 30.64 -70.71
CA VAL B 172 59.96 30.28 -69.93
C VAL B 172 59.73 29.02 -69.10
N LEU B 173 60.12 27.87 -69.65
CA LEU B 173 59.96 26.60 -68.97
C LEU B 173 60.95 26.47 -67.83
N VAL B 174 60.45 26.22 -66.63
CA VAL B 174 61.30 26.07 -65.45
C VAL B 174 60.91 24.87 -64.60
N ARG B 175 61.90 24.29 -63.92
CA ARG B 175 61.68 23.15 -63.06
C ARG B 175 61.28 23.62 -61.67
N LEU B 176 60.17 23.09 -61.15
CA LEU B 176 59.68 23.48 -59.83
C LEU B 176 60.40 22.69 -58.75
N ASN B 177 59.88 22.76 -57.54
CA ASN B 177 60.13 21.68 -56.61
C ASN B 177 59.33 20.46 -57.03
N SER B 178 59.73 19.30 -56.51
CA SER B 178 59.18 17.98 -56.86
C SER B 178 59.31 17.65 -58.35
N GLY B 179 60.27 18.26 -59.03
CA GLY B 179 60.70 17.78 -60.33
C GLY B 179 59.78 18.01 -61.51
N GLU B 180 58.65 18.69 -61.34
CA GLU B 180 57.85 19.02 -62.51
C GLU B 180 58.52 20.12 -63.32
N VAL B 181 58.17 20.18 -64.60
CA VAL B 181 58.64 21.22 -65.50
C VAL B 181 57.43 21.91 -66.09
N ARG B 182 57.24 23.18 -65.77
CA ARG B 182 56.08 23.93 -66.20
C ARG B 182 56.52 25.09 -67.06
N MET B 183 55.89 25.22 -68.23
CA MET B 183 56.10 26.41 -69.05
C MET B 183 55.40 27.57 -68.38
N ILE B 184 56.18 28.59 -68.00
CA ILE B 184 55.67 29.73 -67.25
C ILE B 184 55.67 30.95 -68.14
N LEU B 185 54.55 31.67 -68.15
CA LEU B 185 54.42 32.91 -68.91
C LEU B 185 55.46 33.92 -68.49
N SER B 186 56.10 34.55 -69.47
CA SER B 186 57.36 35.25 -69.24
C SER B 186 57.19 36.60 -68.58
N ALA B 187 56.01 37.20 -68.63
CA ALA B 187 55.81 38.58 -68.17
C ALA B 187 55.48 38.66 -66.68
N CYS B 188 55.89 37.70 -65.88
CA CYS B 188 55.58 37.67 -64.47
C CYS B 188 56.80 38.09 -63.65
N ARG B 189 56.71 37.94 -62.33
CA ARG B 189 57.78 38.32 -61.42
C ARG B 189 58.18 37.14 -60.54
N ALA B 190 59.43 37.15 -60.11
CA ALA B 190 59.99 36.11 -59.25
C ALA B 190 61.15 36.70 -58.48
N SER B 191 61.94 35.85 -57.83
CA SER B 191 62.85 36.35 -56.79
C SER B 191 64.04 35.42 -56.60
N ILE B 192 65.23 36.01 -56.55
CA ILE B 192 66.48 35.26 -56.53
C ILE B 192 66.71 34.67 -55.14
N GLY B 193 67.02 33.37 -55.09
CA GLY B 193 67.49 32.77 -53.87
C GLY B 193 66.64 31.59 -53.46
N GLN B 194 67.18 30.68 -52.68
CA GLN B 194 66.33 29.68 -52.05
C GLN B 194 65.84 30.23 -50.73
N VAL B 195 64.69 29.72 -50.30
CA VAL B 195 64.07 30.24 -49.10
C VAL B 195 64.81 29.74 -47.88
N GLY B 196 64.99 30.59 -46.88
CA GLY B 196 65.72 30.22 -45.68
C GLY B 196 65.08 29.18 -44.80
N ASN B 197 65.63 29.03 -43.58
CA ASN B 197 65.19 28.06 -42.57
C ASN B 197 65.25 26.63 -43.12
N GLU B 198 66.47 26.21 -43.47
CA GLU B 198 66.67 24.96 -44.18
C GLU B 198 66.46 23.74 -43.30
N GLN B 199 66.66 23.85 -41.99
CA GLN B 199 66.53 22.71 -41.10
C GLN B 199 65.12 22.53 -40.58
N HIS B 200 64.12 23.02 -41.31
CA HIS B 200 62.74 22.77 -40.96
C HIS B 200 62.31 21.33 -41.24
N GLU B 201 63.09 20.60 -42.04
CA GLU B 201 62.74 19.21 -42.31
C GLU B 201 63.08 18.32 -41.12
N LEU B 202 64.25 18.51 -40.53
CA LEU B 202 64.75 17.62 -39.49
C LEU B 202 64.17 17.91 -38.11
N ILE B 203 63.11 18.70 -38.03
CA ILE B 203 62.45 18.97 -36.76
C ILE B 203 61.65 17.75 -36.35
N ASN B 204 61.95 17.22 -35.17
CA ASN B 204 61.15 16.16 -34.57
C ASN B 204 60.25 16.80 -33.51
N ILE B 205 59.02 16.33 -33.43
CA ILE B 205 58.07 16.95 -32.51
C ILE B 205 58.32 16.49 -31.08
N GLY B 206 58.40 15.19 -30.85
CA GLY B 206 58.80 14.68 -29.56
C GLY B 206 57.72 14.05 -28.71
N LYS B 207 56.55 14.69 -28.64
CA LYS B 207 55.47 14.19 -27.80
C LYS B 207 54.16 14.51 -28.47
N ALA B 208 53.07 14.05 -27.88
CA ALA B 208 51.77 14.32 -28.46
C ALA B 208 51.27 15.72 -28.17
N GLY B 209 52.05 16.49 -27.41
CA GLY B 209 51.68 17.85 -27.06
C GLY B 209 52.04 18.84 -28.15
N ARG B 210 53.09 18.53 -28.89
CA ARG B 210 53.55 19.40 -29.97
C ARG B 210 52.55 19.40 -31.13
N SER B 211 51.91 18.26 -31.35
CA SER B 211 50.92 18.13 -32.41
C SER B 211 49.63 18.86 -32.04
N ARG B 212 49.32 18.87 -30.75
CA ARG B 212 48.10 19.54 -30.27
C ARG B 212 48.28 21.05 -30.27
N TRP B 213 49.53 21.49 -30.15
CA TRP B 213 49.83 22.92 -30.13
C TRP B 213 49.81 23.50 -31.54
N LYS B 214 50.00 22.63 -32.54
CA LYS B 214 50.00 23.07 -33.93
C LYS B 214 48.65 22.80 -34.60
N GLY B 215 47.60 22.69 -33.80
CA GLY B 215 46.26 22.52 -34.31
C GLY B 215 46.10 21.29 -35.18
N ILE B 216 46.56 20.15 -34.67
CA ILE B 216 46.47 18.89 -35.41
C ILE B 216 45.69 17.85 -34.62
N ARG B 217 44.38 17.82 -34.83
CA ARG B 217 43.51 16.89 -34.12
C ARG B 217 43.89 15.44 -34.40
N PRO B 218 44.21 14.69 -33.33
CA PRO B 218 44.60 13.28 -33.42
C PRO B 218 43.59 12.48 -34.24
N THR B 219 44.06 11.84 -35.30
CA THR B 219 43.20 11.05 -36.15
C THR B 219 42.76 9.79 -35.44
N VAL B 220 41.84 9.08 -36.06
CA VAL B 220 41.43 7.75 -35.63
C VAL B 220 41.65 6.80 -36.79
N ARG B 221 42.14 5.59 -36.48
CA ARG B 221 42.49 4.63 -37.53
C ARG B 221 41.24 4.14 -38.25
N LYS C 3 20.45 -41.53 51.19
CA LYS C 3 20.48 -40.36 52.05
C LYS C 3 20.61 -39.08 51.23
N GLY C 4 20.18 -37.96 51.80
CA GLY C 4 20.26 -36.68 51.11
C GLY C 4 19.76 -35.54 51.97
N ILE C 5 20.14 -34.32 51.59
CA ILE C 5 19.73 -33.13 52.34
C ILE C 5 19.38 -31.99 51.38
N LEU C 6 19.28 -30.78 51.92
CA LEU C 6 18.97 -29.60 51.12
C LEU C 6 19.70 -28.37 51.62
N GLY C 7 19.24 -27.19 51.21
CA GLY C 7 19.85 -25.94 51.61
C GLY C 7 20.41 -25.17 50.43
N ARG C 8 20.45 -23.85 50.55
CA ARG C 8 20.96 -23.01 49.49
C ARG C 8 22.48 -22.96 49.55
N LYS C 9 23.10 -22.48 48.49
CA LYS C 9 24.55 -22.37 48.45
C LYS C 9 24.96 -20.91 48.48
N ILE C 10 26.21 -20.66 48.88
CA ILE C 10 26.67 -19.30 49.09
C ILE C 10 27.74 -18.89 48.08
N GLY C 11 28.60 -19.79 47.64
CA GLY C 11 29.47 -19.48 46.52
C GLY C 11 30.83 -20.13 46.61
N MET C 12 31.47 -20.28 45.46
CA MET C 12 32.66 -21.09 45.38
C MET C 12 33.86 -20.41 45.99
N THR C 13 34.81 -21.22 46.45
CA THR C 13 36.08 -20.76 47.01
C THR C 13 37.06 -21.92 46.90
N GLN C 14 38.34 -21.63 47.02
CA GLN C 14 39.37 -22.65 47.06
C GLN C 14 39.65 -23.05 48.50
N VAL C 15 39.69 -24.35 48.77
CA VAL C 15 40.26 -24.87 50.00
C VAL C 15 41.09 -26.07 49.64
N PHE C 16 42.40 -26.02 49.90
CA PHE C 16 43.25 -27.14 49.58
C PHE C 16 43.63 -27.87 50.86
N ALA C 17 43.58 -29.20 50.80
CA ALA C 17 43.64 -30.06 51.98
C ALA C 17 44.89 -30.92 51.91
N GLU C 18 45.78 -30.74 52.90
CA GLU C 18 46.91 -31.57 53.32
C GLU C 18 47.99 -31.84 52.27
N ASN C 19 47.80 -31.39 51.04
CA ASN C 19 48.82 -31.47 50.01
C ASN C 19 48.77 -30.17 49.22
N GLY C 20 49.45 -30.16 48.08
CA GLY C 20 49.27 -29.08 47.14
C GLY C 20 48.00 -29.15 46.34
N ASP C 21 47.16 -30.14 46.57
CA ASP C 21 45.99 -30.42 45.75
C ASP C 21 44.96 -29.32 45.92
N LEU C 22 45.05 -28.30 45.08
CA LEU C 22 44.12 -27.19 45.17
C LEU C 22 42.78 -27.63 44.62
N ILE C 23 41.73 -27.32 45.35
CA ILE C 23 40.43 -27.92 45.09
C ILE C 23 39.38 -26.82 45.06
N PRO C 24 38.68 -26.64 43.96
CA PRO C 24 37.52 -25.76 43.95
C PRO C 24 36.43 -26.34 44.84
N VAL C 25 35.86 -25.49 45.68
CA VAL C 25 35.00 -25.92 46.78
C VAL C 25 33.77 -25.02 46.82
N THR C 26 32.60 -25.60 46.69
CA THR C 26 31.36 -24.90 46.95
C THR C 26 30.99 -25.10 48.41
N VAL C 27 30.17 -24.19 48.93
CA VAL C 27 29.73 -24.27 50.32
C VAL C 27 28.21 -24.29 50.42
N ILE C 28 27.67 -25.39 50.93
CA ILE C 28 26.22 -25.54 51.07
C ILE C 28 25.80 -25.52 52.54
N GLU C 29 25.26 -24.39 52.98
CA GLU C 29 24.82 -24.25 54.37
C GLU C 29 23.52 -25.02 54.60
N ALA C 30 23.63 -26.33 54.83
CA ALA C 30 22.48 -27.17 55.06
C ALA C 30 21.82 -26.85 56.40
N ALA C 31 20.61 -26.29 56.35
CA ALA C 31 19.88 -25.94 57.55
C ALA C 31 19.16 -27.16 58.12
N PRO C 32 18.91 -27.15 59.44
CA PRO C 32 18.22 -28.26 60.12
C PRO C 32 16.92 -28.63 59.43
N ASN C 33 16.96 -29.67 58.61
CA ASN C 33 15.77 -30.13 57.89
C ASN C 33 14.70 -30.68 58.84
N VAL C 34 13.44 -30.57 58.43
CA VAL C 34 12.34 -31.06 59.24
C VAL C 34 11.28 -31.77 58.42
N VAL C 35 11.29 -33.10 58.49
CA VAL C 35 10.32 -33.91 57.76
C VAL C 35 8.92 -33.41 58.03
N LEU C 36 8.14 -33.20 56.97
CA LEU C 36 6.81 -32.65 57.13
C LEU C 36 5.70 -33.61 56.79
N GLN C 37 5.99 -34.69 56.09
CA GLN C 37 4.99 -35.69 55.81
C GLN C 37 5.70 -37.00 55.55
N LYS C 38 4.98 -38.09 55.70
CA LYS C 38 5.51 -39.43 55.44
C LYS C 38 4.57 -40.11 54.48
N LYS C 39 5.11 -40.60 53.37
CA LYS C 39 4.31 -41.21 52.33
C LYS C 39 4.38 -42.73 52.43
N THR C 40 3.23 -43.38 52.40
CA THR C 40 3.16 -44.83 52.48
C THR C 40 2.55 -45.37 51.21
N ALA C 41 2.91 -46.62 50.90
CA ALA C 41 2.40 -47.27 49.71
C ALA C 41 0.91 -47.57 49.80
N GLU C 42 0.36 -47.65 51.01
CA GLU C 42 -1.05 -47.94 51.14
C GLU C 42 -1.92 -46.75 50.78
N ASN C 43 -1.37 -45.55 50.76
CA ASN C 43 -2.22 -44.37 50.70
C ASN C 43 -1.77 -43.45 49.59
N ASP C 44 -0.52 -43.56 49.19
CA ASP C 44 0.03 -42.68 48.18
C ASP C 44 0.47 -43.41 46.93
N GLY C 45 1.06 -44.59 47.08
CA GLY C 45 1.59 -45.30 45.93
C GLY C 45 3.09 -45.44 45.95
N TYR C 46 3.76 -44.88 46.95
CA TYR C 46 5.21 -44.99 47.07
C TYR C 46 5.58 -44.60 48.50
N GLU C 47 6.86 -44.77 48.82
CA GLU C 47 7.37 -44.39 50.12
C GLU C 47 8.28 -43.18 49.93
N ALA C 48 7.93 -42.08 50.58
CA ALA C 48 8.67 -40.86 50.38
C ALA C 48 8.57 -39.99 51.62
N ILE C 49 9.47 -39.01 51.67
CA ILE C 49 9.58 -38.07 52.76
C ILE C 49 9.49 -36.68 52.16
N GLN C 50 8.51 -35.90 52.57
CA GLN C 50 8.38 -34.53 52.09
C GLN C 50 9.09 -33.61 53.06
N LEU C 51 10.20 -33.05 52.65
CA LEU C 51 11.04 -32.30 53.56
C LEU C 51 10.65 -30.83 53.64
N GLY C 52 11.26 -30.12 54.56
CA GLY C 52 11.03 -28.70 54.73
C GLY C 52 12.26 -28.06 55.31
N PHE C 53 12.44 -26.77 55.03
CA PHE C 53 13.72 -26.12 55.33
C PHE C 53 13.57 -24.61 55.33
N ASP C 54 14.23 -23.96 56.30
CA ASP C 54 14.44 -22.50 56.36
C ASP C 54 13.11 -21.73 56.45
N ASP C 55 12.51 -21.81 57.62
CA ASP C 55 11.22 -21.16 57.85
C ASP C 55 11.30 -19.65 57.70
N LYS C 56 10.16 -19.06 57.39
CA LYS C 56 10.01 -17.65 57.12
C LYS C 56 9.23 -16.99 58.24
N ARG C 57 8.98 -15.70 58.10
CA ARG C 57 8.20 -15.04 59.12
C ARG C 57 6.71 -15.22 58.86
N GLU C 58 5.93 -15.08 59.92
CA GLU C 58 4.53 -15.49 59.96
C GLU C 58 3.61 -14.63 59.10
N LYS C 59 4.06 -13.46 58.65
CA LYS C 59 3.24 -12.68 57.75
C LYS C 59 3.16 -13.31 56.38
N LEU C 60 4.19 -14.06 56.00
CA LEU C 60 4.32 -14.56 54.65
C LEU C 60 3.68 -15.92 54.43
N SER C 61 3.04 -16.49 55.44
CA SER C 61 2.47 -17.81 55.31
C SER C 61 0.97 -17.73 55.10
N ASN C 62 0.45 -18.63 54.28
CA ASN C 62 -0.98 -18.75 54.13
C ASN C 62 -1.58 -19.42 55.37
N LYS C 63 -2.90 -19.37 55.46
CA LYS C 63 -3.57 -20.23 56.43
C LYS C 63 -3.41 -21.71 56.14
N PRO C 64 -3.61 -22.22 54.90
CA PRO C 64 -3.40 -23.66 54.70
C PRO C 64 -1.96 -24.07 54.78
N GLU C 65 -1.02 -23.18 54.56
CA GLU C 65 0.37 -23.58 54.75
C GLU C 65 0.74 -23.67 56.22
N LYS C 66 -0.01 -22.98 57.09
CA LYS C 66 0.24 -23.14 58.52
C LYS C 66 -0.25 -24.48 59.02
N GLY C 67 -1.44 -24.88 58.59
CA GLY C 67 -2.01 -26.12 59.08
C GLY C 67 -1.30 -27.36 58.59
N HIS C 68 -0.62 -27.27 57.45
CA HIS C 68 0.09 -28.43 56.94
C HIS C 68 1.31 -28.74 57.78
N VAL C 69 1.95 -27.71 58.35
CA VAL C 69 3.13 -27.94 59.16
C VAL C 69 2.78 -28.08 60.63
N ALA C 70 1.50 -28.03 60.99
CA ALA C 70 1.11 -28.10 62.39
C ALA C 70 1.34 -29.48 62.98
N LYS C 71 1.52 -30.51 62.17
CA LYS C 71 1.78 -31.85 62.65
C LYS C 71 3.27 -32.14 62.82
N ALA C 72 4.10 -31.12 62.90
CA ALA C 72 5.47 -31.28 63.33
C ALA C 72 5.94 -30.16 64.23
N GLU C 73 5.05 -29.21 64.57
CA GLU C 73 5.27 -28.15 65.56
C GLU C 73 6.47 -27.27 65.21
N THR C 74 6.41 -26.65 64.04
CA THR C 74 7.47 -25.78 63.58
C THR C 74 6.84 -24.61 62.84
N ALA C 75 7.51 -23.46 62.91
CA ALA C 75 7.17 -22.30 62.10
C ALA C 75 7.22 -22.68 60.61
N PRO C 76 6.36 -22.09 59.78
CA PRO C 76 6.16 -22.62 58.42
C PRO C 76 7.39 -22.48 57.54
N LYS C 77 7.84 -23.61 57.01
CA LYS C 77 9.07 -23.64 56.24
C LYS C 77 8.81 -23.16 54.82
N ARG C 78 9.83 -22.52 54.25
CA ARG C 78 9.67 -21.90 52.94
C ARG C 78 9.94 -22.87 51.82
N PHE C 79 11.05 -23.58 51.88
CA PHE C 79 11.40 -24.56 50.87
C PHE C 79 10.86 -25.92 51.29
N VAL C 80 10.29 -26.64 50.33
CA VAL C 80 9.77 -27.98 50.54
C VAL C 80 10.10 -28.79 49.29
N LYS C 81 10.86 -29.87 49.45
CA LYS C 81 11.05 -30.82 48.36
C LYS C 81 10.87 -32.23 48.91
N GLU C 82 11.15 -33.21 48.07
CA GLU C 82 11.04 -34.62 48.46
C GLU C 82 12.32 -35.39 48.20
N LEU C 83 12.31 -36.67 48.52
CA LEU C 83 13.48 -37.53 48.33
C LEU C 83 13.09 -38.99 48.33
N ARG C 84 13.76 -39.80 47.50
CA ARG C 84 13.48 -41.22 47.41
C ARG C 84 14.76 -41.94 47.81
N GLY C 85 14.67 -43.25 47.98
CA GLY C 85 15.82 -44.06 48.37
C GLY C 85 16.08 -44.01 49.86
N VAL C 86 15.02 -44.12 50.65
CA VAL C 86 15.13 -44.10 52.10
C VAL C 86 15.05 -45.51 52.67
N GLU C 87 15.99 -45.84 53.55
CA GLU C 87 16.03 -47.17 54.16
C GLU C 87 14.82 -47.42 55.05
N MET C 88 13.74 -47.89 54.43
CA MET C 88 12.50 -48.19 55.15
C MET C 88 12.04 -47.05 56.05
N ASP C 89 12.17 -47.25 57.37
CA ASP C 89 11.70 -46.28 58.34
C ASP C 89 12.75 -45.22 58.65
N ALA C 90 13.08 -45.09 59.93
CA ALA C 90 14.07 -44.12 60.40
C ALA C 90 13.83 -42.72 59.85
N TYR C 91 12.59 -42.25 59.95
CA TYR C 91 12.21 -40.93 59.46
C TYR C 91 10.91 -40.48 60.08
N GLU C 92 10.81 -40.59 61.40
CA GLU C 92 9.61 -40.20 62.12
C GLU C 92 9.21 -38.76 61.80
N VAL C 93 7.91 -38.55 61.56
CA VAL C 93 7.39 -37.22 61.23
C VAL C 93 7.82 -36.19 62.28
N GLY C 94 8.53 -35.17 61.83
CA GLY C 94 8.99 -34.13 62.71
C GLY C 94 10.38 -34.31 63.25
N GLN C 95 11.21 -35.13 62.62
CA GLN C 95 12.60 -35.22 63.05
C GLN C 95 13.38 -34.01 62.56
N GLU C 96 14.66 -34.00 62.87
CA GLU C 96 15.56 -32.96 62.40
C GLU C 96 16.72 -33.68 61.75
N VAL C 97 16.58 -33.96 60.46
CA VAL C 97 17.70 -34.51 59.74
C VAL C 97 18.71 -33.40 59.47
N LYS C 98 19.94 -33.62 59.91
CA LYS C 98 20.95 -32.57 59.85
C LYS C 98 22.17 -33.06 59.09
N VAL C 99 23.25 -32.29 59.19
CA VAL C 99 24.43 -32.50 58.35
C VAL C 99 25.24 -33.71 58.77
N GLU C 100 24.90 -34.34 59.90
CA GLU C 100 25.65 -35.48 60.40
C GLU C 100 25.53 -36.73 59.52
N ILE C 101 24.55 -36.77 58.61
CA ILE C 101 24.34 -37.96 57.80
C ILE C 101 25.31 -38.09 56.63
N PHE C 102 26.28 -37.20 56.52
CA PHE C 102 27.38 -37.37 55.58
C PHE C 102 28.70 -37.29 56.34
N SER C 103 29.68 -38.05 55.87
CA SER C 103 31.05 -38.00 56.35
C SER C 103 31.90 -37.22 55.33
N ALA C 104 33.22 -37.30 55.48
CA ALA C 104 34.12 -36.64 54.56
C ALA C 104 34.51 -37.52 53.37
N GLY C 105 33.65 -38.45 52.96
CA GLY C 105 34.01 -39.28 51.82
C GLY C 105 32.91 -39.74 50.88
N GLU C 106 31.69 -39.22 51.01
CA GLU C 106 30.59 -39.79 50.25
C GLU C 106 30.49 -39.18 48.87
N ILE C 107 30.35 -40.05 47.87
CA ILE C 107 30.05 -39.62 46.52
C ILE C 107 28.56 -39.31 46.43
N VAL C 108 28.23 -38.10 45.99
CA VAL C 108 26.96 -37.48 46.30
C VAL C 108 26.39 -36.82 45.05
N ASP C 109 25.11 -37.07 44.77
CA ASP C 109 24.38 -36.39 43.70
C ASP C 109 24.11 -34.96 44.09
N VAL C 110 24.07 -34.07 43.10
CA VAL C 110 23.59 -32.70 43.30
C VAL C 110 22.64 -32.35 42.17
N THR C 111 21.43 -31.94 42.51
CA THR C 111 20.45 -31.47 41.55
C THR C 111 20.34 -29.96 41.72
N GLY C 112 19.40 -29.33 41.03
CA GLY C 112 19.14 -27.91 41.18
C GLY C 112 19.17 -27.21 39.84
N VAL C 113 18.47 -26.08 39.78
CA VAL C 113 18.31 -25.36 38.52
C VAL C 113 19.61 -24.67 38.13
N SER C 114 19.71 -24.27 36.88
CA SER C 114 20.86 -23.51 36.44
C SER C 114 20.58 -22.03 36.56
N LYS C 115 21.42 -21.22 35.91
CA LYS C 115 21.18 -19.80 35.83
C LYS C 115 20.12 -19.52 34.77
N GLY C 116 19.73 -18.26 34.67
CA GLY C 116 18.92 -17.82 33.57
C GLY C 116 19.83 -17.23 32.51
N LYS C 117 19.38 -17.28 31.27
CA LYS C 117 20.15 -16.72 30.17
C LYS C 117 19.30 -15.87 29.24
N GLY C 118 18.00 -15.85 29.40
CA GLY C 118 17.19 -15.07 28.51
C GLY C 118 17.13 -15.72 27.14
N PHE C 119 16.87 -14.90 26.14
CA PHE C 119 16.91 -15.34 24.76
C PHE C 119 18.34 -15.58 24.34
N GLN C 120 18.62 -16.74 23.77
CA GLN C 120 19.97 -17.03 23.31
C GLN C 120 19.88 -17.70 21.96
N GLY C 121 20.96 -17.56 21.20
CA GLY C 121 20.96 -17.99 19.82
C GLY C 121 21.02 -19.49 19.66
N LEU C 160 16.96 -24.70 17.13
CA LEU C 160 16.35 -23.39 17.08
C LEU C 160 16.68 -22.58 18.32
N PRO C 161 16.83 -21.27 18.19
CA PRO C 161 17.12 -20.45 19.37
C PRO C 161 15.88 -20.30 20.24
N GLY C 162 16.10 -20.26 21.54
CA GLY C 162 14.99 -20.14 22.47
C GLY C 162 15.49 -19.66 23.80
N ARG C 163 14.60 -19.66 24.78
CA ARG C 163 14.96 -19.16 26.11
C ARG C 163 15.85 -20.18 26.79
N MET C 164 17.13 -19.88 26.85
CA MET C 164 18.12 -20.83 27.31
C MET C 164 18.21 -20.82 28.82
N GLY C 165 18.43 -21.99 29.40
CA GLY C 165 18.78 -22.09 30.80
C GLY C 165 17.59 -21.97 31.72
N GLY C 166 17.84 -22.16 33.00
CA GLY C 166 16.78 -22.14 33.97
C GLY C 166 16.04 -23.44 34.09
N GLU C 167 16.73 -24.56 33.97
CA GLU C 167 16.10 -25.88 33.96
C GLU C 167 16.90 -26.82 34.85
N GLN C 168 16.22 -27.83 35.39
CA GLN C 168 16.80 -28.68 36.42
C GLN C 168 17.88 -29.58 35.84
N ILE C 169 19.09 -29.45 36.38
CA ILE C 169 20.26 -30.15 35.87
C ILE C 169 20.88 -30.96 36.99
N THR C 170 21.13 -32.22 36.72
CA THR C 170 21.78 -33.12 37.66
C THR C 170 23.27 -33.15 37.39
N VAL C 171 24.08 -33.05 38.44
CA VAL C 171 25.47 -33.45 38.36
C VAL C 171 25.69 -34.60 39.34
N GLN C 172 26.44 -35.60 38.91
CA GLN C 172 26.66 -36.78 39.72
C GLN C 172 28.12 -36.87 40.13
N ASN C 173 28.39 -37.82 41.01
CA ASN C 173 29.73 -38.19 41.47
C ASN C 173 30.46 -37.03 42.13
N LEU C 174 29.74 -36.15 42.78
CA LEU C 174 30.38 -35.00 43.41
C LEU C 174 30.84 -35.37 44.81
N GLU C 175 32.14 -35.33 45.00
CA GLU C 175 32.76 -35.71 46.26
C GLU C 175 32.50 -34.65 47.32
N ILE C 176 32.73 -35.00 48.58
CA ILE C 176 32.64 -34.08 49.69
C ILE C 176 33.98 -34.11 50.42
N VAL C 177 34.60 -32.95 50.59
CA VAL C 177 35.93 -32.90 51.20
C VAL C 177 35.87 -32.72 52.72
N LYS C 178 35.08 -31.79 53.20
CA LYS C 178 35.01 -31.54 54.64
C LYS C 178 33.58 -31.27 55.04
N VAL C 179 33.30 -31.41 56.32
CA VAL C 179 31.98 -31.16 56.86
C VAL C 179 32.11 -30.75 58.32
N ASP C 180 31.43 -29.68 58.69
CA ASP C 180 31.52 -29.10 60.04
C ASP C 180 30.12 -28.67 60.44
N ALA C 181 29.43 -29.51 61.21
CA ALA C 181 28.00 -29.35 61.45
C ALA C 181 27.67 -28.22 62.42
N GLU C 182 28.66 -27.70 63.14
CA GLU C 182 28.40 -26.61 64.08
C GLU C 182 28.11 -25.30 63.35
N ARG C 183 28.64 -25.13 62.15
CA ARG C 183 28.37 -23.95 61.34
C ARG C 183 27.37 -24.28 60.23
N ASN C 184 26.87 -25.51 60.21
CA ASN C 184 25.97 -26.06 59.19
C ASN C 184 26.63 -26.07 57.81
N LEU C 185 27.89 -26.44 57.76
CA LEU C 185 28.66 -26.36 56.52
C LEU C 185 28.75 -27.69 55.81
N LEU C 186 29.10 -27.60 54.53
CA LEU C 186 29.30 -28.73 53.64
C LEU C 186 30.19 -28.26 52.51
N LEU C 187 31.27 -28.99 52.25
CA LEU C 187 32.20 -28.58 51.22
C LEU C 187 32.27 -29.65 50.14
N ILE C 188 32.21 -29.22 48.90
CA ILE C 188 32.00 -30.09 47.74
C ILE C 188 33.10 -29.83 46.73
N LYS C 189 33.80 -30.86 46.31
CA LYS C 189 34.82 -30.68 45.28
C LYS C 189 34.12 -30.64 43.93
N GLY C 190 34.08 -29.48 43.32
CA GLY C 190 33.48 -29.30 42.01
C GLY C 190 32.28 -28.37 42.07
N ASN C 191 31.87 -27.91 40.89
CA ASN C 191 30.85 -26.88 40.77
C ASN C 191 29.48 -27.48 40.96
N VAL C 192 28.46 -26.74 40.56
CA VAL C 192 27.09 -27.04 40.96
C VAL C 192 26.19 -26.21 40.05
N PRO C 193 25.02 -26.70 39.65
CA PRO C 193 24.07 -25.80 39.03
C PRO C 193 23.50 -24.89 40.08
N GLY C 194 23.34 -23.63 39.71
CA GLY C 194 22.65 -22.73 40.62
C GLY C 194 23.22 -21.35 40.68
N ALA C 195 22.34 -20.37 40.72
CA ALA C 195 22.73 -19.03 41.06
C ALA C 195 23.12 -18.96 42.53
N LYS C 196 23.75 -17.85 42.90
CA LYS C 196 24.03 -17.59 44.30
C LYS C 196 22.72 -17.42 45.06
N LYS C 197 22.65 -18.01 46.26
CA LYS C 197 21.46 -18.06 47.11
C LYS C 197 20.28 -18.70 46.39
N SER C 198 20.43 -19.99 46.12
CA SER C 198 19.39 -20.79 45.50
C SER C 198 19.53 -22.20 46.01
N LEU C 199 18.40 -22.87 46.26
CA LEU C 199 18.46 -24.14 46.97
C LEU C 199 18.85 -25.28 46.02
N ILE C 200 19.63 -26.22 46.57
CA ILE C 200 20.04 -27.41 45.84
C ILE C 200 19.92 -28.60 46.78
N THR C 201 19.58 -29.76 46.24
CA THR C 201 19.51 -30.96 47.06
C THR C 201 20.82 -31.70 46.95
N VAL C 202 21.11 -32.59 47.90
CA VAL C 202 22.29 -33.45 47.84
C VAL C 202 21.87 -34.87 48.22
N LYS C 203 21.44 -35.65 47.23
CA LYS C 203 21.01 -37.02 47.46
C LYS C 203 22.19 -37.99 47.36
N SER C 204 21.99 -39.20 47.85
CA SER C 204 23.03 -40.23 47.82
C SER C 204 23.39 -40.60 46.38
N ALA C 205 24.68 -40.82 46.15
CA ALA C 205 25.18 -41.18 44.82
C ALA C 205 24.62 -42.53 44.38
N VAL C 206 24.35 -42.65 43.08
CA VAL C 206 23.81 -43.89 42.52
C VAL C 206 24.73 -44.46 41.46
N LYS C 207 25.92 -44.88 41.87
CA LYS C 207 26.91 -45.45 40.96
C LYS C 207 26.43 -46.78 40.40
N PRO D 2 -75.69 2.97 -51.92
CA PRO D 2 -74.74 3.80 -51.17
C PRO D 2 -75.13 5.27 -51.20
N LYS D 3 -75.94 5.65 -52.18
CA LYS D 3 -76.38 7.04 -52.32
C LYS D 3 -77.64 7.29 -51.49
N VAL D 4 -77.53 8.22 -50.53
CA VAL D 4 -78.65 8.56 -49.67
C VAL D 4 -79.09 10.01 -49.87
N ALA D 5 -79.60 10.62 -48.82
CA ALA D 5 -80.04 12.00 -48.87
C ALA D 5 -79.00 12.96 -48.29
N LEU D 6 -77.74 12.52 -48.32
CA LEU D 6 -76.62 13.33 -47.85
C LEU D 6 -76.86 13.90 -46.45
N TYR D 7 -76.53 15.17 -46.28
CA TYR D 7 -76.70 15.85 -44.99
C TYR D 7 -76.72 17.36 -45.17
N ASN D 8 -77.65 18.02 -44.49
CA ASN D 8 -77.77 19.48 -44.57
C ASN D 8 -77.49 20.15 -43.22
N GLN D 9 -77.11 19.35 -42.23
CA GLN D 9 -76.81 19.84 -40.89
C GLN D 9 -77.91 20.74 -40.34
N ALA D 21 -69.24 2.75 -56.28
CA ALA D 21 -69.51 1.32 -56.35
C ALA D 21 -68.24 0.52 -56.58
N SER D 22 -67.10 1.20 -56.50
CA SER D 22 -65.81 0.55 -56.70
C SER D 22 -64.80 0.98 -55.65
N VAL D 23 -65.06 2.14 -55.03
CA VAL D 23 -64.17 2.68 -54.00
C VAL D 23 -64.34 1.93 -52.69
N PHE D 24 -65.43 2.21 -51.98
CA PHE D 24 -65.71 1.57 -50.71
C PHE D 24 -66.75 0.47 -50.86
N GLY D 25 -66.30 -0.73 -51.20
CA GLY D 25 -67.18 -1.86 -51.37
C GLY D 25 -66.97 -2.94 -50.31
N ILE D 26 -66.26 -3.99 -50.69
CA ILE D 26 -65.98 -5.09 -49.77
C ILE D 26 -64.58 -5.65 -49.99
N GLU D 27 -64.37 -6.89 -49.56
CA GLU D 27 -63.11 -7.60 -49.77
C GLU D 27 -61.90 -6.77 -49.33
N PRO D 28 -61.79 -6.49 -48.02
CA PRO D 28 -60.68 -5.71 -47.48
C PRO D 28 -59.34 -6.40 -47.71
N ASN D 29 -58.30 -5.60 -47.95
CA ASN D 29 -56.96 -6.14 -48.20
C ASN D 29 -56.37 -6.83 -46.98
N GLU D 30 -56.02 -6.04 -45.97
CA GLU D 30 -55.42 -6.58 -44.74
C GLU D 30 -53.90 -6.49 -44.73
N SER D 31 -53.25 -7.53 -45.23
CA SER D 31 -51.80 -7.58 -45.29
C SER D 31 -51.24 -6.36 -46.01
N VAL D 32 -51.80 -6.06 -47.18
CA VAL D 32 -51.35 -4.92 -47.97
C VAL D 32 -51.69 -3.61 -47.25
N VAL D 33 -52.83 -3.59 -46.57
CA VAL D 33 -53.26 -2.40 -45.84
C VAL D 33 -52.25 -2.05 -44.75
N PHE D 34 -51.78 -3.08 -44.05
CA PHE D 34 -50.81 -2.89 -42.97
C PHE D 34 -49.48 -2.44 -43.53
N ASP D 35 -49.13 -2.96 -44.71
CA ASP D 35 -47.88 -2.59 -45.37
C ASP D 35 -47.84 -1.10 -45.64
N ALA D 36 -48.93 -0.56 -46.14
CA ALA D 36 -49.03 0.87 -46.46
C ALA D 36 -48.85 1.74 -45.21
N ILE D 37 -49.33 1.25 -44.07
CA ILE D 37 -49.22 1.99 -42.82
C ILE D 37 -47.80 1.95 -42.27
N LEU D 38 -47.07 0.88 -42.58
CA LEU D 38 -45.70 0.71 -42.09
C LEU D 38 -44.73 1.61 -42.85
N MET D 39 -45.08 1.94 -44.10
CA MET D 39 -44.23 2.78 -44.94
C MET D 39 -44.56 4.26 -44.75
N GLN D 40 -45.62 4.54 -43.99
CA GLN D 40 -46.04 5.91 -43.74
C GLN D 40 -45.52 6.40 -42.39
N ARG D 41 -44.88 5.50 -41.65
CA ARG D 41 -44.32 5.84 -40.35
C ARG D 41 -42.82 6.10 -40.43
N ALA D 42 -42.16 5.37 -41.34
CA ALA D 42 -40.73 5.52 -41.53
C ALA D 42 -40.38 6.88 -42.13
N SER D 43 -41.12 7.27 -43.17
CA SER D 43 -40.89 8.54 -43.83
C SER D 43 -41.02 9.71 -42.86
N LEU D 44 -42.11 9.71 -42.09
CA LEU D 44 -42.35 10.77 -41.12
C LEU D 44 -41.21 10.89 -40.12
N ARG D 45 -40.36 9.88 -40.07
CA ARG D 45 -39.22 9.88 -39.17
C ARG D 45 -38.11 10.71 -39.74
N GLN D 46 -37.65 11.68 -38.97
CA GLN D 46 -36.74 12.68 -39.50
C GLN D 46 -35.34 12.10 -39.67
N GLY D 47 -34.86 11.38 -38.67
CA GLY D 47 -33.61 10.66 -38.82
C GLY D 47 -32.40 11.56 -38.89
N THR D 48 -32.04 12.17 -37.77
CA THR D 48 -30.88 13.05 -37.72
C THR D 48 -30.05 12.76 -36.49
N HIS D 49 -29.70 11.51 -36.25
CA HIS D 49 -28.97 11.16 -35.04
C HIS D 49 -27.59 10.68 -35.43
N LYS D 50 -26.58 11.30 -34.85
CA LYS D 50 -25.21 11.02 -35.18
C LYS D 50 -24.43 10.88 -33.89
N VAL D 51 -23.43 10.02 -33.89
CA VAL D 51 -22.58 9.80 -32.74
C VAL D 51 -21.15 9.75 -33.26
N LYS D 52 -20.18 9.85 -32.36
CA LYS D 52 -18.81 9.88 -32.80
C LYS D 52 -18.29 8.47 -33.07
N ASN D 53 -16.99 8.34 -33.20
CA ASN D 53 -16.36 7.09 -33.59
C ASN D 53 -15.08 6.90 -32.81
N ARG D 54 -14.22 6.02 -33.24
CA ARG D 54 -12.86 5.97 -32.72
C ARG D 54 -11.93 6.89 -33.49
N SER D 55 -12.30 7.24 -34.72
CA SER D 55 -11.39 8.03 -35.52
C SER D 55 -11.70 9.51 -35.46
N GLU D 56 -12.97 9.89 -35.40
CA GLU D 56 -13.32 11.30 -35.35
C GLU D 56 -13.36 11.86 -33.94
N VAL D 57 -12.82 11.15 -32.97
CA VAL D 57 -12.65 11.66 -31.61
C VAL D 57 -11.34 12.42 -31.52
N ARG D 58 -11.37 13.59 -30.88
CA ARG D 58 -10.19 14.44 -30.74
C ARG D 58 -9.25 13.77 -29.76
N GLY D 59 -8.48 12.82 -30.27
CA GLY D 59 -7.75 11.89 -29.44
C GLY D 59 -6.30 11.77 -29.86
N GLY D 60 -5.58 10.95 -29.12
CA GLY D 60 -4.16 10.81 -29.28
C GLY D 60 -3.79 9.62 -30.14
N GLY D 61 -2.63 9.72 -30.78
CA GLY D 61 -2.18 8.65 -31.62
C GLY D 61 -1.13 7.81 -30.93
N ARG D 62 -0.47 8.38 -29.92
CA ARG D 62 0.60 7.64 -29.29
C ARG D 62 0.05 6.70 -28.24
N LYS D 63 0.86 5.73 -27.89
CA LYS D 63 0.52 4.86 -26.78
C LYS D 63 0.63 5.64 -25.47
N PRO D 64 -0.33 5.47 -24.55
CA PRO D 64 -0.25 6.19 -23.28
C PRO D 64 0.82 5.65 -22.35
N GLY D 76 -3.09 0.03 -26.48
CA GLY D 76 -2.71 0.78 -27.66
C GLY D 76 -2.97 2.28 -27.68
N SER D 77 -4.22 2.71 -27.66
CA SER D 77 -4.50 4.13 -27.83
C SER D 77 -5.45 4.60 -26.75
N ILE D 78 -5.33 5.89 -26.40
CA ILE D 78 -6.07 6.43 -25.26
C ILE D 78 -7.54 6.60 -25.55
N ARG D 79 -7.96 6.53 -26.81
CA ARG D 79 -9.37 6.61 -27.16
C ARG D 79 -9.71 5.34 -27.91
N SER D 80 -9.97 4.27 -27.15
CA SER D 80 -10.32 2.98 -27.74
C SER D 80 -11.76 2.60 -27.40
N PRO D 81 -12.23 1.47 -27.95
CA PRO D 81 -13.58 0.97 -27.72
C PRO D 81 -13.82 0.61 -26.25
N GLN D 82 -12.79 0.12 -25.58
CA GLN D 82 -12.90 -0.26 -24.17
C GLN D 82 -12.67 0.92 -23.24
N TRP D 83 -12.02 1.96 -23.76
CA TRP D 83 -11.73 3.15 -22.96
C TRP D 83 -13.00 3.97 -22.72
N ARG D 84 -13.07 4.60 -21.55
CA ARG D 84 -14.22 5.42 -21.18
C ARG D 84 -14.17 6.78 -21.86
N GLY D 85 -12.97 7.21 -22.23
CA GLY D 85 -12.78 8.49 -22.89
C GLY D 85 -13.12 8.44 -24.36
N GLY D 86 -13.06 7.24 -24.94
CA GLY D 86 -13.37 7.06 -26.34
C GLY D 86 -14.85 6.94 -26.61
N GLY D 87 -15.21 6.88 -27.89
CA GLY D 87 -16.60 6.76 -28.28
C GLY D 87 -17.09 5.33 -28.29
N VAL D 88 -18.18 5.09 -29.00
CA VAL D 88 -18.76 3.74 -29.09
C VAL D 88 -18.18 2.98 -30.30
N VAL D 89 -18.21 1.66 -30.22
CA VAL D 89 -17.69 0.82 -31.30
C VAL D 89 -18.52 0.98 -32.57
N PHE D 90 -19.73 0.43 -32.55
CA PHE D 90 -20.66 0.61 -33.66
C PHE D 90 -21.34 1.97 -33.59
N GLY D 91 -22.59 1.98 -33.14
CA GLY D 91 -23.34 3.22 -33.02
C GLY D 91 -24.03 3.61 -34.31
N PRO D 92 -25.22 4.23 -34.19
CA PRO D 92 -26.00 4.66 -35.36
C PRO D 92 -25.38 5.88 -36.04
N THR D 93 -25.26 5.81 -37.36
CA THR D 93 -24.69 6.91 -38.13
C THR D 93 -25.73 7.57 -39.01
N PRO D 94 -25.41 8.76 -39.55
CA PRO D 94 -26.32 9.51 -40.42
C PRO D 94 -26.88 8.64 -41.54
N ARG D 95 -28.09 8.11 -41.34
CA ARG D 95 -28.73 7.26 -42.33
C ARG D 95 -30.19 7.64 -42.52
N SER D 96 -30.83 7.08 -43.54
CA SER D 96 -32.23 7.35 -43.82
C SER D 96 -32.91 6.16 -44.47
N TYR D 97 -34.03 5.74 -43.89
CA TYR D 97 -34.78 4.60 -44.43
C TYR D 97 -36.04 5.07 -45.15
N SER D 98 -36.02 5.00 -46.47
CA SER D 98 -37.15 5.43 -47.28
C SER D 98 -37.45 4.43 -48.40
N TYR D 99 -38.32 3.46 -48.11
CA TYR D 99 -38.70 2.45 -49.10
C TYR D 99 -39.96 2.87 -49.82
N LYS D 100 -40.41 2.04 -50.77
CA LYS D 100 -41.60 2.34 -51.52
C LYS D 100 -42.32 1.07 -51.95
N LEU D 101 -43.63 1.12 -51.85
CA LEU D 101 -44.49 0.12 -52.41
C LEU D 101 -44.57 0.33 -53.92
N PRO D 102 -45.11 -0.62 -54.66
CA PRO D 102 -45.46 -0.37 -56.06
C PRO D 102 -46.60 0.62 -56.18
N LYS D 103 -46.85 1.06 -57.41
CA LYS D 103 -47.92 2.01 -57.69
C LYS D 103 -49.28 1.33 -57.57
N LYS D 104 -49.29 0.01 -57.80
CA LYS D 104 -50.53 -0.77 -57.71
C LYS D 104 -50.92 -1.01 -56.26
N VAL D 105 -49.93 -1.02 -55.38
CA VAL D 105 -50.17 -1.25 -53.96
C VAL D 105 -50.19 0.08 -53.20
N ARG D 106 -50.33 1.18 -53.94
CA ARG D 106 -50.37 2.51 -53.33
C ARG D 106 -51.71 3.17 -53.57
N ARG D 107 -52.59 2.49 -54.30
CA ARG D 107 -53.92 3.02 -54.60
C ARG D 107 -54.99 1.96 -54.34
N LEU D 108 -54.58 0.80 -53.88
CA LEU D 108 -55.50 -0.29 -53.59
C LEU D 108 -55.72 -0.45 -52.08
N ALA D 109 -55.23 0.53 -51.32
CA ALA D 109 -55.36 0.50 -49.87
C ALA D 109 -56.19 1.69 -49.38
N ILE D 110 -56.13 2.79 -50.12
CA ILE D 110 -56.87 3.99 -49.77
C ILE D 110 -58.36 3.74 -49.94
N LYS D 111 -58.73 2.92 -50.91
CA LYS D 111 -60.09 2.40 -50.97
C LYS D 111 -60.41 1.52 -49.76
N SER D 112 -59.45 0.73 -49.27
CA SER D 112 -59.81 -0.26 -48.27
C SER D 112 -60.03 0.39 -46.91
N VAL D 113 -59.25 1.40 -46.57
CA VAL D 113 -59.51 2.13 -45.35
C VAL D 113 -60.76 2.99 -45.51
N LEU D 114 -61.06 3.41 -46.73
CA LEU D 114 -62.38 3.97 -46.97
C LEU D 114 -63.45 2.92 -46.80
N SER D 115 -63.15 1.69 -47.18
CA SER D 115 -64.13 0.62 -47.14
C SER D 115 -64.43 0.17 -45.74
N SER D 116 -63.53 0.38 -44.80
CA SER D 116 -63.87 0.13 -43.41
C SER D 116 -64.92 1.12 -42.94
N LYS D 117 -64.93 2.32 -43.51
CA LYS D 117 -65.80 3.36 -43.01
C LYS D 117 -67.20 3.27 -43.56
N VAL D 118 -67.39 2.62 -44.72
CA VAL D 118 -68.74 2.46 -45.22
C VAL D 118 -69.45 1.37 -44.42
N ILE D 119 -68.69 0.52 -43.73
CA ILE D 119 -69.27 -0.54 -42.92
C ILE D 119 -69.98 0.05 -41.71
N ASP D 120 -69.24 0.77 -40.89
CA ASP D 120 -69.72 1.18 -39.57
C ASP D 120 -70.36 2.57 -39.59
N ASN D 121 -70.75 3.05 -40.78
CA ASN D 121 -71.32 4.38 -41.00
C ASN D 121 -70.41 5.49 -40.49
N ASN D 122 -69.10 5.29 -40.57
CA ASN D 122 -68.18 6.33 -40.16
C ASN D 122 -68.04 7.41 -41.21
N ILE D 123 -68.47 7.16 -42.43
CA ILE D 123 -68.59 8.22 -43.42
C ILE D 123 -69.83 9.04 -43.11
N ILE D 124 -69.68 10.35 -43.17
CA ILE D 124 -70.79 11.27 -43.09
C ILE D 124 -70.61 12.25 -44.23
N VAL D 125 -71.63 12.40 -45.06
CA VAL D 125 -71.56 13.19 -46.27
C VAL D 125 -72.42 14.44 -46.09
N LEU D 126 -71.87 15.58 -46.48
CA LEU D 126 -72.55 16.87 -46.36
C LEU D 126 -72.56 17.50 -47.74
N GLU D 127 -73.42 18.50 -47.93
CA GLU D 127 -73.39 19.24 -49.18
C GLU D 127 -72.72 20.59 -48.99
N ASP D 128 -71.60 20.77 -49.70
CA ASP D 128 -70.91 22.03 -49.99
C ASP D 128 -70.15 22.64 -48.81
N LEU D 129 -70.34 22.09 -47.60
CA LEU D 129 -69.74 22.60 -46.36
C LEU D 129 -69.99 24.10 -46.19
N THR D 130 -71.26 24.40 -45.91
CA THR D 130 -71.75 25.77 -45.89
C THR D 130 -71.06 26.59 -44.79
N LEU D 131 -70.31 27.61 -45.21
CA LEU D 131 -69.72 28.56 -44.29
C LEU D 131 -69.80 29.95 -44.88
N ASP D 132 -69.59 30.93 -44.01
CA ASP D 132 -69.60 32.33 -44.37
C ASP D 132 -68.34 33.06 -43.93
N THR D 133 -67.84 32.77 -42.74
CA THR D 133 -66.64 33.42 -42.19
C THR D 133 -65.80 32.36 -41.49
N ALA D 134 -64.85 32.82 -40.69
CA ALA D 134 -63.88 31.94 -40.04
C ALA D 134 -64.24 31.67 -38.58
N LYS D 135 -65.52 31.74 -38.23
CA LYS D 135 -65.90 31.61 -36.83
C LYS D 135 -65.81 30.17 -36.38
N THR D 136 -64.94 29.90 -35.40
CA THR D 136 -64.85 28.57 -34.83
C THR D 136 -66.03 28.25 -33.93
N LYS D 137 -66.87 29.23 -33.59
CA LYS D 137 -68.08 28.92 -32.86
C LYS D 137 -69.09 28.19 -33.75
N GLU D 138 -69.02 28.40 -35.06
CA GLU D 138 -69.95 27.72 -35.95
C GLU D 138 -69.63 26.25 -36.04
N MET D 139 -68.35 25.91 -36.06
CA MET D 139 -67.94 24.53 -36.24
C MET D 139 -68.29 23.68 -35.03
N ALA D 140 -68.16 24.25 -33.84
CA ALA D 140 -68.59 23.55 -32.63
C ALA D 140 -70.08 23.31 -32.64
N ALA D 141 -70.85 24.21 -33.24
CA ALA D 141 -72.27 23.94 -33.46
C ALA D 141 -72.47 22.91 -34.55
N ILE D 142 -71.57 22.86 -35.53
CA ILE D 142 -71.69 21.88 -36.59
C ILE D 142 -71.32 20.49 -36.06
N LEU D 143 -70.26 20.42 -35.25
CA LEU D 143 -69.92 19.15 -34.61
C LEU D 143 -70.99 18.72 -33.62
N LYS D 144 -71.63 19.68 -32.96
CA LYS D 144 -72.82 19.36 -32.18
C LYS D 144 -73.96 18.93 -33.08
N GLY D 145 -74.05 19.54 -34.27
CA GLY D 145 -75.15 19.23 -35.17
C GLY D 145 -75.02 17.85 -35.79
N LEU D 146 -73.82 17.49 -36.21
CA LEU D 146 -73.58 16.16 -36.74
C LEU D 146 -73.31 15.15 -35.65
N SER D 147 -73.27 15.59 -34.39
CA SER D 147 -73.06 14.74 -33.20
C SER D 147 -71.75 13.98 -33.25
N VAL D 148 -70.73 14.56 -33.82
CA VAL D 148 -69.40 13.95 -33.82
C VAL D 148 -68.64 14.45 -32.61
N GLU D 149 -67.93 13.56 -31.93
CA GLU D 149 -67.43 13.84 -30.60
C GLU D 149 -65.92 13.92 -30.53
N LYS D 150 -65.22 12.87 -30.92
CA LYS D 150 -63.78 12.83 -30.88
C LYS D 150 -63.22 13.39 -32.19
N LYS D 151 -61.96 13.07 -32.49
CA LYS D 151 -61.29 13.50 -33.70
C LYS D 151 -62.07 13.10 -34.95
N ALA D 152 -61.87 13.87 -36.01
CA ALA D 152 -62.71 13.74 -37.18
C ALA D 152 -61.91 14.17 -38.39
N LEU D 153 -62.56 14.18 -39.54
CA LEU D 153 -61.95 14.63 -40.77
C LEU D 153 -62.86 15.62 -41.44
N ILE D 154 -62.27 16.45 -42.29
CA ILE D 154 -63.02 17.27 -43.21
C ILE D 154 -62.31 17.19 -44.55
N VAL D 155 -63.05 16.81 -45.58
CA VAL D 155 -62.50 16.71 -46.92
C VAL D 155 -63.33 17.60 -47.82
N THR D 156 -62.69 18.57 -48.45
CA THR D 156 -63.38 19.51 -49.32
C THR D 156 -62.51 19.75 -50.54
N ALA D 157 -63.12 19.73 -51.72
CA ALA D 157 -62.35 19.57 -52.96
C ALA D 157 -61.70 20.85 -53.43
N ASP D 158 -62.17 22.02 -53.00
CA ASP D 158 -61.77 23.26 -53.63
C ASP D 158 -60.92 24.16 -52.74
N ALA D 159 -60.44 23.64 -51.60
CA ALA D 159 -59.73 24.41 -50.57
C ALA D 159 -60.57 25.62 -50.12
N ASN D 160 -61.70 25.31 -49.50
CA ASN D 160 -62.60 26.34 -48.99
C ASN D 160 -61.90 27.08 -47.85
N GLU D 161 -61.57 28.34 -48.09
CA GLU D 161 -60.68 29.07 -47.21
C GLU D 161 -61.34 29.38 -45.87
N ALA D 162 -62.66 29.54 -45.85
CA ALA D 162 -63.35 29.73 -44.58
C ALA D 162 -63.32 28.46 -43.74
N VAL D 163 -63.21 27.31 -44.38
CA VAL D 163 -63.12 26.06 -43.64
C VAL D 163 -61.72 25.88 -43.09
N ALA D 164 -60.70 26.17 -43.89
CA ALA D 164 -59.34 25.93 -43.47
C ALA D 164 -58.89 26.93 -42.41
N LEU D 165 -59.33 28.17 -42.52
CA LEU D 165 -58.99 29.16 -41.51
C LEU D 165 -59.77 28.91 -40.23
N SER D 166 -60.96 28.37 -40.32
CA SER D 166 -61.62 27.90 -39.11
C SER D 166 -61.10 26.52 -38.76
N ALA D 167 -61.52 26.03 -37.59
CA ALA D 167 -61.39 24.64 -37.15
C ALA D 167 -59.96 24.14 -36.94
N ARG D 168 -58.96 24.94 -37.32
CA ARG D 168 -57.58 24.55 -37.08
C ARG D 168 -57.24 24.66 -35.62
N ASN D 169 -57.95 25.50 -34.89
CA ASN D 169 -57.75 25.67 -33.48
C ASN D 169 -58.57 24.69 -32.66
N ILE D 170 -59.71 24.24 -33.19
CA ILE D 170 -60.47 23.18 -32.53
C ILE D 170 -59.62 21.93 -32.49
N PRO D 171 -59.42 21.31 -31.35
CA PRO D 171 -58.29 20.39 -31.19
C PRO D 171 -58.47 19.05 -31.86
N GLY D 172 -59.70 18.56 -31.96
CA GLY D 172 -59.89 17.21 -32.46
C GLY D 172 -59.82 17.09 -33.96
N VAL D 173 -60.24 18.10 -34.69
CA VAL D 173 -60.59 17.95 -36.08
C VAL D 173 -59.40 18.34 -36.94
N THR D 174 -59.50 18.04 -38.23
CA THR D 174 -58.59 18.57 -39.23
C THR D 174 -59.28 18.60 -40.58
N VAL D 175 -58.89 19.54 -41.41
CA VAL D 175 -59.42 19.65 -42.76
C VAL D 175 -58.37 19.12 -43.73
N VAL D 176 -58.83 18.62 -44.87
CA VAL D 176 -57.96 17.97 -45.84
C VAL D 176 -58.42 18.39 -47.23
N GLU D 177 -57.51 18.96 -48.02
CA GLU D 177 -57.78 19.13 -49.43
C GLU D 177 -57.79 17.76 -50.09
N ALA D 178 -58.83 17.49 -50.89
CA ALA D 178 -59.25 16.14 -51.24
C ALA D 178 -58.20 15.33 -51.99
N ASN D 179 -57.25 15.98 -52.66
CA ASN D 179 -56.16 15.23 -53.27
C ASN D 179 -55.16 14.77 -52.23
N GLY D 180 -55.07 15.46 -51.10
CA GLY D 180 -54.06 15.15 -50.11
C GLY D 180 -54.52 14.15 -49.07
N ILE D 181 -55.49 13.32 -49.40
CA ILE D 181 -55.86 12.23 -48.52
C ILE D 181 -54.75 11.19 -48.55
N ASN D 182 -54.62 10.46 -47.46
CA ASN D 182 -53.63 9.41 -47.37
C ASN D 182 -54.11 8.41 -46.35
N VAL D 183 -53.43 7.27 -46.31
CA VAL D 183 -53.92 6.12 -45.57
C VAL D 183 -53.84 6.27 -44.07
N LEU D 184 -53.26 7.34 -43.58
CA LEU D 184 -53.05 7.46 -42.15
C LEU D 184 -54.25 8.11 -41.46
N ASP D 185 -54.59 9.32 -41.89
CA ASP D 185 -55.57 10.14 -41.18
C ASP D 185 -56.96 9.54 -41.21
N VAL D 186 -57.23 8.66 -42.16
CA VAL D 186 -58.46 7.90 -42.09
C VAL D 186 -58.47 6.93 -40.94
N VAL D 187 -57.30 6.45 -40.50
CA VAL D 187 -57.30 5.47 -39.42
C VAL D 187 -57.38 6.16 -38.06
N ASN D 188 -56.63 7.25 -37.89
CA ASN D 188 -56.60 7.91 -36.59
C ASN D 188 -57.90 8.65 -36.32
N HIS D 189 -58.33 9.48 -37.26
CA HIS D 189 -59.46 10.35 -37.01
C HIS D 189 -60.79 9.64 -37.10
N GLU D 190 -60.82 8.41 -37.61
CA GLU D 190 -61.87 7.39 -37.47
C GLU D 190 -63.28 7.78 -37.89
N LYS D 191 -63.50 9.00 -38.36
CA LYS D 191 -64.78 9.43 -38.94
C LYS D 191 -64.53 10.67 -39.76
N LEU D 192 -65.39 10.88 -40.75
CA LEU D 192 -64.98 11.71 -41.87
C LEU D 192 -66.17 12.47 -42.41
N LEU D 193 -66.14 13.78 -42.22
CA LEU D 193 -67.16 14.68 -42.75
C LEU D 193 -66.70 15.04 -44.16
N ILE D 194 -67.45 14.57 -45.14
CA ILE D 194 -67.06 14.71 -46.54
C ILE D 194 -68.08 15.61 -47.22
N THR D 195 -67.60 16.50 -48.07
CA THR D 195 -68.50 17.17 -48.98
C THR D 195 -68.73 16.25 -50.16
N LYS D 196 -69.94 16.32 -50.73
CA LYS D 196 -70.26 15.44 -51.83
C LYS D 196 -69.49 15.84 -53.07
N ALA D 197 -69.13 17.12 -53.17
CA ALA D 197 -68.34 17.63 -54.28
C ALA D 197 -66.95 17.01 -54.34
N ALA D 198 -66.42 16.53 -53.23
CA ALA D 198 -65.13 15.88 -53.24
C ALA D 198 -65.23 14.39 -53.58
N VAL D 199 -66.42 13.80 -53.48
CA VAL D 199 -66.54 12.37 -53.71
C VAL D 199 -66.34 12.04 -55.16
N GLU D 200 -66.82 12.91 -56.06
CA GLU D 200 -66.64 12.67 -57.48
C GLU D 200 -65.20 12.80 -57.91
N LYS D 201 -64.39 13.55 -57.16
CA LYS D 201 -62.99 13.73 -57.53
C LYS D 201 -62.18 12.48 -57.22
N VAL D 202 -62.50 11.80 -56.12
CA VAL D 202 -61.60 10.78 -55.61
C VAL D 202 -61.64 9.50 -56.45
N GLU D 203 -62.71 9.26 -57.20
CA GLU D 203 -62.68 8.14 -58.13
C GLU D 203 -61.80 8.43 -59.34
N GLU D 204 -61.59 9.71 -59.65
CA GLU D 204 -60.87 10.05 -60.88
C GLU D 204 -59.39 9.75 -60.72
N VAL D 205 -58.83 10.07 -59.56
CA VAL D 205 -57.44 9.68 -59.32
C VAL D 205 -57.37 8.21 -58.94
N LEU D 206 -58.36 7.69 -58.23
CA LEU D 206 -58.40 6.27 -57.91
C LEU D 206 -59.83 5.85 -57.60
N THR E 4 -41.16 -38.89 9.54
CA THR E 4 -42.23 -39.89 9.58
C THR E 4 -41.90 -41.29 10.15
N PRO E 5 -40.65 -41.79 10.11
CA PRO E 5 -40.31 -42.90 10.98
C PRO E 5 -39.83 -42.41 12.33
N MET E 6 -39.80 -43.34 13.28
CA MET E 6 -39.35 -43.00 14.62
C MET E 6 -37.84 -42.82 14.60
N ALA E 7 -37.37 -41.72 15.18
CA ALA E 7 -35.95 -41.45 15.33
C ALA E 7 -35.78 -40.88 16.72
N ASN E 8 -35.00 -41.57 17.56
CA ASN E 8 -34.94 -41.28 18.98
C ASN E 8 -34.27 -39.95 19.26
N ALA E 9 -34.46 -39.45 20.48
CA ALA E 9 -33.98 -38.12 20.82
C ALA E 9 -33.60 -38.10 22.30
N SER E 10 -32.35 -38.46 22.59
CA SER E 10 -31.70 -38.26 23.90
C SER E 10 -32.47 -38.87 25.07
N THR E 11 -33.17 -39.97 24.84
CA THR E 11 -33.96 -40.65 25.86
C THR E 11 -33.61 -42.12 25.90
N ILE E 12 -32.31 -42.39 25.95
CA ILE E 12 -31.76 -43.71 25.62
C ILE E 12 -31.20 -44.33 26.89
N GLU E 13 -31.82 -45.39 27.35
CA GLU E 13 -31.43 -46.06 28.58
C GLU E 13 -30.32 -47.04 28.24
N ARG E 14 -29.10 -46.67 28.57
CA ARG E 14 -27.98 -47.56 28.36
C ARG E 14 -28.01 -48.68 29.38
N LYS E 15 -27.83 -49.91 28.91
CA LYS E 15 -27.57 -51.00 29.83
C LYS E 15 -26.09 -51.05 30.13
N TRP E 16 -25.70 -52.04 30.92
CA TRP E 16 -24.31 -52.30 31.20
C TRP E 16 -24.07 -53.79 31.05
N LEU E 17 -23.14 -54.16 30.18
CA LEU E 17 -22.97 -55.56 29.82
C LEU E 17 -21.58 -56.02 30.18
N VAL E 18 -21.51 -57.20 30.76
CA VAL E 18 -20.24 -57.85 31.10
C VAL E 18 -19.93 -58.86 30.03
N VAL E 19 -18.75 -58.78 29.45
CA VAL E 19 -18.30 -59.76 28.48
C VAL E 19 -16.95 -60.29 28.95
N ASP E 20 -16.87 -61.58 29.18
CA ASP E 20 -15.62 -62.19 29.60
C ASP E 20 -14.87 -62.70 28.38
N ALA E 21 -13.58 -62.42 28.34
CA ALA E 21 -12.70 -62.87 27.26
C ALA E 21 -11.82 -63.96 27.84
N ALA E 22 -12.37 -65.15 27.96
CA ALA E 22 -11.63 -66.21 28.61
C ALA E 22 -10.74 -66.96 27.63
N GLY E 23 -11.26 -67.31 26.47
CA GLY E 23 -10.48 -68.05 25.50
C GLY E 23 -10.79 -67.66 24.08
N LYS E 24 -11.38 -66.48 23.91
CA LYS E 24 -11.73 -66.00 22.59
C LYS E 24 -10.52 -65.41 21.87
N THR E 25 -10.70 -65.04 20.61
CA THR E 25 -9.63 -64.46 19.80
C THR E 25 -9.73 -62.94 19.79
N LEU E 26 -8.65 -62.29 19.38
CA LEU E 26 -8.61 -60.83 19.32
C LEU E 26 -9.70 -60.27 18.42
N GLY E 27 -9.59 -60.54 17.12
CA GLY E 27 -10.48 -59.95 16.14
C GLY E 27 -11.84 -60.63 16.07
N ARG E 28 -11.92 -61.83 16.63
CA ARG E 28 -13.17 -62.58 16.63
C ARG E 28 -14.12 -62.10 17.74
N LEU E 29 -13.53 -61.61 18.84
CA LEU E 29 -14.31 -61.12 19.96
C LEU E 29 -14.54 -59.63 19.87
N SER E 30 -13.66 -58.95 19.13
CA SER E 30 -13.76 -57.50 18.96
C SER E 30 -14.71 -57.14 17.82
N SER E 31 -15.08 -58.14 17.03
CA SER E 31 -15.98 -57.93 15.90
C SER E 31 -17.44 -57.96 16.35
N GLU E 32 -17.68 -58.54 17.52
CA GLU E 32 -19.03 -58.63 18.07
C GLU E 32 -19.26 -57.60 19.16
N VAL E 33 -18.17 -57.06 19.71
CA VAL E 33 -18.26 -56.06 20.77
C VAL E 33 -18.53 -54.68 20.19
N ALA E 34 -17.93 -54.39 19.04
CA ALA E 34 -18.11 -53.11 18.40
C ALA E 34 -19.38 -52.99 17.59
N ALA E 35 -20.26 -53.98 17.63
CA ALA E 35 -21.62 -53.73 17.19
C ALA E 35 -22.52 -53.39 18.36
N ILE E 36 -22.17 -53.88 19.55
CA ILE E 36 -22.90 -53.48 20.75
C ILE E 36 -22.56 -52.04 21.10
N LEU E 37 -21.29 -51.67 20.95
CA LEU E 37 -20.85 -50.30 21.23
C LEU E 37 -21.55 -49.30 20.35
N ARG E 38 -21.63 -49.59 19.07
CA ARG E 38 -22.29 -48.69 18.14
C ARG E 38 -23.80 -48.74 18.27
N GLY E 39 -24.33 -49.78 18.88
CA GLY E 39 -25.76 -49.88 19.02
C GLY E 39 -26.45 -50.55 17.88
N LYS E 40 -25.77 -51.49 17.21
CA LYS E 40 -26.38 -52.20 16.09
C LYS E 40 -27.47 -53.15 16.55
N HIS E 41 -27.39 -53.61 17.79
CA HIS E 41 -28.32 -54.63 18.23
C HIS E 41 -29.59 -54.06 18.82
N LYS E 42 -29.70 -52.83 18.90
CA LYS E 42 -30.95 -52.36 19.47
C LYS E 42 -31.99 -52.18 18.39
N PRO E 43 -33.26 -52.40 18.71
CA PRO E 43 -34.32 -52.20 17.71
C PRO E 43 -34.53 -50.77 17.33
N THR E 44 -34.20 -49.82 18.19
CA THR E 44 -34.14 -48.42 17.80
C THR E 44 -32.69 -48.02 17.69
N TYR E 45 -32.33 -47.40 16.57
CA TYR E 45 -30.94 -47.15 16.24
C TYR E 45 -30.90 -46.05 15.21
N THR E 46 -30.19 -44.98 15.51
CA THR E 46 -30.12 -43.85 14.64
C THR E 46 -28.65 -43.46 14.48
N PRO E 47 -28.15 -43.29 13.26
CA PRO E 47 -26.71 -43.14 13.06
C PRO E 47 -26.13 -41.80 13.49
N HIS E 48 -26.86 -40.95 14.20
CA HIS E 48 -26.28 -39.73 14.73
C HIS E 48 -26.67 -39.47 16.17
N VAL E 49 -26.96 -40.50 16.95
CA VAL E 49 -27.44 -40.22 18.29
C VAL E 49 -26.71 -41.06 19.32
N ASP E 50 -25.98 -42.07 18.86
CA ASP E 50 -25.16 -42.97 19.69
C ASP E 50 -26.00 -43.66 20.76
N THR E 51 -26.88 -44.56 20.30
CA THR E 51 -27.73 -45.33 21.18
C THR E 51 -27.12 -46.65 21.62
N GLY E 52 -25.79 -46.73 21.73
CA GLY E 52 -25.16 -47.94 22.19
C GLY E 52 -25.30 -48.19 23.68
N ASP E 53 -24.40 -48.99 24.26
CA ASP E 53 -24.46 -49.30 25.67
C ASP E 53 -23.11 -49.80 26.14
N HIS E 54 -22.83 -49.56 27.41
CA HIS E 54 -21.48 -49.75 27.93
C HIS E 54 -21.15 -51.23 28.04
N VAL E 55 -19.90 -51.55 27.79
CA VAL E 55 -19.45 -52.92 28.00
C VAL E 55 -18.27 -52.90 28.95
N ILE E 56 -18.18 -53.93 29.77
CA ILE E 56 -17.05 -54.13 30.66
C ILE E 56 -16.41 -55.45 30.28
N ILE E 57 -15.10 -55.45 30.13
CA ILE E 57 -14.38 -56.63 29.69
C ILE E 57 -13.48 -57.09 30.81
N ILE E 58 -13.55 -58.37 31.14
CA ILE E 58 -12.91 -58.96 32.30
C ILE E 58 -11.99 -60.06 31.81
N ASN E 59 -10.80 -60.15 32.42
CA ASN E 59 -9.74 -61.08 32.07
C ASN E 59 -9.27 -60.85 30.63
N ALA E 60 -8.74 -59.66 30.40
CA ALA E 60 -8.19 -59.38 29.08
C ALA E 60 -6.92 -60.17 28.83
N GLU E 61 -6.18 -60.50 29.88
CA GLU E 61 -4.94 -61.25 29.73
C GLU E 61 -5.18 -62.72 29.42
N LYS E 62 -6.43 -63.19 29.49
CA LYS E 62 -6.74 -64.56 29.12
C LYS E 62 -6.96 -64.74 27.62
N ILE E 63 -6.92 -63.64 26.85
CA ILE E 63 -7.23 -63.74 25.44
C ILE E 63 -6.07 -64.41 24.70
N GLU E 64 -6.37 -64.90 23.49
CA GLU E 64 -5.36 -65.57 22.69
C GLU E 64 -5.65 -65.37 21.22
N LEU E 65 -4.58 -65.35 20.44
CA LEU E 65 -4.65 -65.11 19.02
C LEU E 65 -3.89 -66.21 18.29
N THR E 66 -4.48 -66.71 17.22
CA THR E 66 -4.08 -67.97 16.61
C THR E 66 -2.83 -67.80 15.74
N GLY E 67 -2.44 -68.90 15.12
CA GLY E 67 -1.30 -68.91 14.22
C GLY E 67 0.00 -68.67 14.94
N LYS E 68 0.97 -68.13 14.20
CA LYS E 68 2.24 -67.71 14.75
C LYS E 68 2.24 -66.21 15.08
N LYS E 69 1.06 -65.64 15.32
CA LYS E 69 0.91 -64.20 15.50
C LYS E 69 1.54 -63.70 16.77
N LEU E 70 1.77 -64.57 17.76
CA LEU E 70 2.38 -64.18 19.02
C LEU E 70 3.84 -63.80 18.88
N THR E 71 4.44 -64.03 17.71
CA THR E 71 5.71 -63.44 17.37
C THR E 71 5.62 -62.55 16.15
N ASP E 72 4.54 -62.66 15.37
CA ASP E 72 4.48 -62.01 14.07
C ASP E 72 3.93 -60.59 14.16
N LYS E 73 2.81 -60.40 14.85
CA LYS E 73 2.10 -59.13 14.78
C LYS E 73 2.83 -58.07 15.58
N ILE E 74 3.28 -57.03 14.90
CA ILE E 74 4.13 -56.00 15.46
C ILE E 74 3.35 -54.70 15.50
N TYR E 75 3.27 -54.08 16.67
CA TYR E 75 2.53 -52.85 16.84
C TYR E 75 3.43 -51.64 16.64
N TYR E 76 3.02 -50.75 15.77
CA TYR E 76 3.78 -49.54 15.45
C TYR E 76 3.06 -48.32 15.99
N ARG E 77 3.81 -47.37 16.52
CA ARG E 77 3.24 -46.16 17.11
C ARG E 77 4.05 -44.93 16.73
N HIS E 78 4.32 -44.75 15.43
CA HIS E 78 5.22 -43.70 14.97
C HIS E 78 4.72 -42.31 15.35
N THR E 79 5.57 -41.58 16.08
CA THR E 79 5.25 -40.26 16.59
C THR E 79 5.42 -39.21 15.50
N GLN E 80 5.48 -37.95 15.91
CA GLN E 80 5.62 -36.84 14.96
C GLN E 80 7.07 -36.65 14.54
N HIS E 81 7.97 -37.41 15.13
CA HIS E 81 9.39 -37.31 14.82
C HIS E 81 9.75 -38.18 13.61
N PRO E 82 10.31 -37.56 12.56
CA PRO E 82 10.71 -38.27 11.34
C PRO E 82 11.97 -39.10 11.55
N GLY E 83 11.88 -40.40 11.34
CA GLY E 83 13.01 -41.29 11.50
C GLY E 83 13.09 -41.87 12.90
N GLY E 84 12.06 -41.64 13.70
CA GLY E 84 12.00 -42.14 15.06
C GLY E 84 10.74 -42.94 15.33
N LEU E 85 10.42 -43.85 14.42
CA LEU E 85 9.23 -44.68 14.56
C LEU E 85 9.50 -45.91 15.41
N LYS E 86 8.83 -46.00 16.55
CA LYS E 86 9.00 -47.12 17.46
C LYS E 86 8.21 -48.33 16.98
N SER E 87 8.53 -49.51 17.52
CA SER E 87 7.84 -50.74 17.15
C SER E 87 7.89 -51.77 18.27
N ARG E 88 6.89 -52.63 18.31
CA ARG E 88 6.81 -53.68 19.32
C ARG E 88 6.04 -54.89 18.81
N THR E 89 6.10 -55.99 19.55
CA THR E 89 5.42 -57.22 19.17
C THR E 89 4.10 -57.38 19.92
N ALA E 90 3.49 -58.56 19.78
CA ALA E 90 2.22 -58.84 20.43
C ALA E 90 2.38 -59.78 21.62
N LEU E 91 3.53 -60.40 21.80
CA LEU E 91 3.77 -61.14 23.03
C LEU E 91 3.98 -60.19 24.19
N GLU E 92 4.75 -59.13 23.98
CA GLU E 92 4.98 -58.17 25.04
C GLU E 92 3.74 -57.36 25.34
N MET E 93 2.88 -57.15 24.35
CA MET E 93 1.73 -56.31 24.56
C MET E 93 0.69 -57.00 25.44
N ARG E 94 0.47 -58.30 25.25
CA ARG E 94 -0.54 -58.96 26.07
C ARG E 94 -0.01 -59.39 27.43
N THR E 95 1.22 -59.05 27.76
CA THR E 95 1.81 -59.42 29.03
C THR E 95 2.19 -58.22 29.88
N ASN E 96 2.82 -57.21 29.30
CA ASN E 96 3.19 -56.04 30.08
C ASN E 96 1.99 -55.15 30.34
N TYR E 97 1.12 -54.97 29.35
CA TYR E 97 -0.12 -54.21 29.52
C TYR E 97 -1.13 -54.67 28.52
N PRO E 98 -1.90 -55.71 28.85
CA PRO E 98 -2.83 -56.29 27.89
C PRO E 98 -4.11 -55.51 27.73
N GLU E 99 -4.28 -54.44 28.50
CA GLU E 99 -5.40 -53.55 28.29
C GLU E 99 -5.35 -52.94 26.91
N LYS E 100 -4.15 -52.51 26.51
CA LYS E 100 -3.99 -51.70 25.31
C LYS E 100 -4.33 -52.48 24.06
N MET E 101 -4.06 -53.78 24.06
CA MET E 101 -4.26 -54.59 22.86
C MET E 101 -5.73 -54.72 22.50
N LEU E 102 -6.60 -54.79 23.49
CA LEU E 102 -8.01 -54.86 23.18
C LEU E 102 -8.56 -53.50 22.78
N GLU E 103 -8.17 -52.45 23.50
CA GLU E 103 -8.72 -51.15 23.18
C GLU E 103 -8.07 -50.53 21.97
N LEU E 104 -6.99 -51.11 21.46
CA LEU E 104 -6.47 -50.65 20.19
C LEU E 104 -7.22 -51.31 19.04
N ALA E 105 -7.45 -52.62 19.13
CA ALA E 105 -8.15 -53.32 18.07
C ALA E 105 -9.64 -53.03 18.05
N ILE E 106 -10.23 -52.63 19.18
CA ILE E 106 -11.58 -52.11 19.15
C ILE E 106 -11.63 -50.79 18.39
N LYS E 107 -10.59 -49.96 18.58
CA LYS E 107 -10.59 -48.62 18.05
C LYS E 107 -10.57 -48.59 16.54
N GLY E 108 -9.98 -49.60 15.91
CA GLY E 108 -10.00 -49.69 14.47
C GLY E 108 -11.38 -50.00 13.92
N MET E 109 -12.15 -50.82 14.62
CA MET E 109 -13.42 -51.23 14.06
C MET E 109 -14.49 -50.20 14.28
N LEU E 110 -14.29 -49.26 15.16
CA LEU E 110 -15.24 -48.20 15.36
C LEU E 110 -15.09 -47.16 14.26
N PRO E 111 -16.14 -46.36 13.98
CA PRO E 111 -16.01 -45.30 12.99
C PRO E 111 -15.02 -44.21 13.37
N LYS E 112 -14.80 -43.24 12.48
CA LYS E 112 -13.81 -42.21 12.74
C LYS E 112 -14.49 -40.87 12.76
N GLY E 113 -14.18 -40.06 13.75
CA GLY E 113 -14.78 -38.74 13.81
C GLY E 113 -15.22 -38.37 15.20
N SER E 114 -16.38 -37.72 15.31
CA SER E 114 -16.84 -37.29 16.63
C SER E 114 -17.50 -38.45 17.36
N LEU E 115 -18.47 -39.10 16.72
CA LEU E 115 -19.06 -40.27 17.34
C LEU E 115 -18.11 -41.45 17.36
N GLY E 116 -17.09 -41.44 16.54
CA GLY E 116 -16.13 -42.50 16.62
C GLY E 116 -15.23 -42.45 17.83
N ARG E 117 -15.09 -41.29 18.45
CA ARG E 117 -14.38 -41.19 19.70
C ARG E 117 -15.30 -40.94 20.87
N GLN E 118 -16.56 -40.61 20.60
CA GLN E 118 -17.54 -40.60 21.68
C GLN E 118 -17.88 -42.02 22.10
N MET E 119 -18.05 -42.92 21.13
CA MET E 119 -18.43 -44.28 21.42
C MET E 119 -17.32 -45.04 22.12
N PHE E 120 -16.08 -44.65 21.90
CA PHE E 120 -14.98 -45.31 22.55
C PHE E 120 -14.93 -45.02 24.04
N LYS E 121 -15.59 -43.97 24.51
CA LYS E 121 -15.67 -43.71 25.94
C LYS E 121 -16.57 -44.68 26.67
N LYS E 122 -17.36 -45.47 25.97
CA LYS E 122 -18.20 -46.44 26.64
C LYS E 122 -17.45 -47.73 26.96
N LEU E 123 -16.27 -47.91 26.40
CA LEU E 123 -15.54 -49.14 26.59
C LEU E 123 -14.76 -49.11 27.90
N ASN E 124 -14.78 -50.22 28.63
CA ASN E 124 -14.04 -50.35 29.87
C ASN E 124 -13.43 -51.75 29.91
N VAL E 125 -12.11 -51.82 29.78
CA VAL E 125 -11.41 -53.10 29.79
C VAL E 125 -10.46 -53.20 30.99
N TYR E 126 -10.81 -54.04 31.95
CA TYR E 126 -9.99 -54.22 33.14
C TYR E 126 -9.25 -55.56 33.10
N ARG E 127 -8.21 -55.68 33.92
CA ARG E 127 -7.43 -56.90 33.98
C ARG E 127 -8.02 -57.89 34.98
N GLY E 128 -7.32 -59.00 35.18
CA GLY E 128 -7.77 -60.03 36.10
C GLY E 128 -9.17 -60.52 35.78
N SER E 129 -10.06 -60.40 36.75
CA SER E 129 -11.45 -60.80 36.56
C SER E 129 -12.36 -60.13 37.59
N GLU E 130 -12.28 -58.80 37.67
CA GLU E 130 -13.09 -58.04 38.62
C GLU E 130 -13.23 -56.58 38.20
N HIS E 131 -14.46 -56.10 38.11
CA HIS E 131 -14.73 -54.73 37.74
C HIS E 131 -15.24 -53.98 38.95
N PRO E 132 -14.77 -52.78 39.20
CA PRO E 132 -15.30 -51.97 40.29
C PRO E 132 -16.45 -51.08 39.86
N HIS E 133 -17.46 -51.67 39.22
CA HIS E 133 -18.58 -50.91 38.71
C HIS E 133 -19.88 -51.51 39.19
N GLU E 134 -19.87 -52.07 40.38
CA GLU E 134 -21.00 -52.83 40.86
C GLU E 134 -22.16 -51.97 41.31
N ALA E 135 -22.00 -50.66 41.31
CA ALA E 135 -23.09 -49.76 41.60
C ALA E 135 -24.06 -49.61 40.43
N GLN E 136 -23.72 -50.14 39.27
CA GLN E 136 -24.63 -50.11 38.13
C GLN E 136 -25.31 -51.43 37.90
N LYS E 137 -24.86 -52.50 38.56
CA LYS E 137 -25.33 -53.88 38.45
C LYS E 137 -25.35 -54.34 37.00
N PRO E 138 -24.20 -54.60 36.39
CA PRO E 138 -24.22 -55.12 35.02
C PRO E 138 -24.56 -56.59 35.02
N GLU E 139 -25.05 -57.05 33.88
CA GLU E 139 -25.32 -58.47 33.71
C GLU E 139 -24.38 -59.06 32.66
N VAL E 140 -24.36 -60.36 32.61
CA VAL E 140 -23.47 -61.07 31.69
C VAL E 140 -24.19 -61.26 30.37
N TYR E 141 -23.48 -60.98 29.29
CA TYR E 141 -23.97 -61.18 27.94
C TYR E 141 -22.93 -62.01 27.21
N GLU E 142 -23.31 -63.19 26.78
CA GLU E 142 -22.39 -64.05 26.05
C GLU E 142 -22.36 -63.64 24.59
N LEU E 143 -21.31 -64.09 23.90
CA LEU E 143 -21.13 -63.75 22.49
C LEU E 143 -22.15 -64.49 21.65
N ARG E 144 -23.07 -63.75 21.05
CA ARG E 144 -24.07 -64.36 20.18
C ARG E 144 -23.43 -64.89 18.91
N ILE F 2 49.78 -25.03 20.67
CA ILE F 2 50.57 -25.08 19.46
C ILE F 2 49.83 -25.86 18.41
N GLN F 3 49.62 -25.24 17.26
CA GLN F 3 48.86 -25.78 16.16
C GLN F 3 49.83 -26.07 15.00
N GLN F 4 49.30 -26.43 13.84
CA GLN F 4 50.08 -26.32 12.62
C GLN F 4 50.32 -24.86 12.28
N GLU F 5 51.33 -24.64 11.43
CA GLU F 5 51.83 -23.31 11.07
C GLU F 5 52.19 -22.51 12.33
N THR F 6 53.19 -23.01 13.03
CA THR F 6 53.57 -22.48 14.33
C THR F 6 55.07 -22.58 14.44
N ARG F 7 55.76 -21.49 14.15
CA ARG F 7 57.21 -21.55 14.02
C ARG F 7 57.86 -21.73 15.38
N LEU F 8 57.96 -22.96 15.82
CA LEU F 8 58.70 -23.28 17.03
C LEU F 8 60.16 -23.00 16.82
N LYS F 9 60.80 -22.38 17.79
CA LYS F 9 62.24 -22.45 17.78
C LYS F 9 62.67 -23.81 18.30
N VAL F 10 63.94 -24.12 18.15
CA VAL F 10 64.46 -25.39 18.63
C VAL F 10 65.64 -25.11 19.56
N ALA F 11 65.69 -25.82 20.68
CA ALA F 11 66.73 -25.60 21.67
C ALA F 11 67.70 -26.76 21.76
N ASP F 12 68.08 -27.36 20.64
CA ASP F 12 69.09 -28.41 20.66
C ASP F 12 70.10 -28.22 19.53
N ASN F 13 71.24 -28.90 19.69
CA ASN F 13 72.33 -28.83 18.74
C ASN F 13 72.19 -29.92 17.68
N SER F 14 71.09 -29.83 16.92
CA SER F 14 70.81 -30.80 15.88
C SER F 14 70.78 -30.21 14.50
N GLY F 15 71.27 -28.99 14.32
CA GLY F 15 71.41 -28.40 13.02
C GLY F 15 70.23 -27.56 12.59
N ALA F 16 69.03 -27.88 13.06
CA ALA F 16 67.88 -27.05 12.74
C ALA F 16 67.93 -25.77 13.55
N ARG F 17 67.36 -24.72 12.99
CA ARG F 17 67.22 -23.46 13.70
C ARG F 17 65.77 -23.08 13.90
N GLU F 18 64.99 -23.05 12.84
CA GLU F 18 63.55 -23.03 12.93
C GLU F 18 63.05 -24.45 12.72
N VAL F 19 61.92 -24.76 13.34
CA VAL F 19 61.18 -25.97 13.05
C VAL F 19 59.70 -25.64 12.97
N LEU F 20 59.07 -25.96 11.84
CA LEU F 20 57.67 -25.63 11.61
C LEU F 20 56.84 -26.90 11.70
N THR F 21 55.80 -26.87 12.52
CA THR F 21 55.04 -28.08 12.81
C THR F 21 54.17 -28.48 11.62
N ILE F 22 54.08 -29.79 11.39
CA ILE F 22 53.37 -30.33 10.26
C ILE F 22 52.09 -31.06 10.69
N LYS F 23 52.17 -31.86 11.74
CA LYS F 23 50.98 -32.54 12.22
C LYS F 23 51.09 -32.78 13.73
N VAL F 24 49.93 -32.91 14.37
CA VAL F 24 49.85 -33.34 15.75
C VAL F 24 49.82 -34.86 15.79
N LEU F 25 50.03 -35.43 16.96
CA LEU F 25 50.03 -36.88 17.12
C LEU F 25 49.09 -37.34 18.22
N ARG F 30 42.35 -34.19 18.38
CA ARG F 30 42.55 -32.83 18.86
C ARG F 30 43.31 -31.99 17.83
N LYS F 31 43.49 -30.71 18.13
CA LYS F 31 44.19 -29.81 17.23
C LYS F 31 45.28 -29.04 17.96
N THR F 32 45.10 -28.86 19.27
CA THR F 32 46.07 -28.13 20.08
C THR F 32 47.25 -29.03 20.42
N ALA F 33 48.19 -28.46 21.17
CA ALA F 33 49.31 -29.21 21.73
C ALA F 33 49.82 -28.41 22.92
N ASN F 34 49.44 -28.83 24.12
CA ASN F 34 49.72 -28.03 25.31
C ASN F 34 51.18 -28.11 25.71
N ILE F 35 51.66 -29.30 26.06
CA ILE F 35 53.04 -29.50 26.49
C ILE F 35 53.31 -31.00 26.43
N GLY F 36 54.59 -31.37 26.36
CA GLY F 36 55.00 -32.76 26.41
C GLY F 36 54.57 -33.63 25.25
N ASP F 37 54.22 -33.04 24.11
CA ASP F 37 53.74 -33.80 22.96
C ASP F 37 54.77 -33.84 21.86
N VAL F 38 54.81 -34.96 21.17
CA VAL F 38 55.71 -35.16 20.05
C VAL F 38 55.03 -34.66 18.78
N ILE F 39 55.81 -34.03 17.91
CA ILE F 39 55.30 -33.36 16.72
C ILE F 39 56.15 -33.77 15.53
N VAL F 40 55.51 -34.22 14.46
CA VAL F 40 56.19 -34.36 13.18
C VAL F 40 56.14 -33.01 12.46
N CYS F 41 57.26 -32.63 11.86
CA CYS F 41 57.49 -31.23 11.57
C CYS F 41 58.63 -31.06 10.59
N THR F 42 58.50 -30.07 9.70
CA THR F 42 59.57 -29.72 8.78
C THR F 42 60.57 -28.78 9.44
N VAL F 43 61.54 -28.32 8.66
CA VAL F 43 62.54 -27.35 9.08
C VAL F 43 62.71 -26.35 7.96
N LYS F 44 62.75 -25.05 8.29
CA LYS F 44 63.05 -24.02 7.30
C LYS F 44 64.50 -23.56 7.39
N GLN F 45 64.94 -23.08 8.54
CA GLN F 45 66.27 -22.53 8.69
C GLN F 45 67.21 -23.60 9.22
N ALA F 46 68.23 -23.92 8.44
CA ALA F 46 69.19 -24.96 8.78
C ALA F 46 70.58 -24.36 8.87
N THR F 47 71.28 -24.68 9.95
CA THR F 47 72.66 -24.23 10.14
C THR F 47 73.59 -25.00 9.20
N PRO F 48 74.80 -24.47 8.93
CA PRO F 48 75.73 -25.24 8.08
C PRO F 48 76.21 -26.54 8.69
N GLY F 49 76.79 -26.51 9.88
CA GLY F 49 77.29 -27.74 10.47
C GLY F 49 76.27 -28.40 11.35
N GLY F 50 75.49 -29.33 10.79
CA GLY F 50 74.43 -29.92 11.57
C GLY F 50 74.11 -31.33 11.10
N VAL F 51 73.32 -32.02 11.92
CA VAL F 51 73.00 -33.42 11.68
C VAL F 51 71.67 -33.59 10.95
N VAL F 52 70.87 -32.55 10.83
CA VAL F 52 69.60 -32.58 10.11
C VAL F 52 69.65 -31.50 9.06
N LYS F 53 69.33 -31.85 7.83
CA LYS F 53 69.25 -30.88 6.75
C LYS F 53 67.91 -30.18 6.77
N LYS F 54 67.71 -29.27 5.82
CA LYS F 54 66.42 -28.67 5.63
C LYS F 54 65.53 -29.61 4.84
N GLY F 55 64.27 -29.72 5.26
CA GLY F 55 63.27 -30.51 4.57
C GLY F 55 62.89 -31.80 5.24
N GLU F 56 63.72 -32.32 6.14
CA GLU F 56 63.47 -33.60 6.76
C GLU F 56 62.40 -33.49 7.83
N VAL F 57 61.36 -34.31 7.72
CA VAL F 57 60.26 -34.32 8.67
C VAL F 57 60.62 -35.25 9.80
N VAL F 58 60.85 -34.69 10.98
CA VAL F 58 61.35 -35.42 12.13
C VAL F 58 60.30 -35.37 13.23
N LYS F 59 60.29 -36.39 14.08
CA LYS F 59 59.47 -36.32 15.30
C LYS F 59 60.21 -35.53 16.37
N ALA F 60 59.52 -34.59 17.01
CA ALA F 60 60.17 -33.69 17.95
C ALA F 60 59.16 -33.23 19.00
N VAL F 61 59.66 -32.97 20.20
CA VAL F 61 58.79 -32.78 21.37
C VAL F 61 58.77 -31.32 21.79
N ILE F 62 57.69 -30.94 22.49
CA ILE F 62 57.41 -29.58 22.93
C ILE F 62 57.82 -29.42 24.38
N VAL F 63 58.61 -28.39 24.67
CA VAL F 63 59.09 -28.13 26.02
C VAL F 63 58.59 -26.81 26.56
N ARG F 64 58.93 -25.70 25.90
CA ARG F 64 58.61 -24.37 26.36
C ARG F 64 57.44 -23.82 25.58
N THR F 65 56.43 -23.35 26.28
CA THR F 65 55.32 -22.67 25.65
C THR F 65 54.92 -21.53 26.56
N LYS F 66 54.58 -20.39 25.97
CA LYS F 66 54.09 -19.26 26.74
C LYS F 66 52.78 -19.56 27.43
N SER F 67 52.00 -20.50 26.91
CA SER F 67 50.83 -20.92 27.66
C SER F 67 51.25 -21.85 28.79
N GLY F 68 50.34 -22.02 29.75
CA GLY F 68 50.71 -22.53 31.05
C GLY F 68 50.85 -24.04 31.12
N ALA F 69 51.37 -24.49 32.25
CA ALA F 69 51.34 -25.90 32.64
C ALA F 69 50.78 -25.95 34.06
N ARG F 70 49.45 -26.00 34.16
CA ARG F 70 48.76 -25.98 35.44
C ARG F 70 49.05 -27.28 36.17
N ARG F 71 49.91 -27.22 37.18
CA ARG F 71 50.22 -28.42 37.93
C ARG F 71 49.11 -28.70 38.94
N SER F 72 49.25 -29.83 39.64
CA SER F 72 48.30 -30.18 40.69
C SER F 72 48.50 -29.36 41.94
N ASP F 73 49.63 -28.66 42.05
CA ASP F 73 49.96 -27.85 43.20
C ASP F 73 49.09 -26.61 43.34
N GLY F 74 48.32 -26.27 42.31
CA GLY F 74 47.73 -24.96 42.14
C GLY F 74 48.63 -24.00 41.38
N SER F 75 49.95 -24.17 41.49
CA SER F 75 50.92 -23.31 40.85
C SER F 75 50.89 -23.49 39.34
N TYR F 76 51.44 -22.50 38.64
CA TYR F 76 51.50 -22.50 37.19
C TYR F 76 52.93 -22.26 36.76
N ILE F 77 53.23 -22.59 35.51
CA ILE F 77 54.49 -22.25 34.86
C ILE F 77 54.16 -21.79 33.46
N SER F 78 54.67 -20.62 33.07
CA SER F 78 54.61 -20.18 31.68
C SER F 78 55.97 -19.66 31.27
N PHE F 79 56.43 -20.08 30.09
CA PHE F 79 57.75 -19.73 29.64
C PHE F 79 57.70 -18.48 28.77
N ASP F 80 58.81 -18.21 28.08
CA ASP F 80 58.97 -17.01 27.27
C ASP F 80 58.85 -17.26 25.77
N GLU F 81 58.89 -18.50 25.33
CA GLU F 81 59.00 -18.79 23.91
C GLU F 81 58.45 -20.19 23.59
N ASN F 82 58.11 -20.40 22.33
CA ASN F 82 57.75 -21.74 21.87
C ASN F 82 59.00 -22.47 21.41
N ALA F 83 59.49 -23.40 22.23
CA ALA F 83 60.68 -24.15 21.88
C ALA F 83 60.31 -25.50 21.29
N CYS F 84 61.34 -26.30 21.07
CA CYS F 84 61.21 -27.66 20.57
C CYS F 84 62.52 -28.38 20.82
N VAL F 85 62.44 -29.68 21.03
CA VAL F 85 63.62 -30.53 21.11
C VAL F 85 63.44 -31.66 20.11
N ILE F 86 64.47 -31.91 19.31
CA ILE F 86 64.41 -32.96 18.30
C ILE F 86 64.79 -34.32 18.88
N ILE F 87 64.33 -35.39 18.25
CA ILE F 87 64.64 -36.74 18.71
C ILE F 87 64.93 -37.67 17.54
N ARG F 88 64.71 -38.97 17.76
CA ARG F 88 64.94 -39.98 16.72
C ARG F 88 64.13 -41.23 17.00
N ASP F 89 62.80 -41.08 16.98
CA ASP F 89 61.88 -42.18 17.22
C ASP F 89 62.23 -42.97 18.49
N ASP F 90 62.44 -42.25 19.58
CA ASP F 90 62.77 -42.86 20.86
C ASP F 90 62.52 -41.91 22.02
N LYS F 91 63.20 -42.13 23.13
CA LYS F 91 63.05 -41.29 24.31
C LYS F 91 64.21 -40.31 24.43
N SER F 92 65.32 -40.63 23.78
CA SER F 92 66.50 -39.79 23.80
C SER F 92 66.56 -38.89 22.57
N PRO F 93 66.96 -37.63 22.76
CA PRO F 93 67.07 -36.65 21.67
C PRO F 93 68.28 -36.91 20.79
N ARG F 94 68.14 -36.70 19.49
CA ARG F 94 69.24 -36.90 18.55
C ARG F 94 70.45 -36.08 18.98
N GLY F 95 70.24 -34.77 19.14
CA GLY F 95 71.28 -33.89 19.57
C GLY F 95 71.89 -34.30 20.89
N THR F 96 73.03 -33.69 21.21
CA THR F 96 73.72 -34.02 22.44
C THR F 96 73.22 -33.17 23.60
N ARG F 97 73.40 -31.86 23.52
CA ARG F 97 73.08 -30.96 24.61
C ARG F 97 71.95 -30.02 24.20
N ILE F 98 71.09 -29.72 25.15
CA ILE F 98 70.00 -28.78 24.95
C ILE F 98 70.27 -27.53 25.76
N PHE F 99 69.74 -26.41 25.28
CA PHE F 99 70.06 -25.10 25.81
C PHE F 99 68.85 -24.54 26.52
N GLY F 100 69.05 -24.08 27.74
CA GLY F 100 68.03 -23.36 28.45
C GLY F 100 67.29 -24.21 29.46
N PRO F 101 66.45 -23.57 30.27
CA PRO F 101 65.70 -24.30 31.28
C PRO F 101 64.56 -25.09 30.68
N VAL F 102 64.44 -26.32 31.15
CA VAL F 102 63.44 -27.27 30.68
C VAL F 102 62.32 -27.29 31.71
N ALA F 103 61.08 -27.42 31.22
CA ALA F 103 59.94 -27.57 32.12
C ALA F 103 60.03 -28.91 32.85
N ARG F 104 59.33 -29.00 33.98
CA ARG F 104 59.35 -30.23 34.76
C ARG F 104 58.00 -30.95 34.70
N GLU F 105 57.40 -30.98 33.52
CA GLU F 105 56.29 -31.86 33.20
C GLU F 105 56.75 -33.10 32.44
N LEU F 106 58.06 -33.31 32.33
CA LEU F 106 58.61 -34.49 31.69
C LEU F 106 58.73 -35.67 32.64
N ARG F 107 58.35 -35.50 33.90
CA ARG F 107 58.37 -36.60 34.83
C ARG F 107 57.26 -37.59 34.56
N GLU F 108 56.15 -37.14 33.98
CA GLU F 108 54.98 -38.02 33.89
C GLU F 108 55.08 -38.97 32.72
N ASN F 109 55.32 -38.47 31.51
CA ASN F 109 55.43 -39.31 30.35
C ASN F 109 56.86 -39.77 30.21
N ASN F 110 57.07 -40.75 29.34
CA ASN F 110 58.35 -41.45 29.27
C ASN F 110 59.36 -40.56 28.57
N PHE F 111 59.91 -39.61 29.34
CA PHE F 111 60.85 -38.64 28.83
C PHE F 111 61.97 -38.38 29.82
N MET F 112 62.29 -39.35 30.65
CA MET F 112 63.19 -39.09 31.77
C MET F 112 64.65 -38.98 31.37
N LYS F 113 64.98 -39.22 30.10
CA LYS F 113 66.36 -39.00 29.69
C LYS F 113 66.65 -37.55 29.38
N ILE F 114 65.63 -36.78 29.00
CA ILE F 114 65.83 -35.39 28.60
C ILE F 114 66.16 -34.52 29.81
N VAL F 115 65.51 -34.78 30.93
CA VAL F 115 65.77 -34.01 32.14
C VAL F 115 67.17 -34.32 32.68
N SER F 116 67.66 -35.54 32.45
CA SER F 116 68.96 -35.91 32.99
C SER F 116 70.09 -35.24 32.23
N LEU F 117 69.99 -35.18 30.91
CA LEU F 117 71.00 -34.50 30.12
C LEU F 117 70.87 -32.99 30.18
N ALA F 118 69.74 -32.49 30.68
CA ALA F 118 69.53 -31.05 30.72
C ALA F 118 70.39 -30.43 31.82
N PRO F 119 71.00 -29.28 31.57
CA PRO F 119 71.78 -28.63 32.61
C PRO F 119 70.93 -28.06 33.73
N GLU F 120 69.72 -27.61 33.44
CA GLU F 120 68.88 -27.00 34.47
C GLU F 120 67.42 -27.15 34.11
N VAL F 121 66.63 -27.64 35.07
CA VAL F 121 65.21 -27.89 34.88
C VAL F 121 64.45 -27.13 35.97
N LEU G 3 -56.96 0.33 -36.16
CA LEU G 3 -55.61 0.82 -35.93
C LEU G 3 -55.17 0.58 -34.48
N HIS G 4 -56.13 0.22 -33.63
CA HIS G 4 -55.85 -0.03 -32.23
C HIS G 4 -55.08 -1.34 -32.05
N GLU G 5 -55.43 -2.34 -32.85
CA GLU G 5 -54.77 -3.63 -32.79
C GLU G 5 -54.28 -4.09 -34.16
N LEU G 6 -53.34 -3.34 -34.72
CA LEU G 6 -52.79 -3.66 -36.03
C LEU G 6 -51.89 -4.89 -35.97
N LYS G 7 -52.50 -6.06 -36.05
CA LYS G 7 -51.75 -7.31 -36.00
C LYS G 7 -51.25 -7.71 -37.39
N PRO G 8 -49.92 -7.81 -37.54
CA PRO G 8 -49.26 -8.18 -38.80
C PRO G 8 -49.54 -9.62 -39.19
N SER G 9 -49.44 -9.91 -40.49
CA SER G 9 -49.69 -11.26 -40.99
C SER G 9 -48.73 -12.27 -40.37
N GLU G 10 -49.24 -13.47 -40.09
CA GLU G 10 -48.43 -14.52 -39.49
C GLU G 10 -47.39 -15.05 -40.47
N GLY G 11 -46.14 -15.09 -40.04
CA GLY G 11 -45.05 -15.59 -40.87
C GLY G 11 -44.49 -14.51 -41.79
N SER G 12 -44.59 -13.26 -41.35
CA SER G 12 -44.09 -12.14 -42.13
C SER G 12 -42.85 -11.51 -41.50
N ARG G 13 -42.73 -11.70 -40.18
CA ARG G 13 -41.59 -11.15 -39.44
C ARG G 13 -40.92 -12.24 -38.60
N LYS G 14 -39.62 -12.07 -38.37
CA LYS G 14 -38.85 -13.02 -37.58
C LYS G 14 -37.77 -12.29 -36.77
N THR G 15 -37.73 -12.56 -35.47
CA THR G 15 -36.75 -11.94 -34.58
C THR G 15 -35.32 -12.12 -35.11
N ARG G 16 -34.57 -11.03 -35.13
CA ARG G 16 -33.18 -11.07 -35.60
C ARG G 16 -32.30 -11.89 -34.68
N ASN G 17 -31.47 -12.76 -35.27
CA ASN G 17 -30.58 -13.61 -34.49
C ASN G 17 -29.47 -12.81 -33.82
N ARG G 18 -29.25 -13.09 -32.53
CA ARG G 18 -28.22 -12.41 -31.76
C ARG G 18 -27.07 -13.35 -31.42
N VAL G 19 -25.91 -12.78 -31.13
CA VAL G 19 -24.73 -13.56 -30.78
C VAL G 19 -24.00 -12.97 -29.58
N GLY G 20 -23.88 -13.76 -28.52
CA GLY G 20 -23.21 -13.31 -27.31
C GLY G 20 -24.18 -12.69 -26.32
N ARG G 21 -25.44 -13.05 -26.43
CA ARG G 21 -26.47 -12.53 -25.53
C ARG G 21 -27.19 -13.65 -24.80
N GLY G 22 -26.44 -14.67 -24.40
CA GLY G 22 -27.00 -15.80 -23.69
C GLY G 22 -26.20 -17.07 -23.89
N ILE G 23 -26.13 -17.89 -22.85
CA ILE G 23 -25.39 -19.15 -22.91
C ILE G 23 -26.27 -20.30 -23.37
N GLY G 24 -27.56 -20.22 -23.05
CA GLY G 24 -28.51 -21.24 -23.41
C GLY G 24 -29.23 -20.92 -24.71
N SER G 25 -29.14 -19.67 -25.13
CA SER G 25 -29.79 -19.21 -26.36
C SER G 25 -29.05 -19.73 -27.59
N GLY G 26 -27.76 -19.97 -27.44
CA GLY G 26 -26.94 -20.46 -28.54
C GLY G 26 -26.05 -19.38 -29.12
N ASN G 27 -24.86 -19.79 -29.58
CA ASN G 27 -23.90 -18.87 -30.17
C ASN G 27 -23.66 -17.61 -29.32
N GLY G 28 -23.17 -17.82 -28.11
CA GLY G 28 -22.89 -16.72 -27.20
C GLY G 28 -21.43 -16.62 -26.84
N LYS G 29 -20.80 -17.77 -26.63
CA LYS G 29 -19.39 -17.82 -26.28
C LYS G 29 -18.50 -17.41 -27.45
N THR G 30 -18.69 -18.06 -28.58
CA THR G 30 -17.93 -17.77 -29.79
C THR G 30 -18.82 -17.23 -30.89
N ALA G 31 -20.07 -16.92 -30.53
CA ALA G 31 -21.06 -16.39 -31.46
C ALA G 31 -21.19 -17.19 -32.75
N GLY G 32 -21.25 -18.52 -32.62
CA GLY G 32 -21.38 -19.40 -33.76
C GLY G 32 -20.42 -19.13 -34.89
N LYS G 33 -19.13 -18.99 -34.57
CA LYS G 33 -18.11 -18.72 -35.57
C LYS G 33 -16.95 -19.69 -35.47
N GLY G 34 -17.14 -20.76 -34.71
CA GLY G 34 -16.11 -21.77 -34.53
C GLY G 34 -15.20 -21.46 -33.36
N HIS G 35 -14.09 -22.18 -33.27
CA HIS G 35 -13.14 -21.98 -32.19
C HIS G 35 -11.82 -21.39 -32.71
N ASN G 68 -16.40 -9.36 -81.14
CA ASN G 68 -17.22 -8.76 -82.17
C ASN G 68 -17.51 -7.28 -81.89
N ILE G 69 -18.11 -6.60 -82.85
CA ILE G 69 -18.43 -5.19 -82.71
C ILE G 69 -19.94 -4.97 -82.72
N ASN G 70 -20.51 -4.82 -83.91
CA ASN G 70 -21.94 -4.60 -84.05
C ASN G 70 -22.70 -5.92 -84.24
N ARG G 71 -23.82 -6.06 -83.55
CA ARG G 71 -24.64 -7.27 -83.64
C ARG G 71 -26.07 -7.00 -83.22
N LYS G 72 -26.96 -6.90 -84.20
CA LYS G 72 -28.38 -6.63 -83.94
C LYS G 72 -29.07 -7.80 -83.24
N GLU G 73 -30.14 -7.48 -82.51
CA GLU G 73 -30.91 -8.47 -81.77
C GLU G 73 -32.39 -8.11 -81.79
N TYR G 74 -33.21 -9.01 -82.31
CA TYR G 74 -34.65 -8.78 -82.39
C TYR G 74 -35.38 -9.48 -81.25
N ALA G 75 -34.66 -9.71 -80.15
CA ALA G 75 -35.21 -10.37 -78.97
C ALA G 75 -35.95 -11.67 -79.32
N VAL G 76 -37.15 -11.82 -78.77
CA VAL G 76 -37.96 -13.00 -79.02
C VAL G 76 -39.44 -12.65 -79.16
N VAL G 77 -39.92 -12.59 -80.39
CA VAL G 77 -41.31 -12.27 -80.66
C VAL G 77 -42.13 -13.54 -80.85
N ASN G 78 -42.71 -14.04 -79.76
CA ASN G 78 -43.51 -15.25 -79.80
C ASN G 78 -44.72 -15.12 -80.73
N LEU G 79 -45.09 -16.22 -81.38
CA LEU G 79 -46.22 -16.24 -82.30
C LEU G 79 -47.55 -16.36 -81.55
N ASP G 80 -47.48 -16.79 -80.29
CA ASP G 80 -48.68 -16.95 -79.48
C ASP G 80 -49.06 -15.65 -78.78
N LYS G 81 -48.19 -14.66 -78.86
CA LYS G 81 -48.44 -13.37 -78.24
C LYS G 81 -49.33 -12.49 -79.11
N LEU G 82 -49.43 -12.85 -80.38
CA LEU G 82 -50.26 -12.10 -81.33
C LEU G 82 -51.66 -12.71 -81.44
N ASN G 83 -51.91 -13.74 -80.65
CA ASN G 83 -53.21 -14.41 -80.66
C ASN G 83 -54.27 -13.62 -79.91
N GLY G 84 -53.83 -12.74 -79.02
CA GLY G 84 -54.73 -11.91 -78.25
C GLY G 84 -55.43 -10.86 -79.09
N PHE G 85 -54.75 -10.41 -80.14
CA PHE G 85 -55.30 -9.40 -81.03
C PHE G 85 -56.50 -9.95 -81.79
N GLU G 90 -53.81 -4.91 -88.52
CA GLU G 90 -52.77 -3.90 -88.37
C GLU G 90 -51.73 -4.32 -87.34
N VAL G 91 -51.06 -5.45 -87.60
CA VAL G 91 -50.05 -5.97 -86.70
C VAL G 91 -48.69 -5.33 -86.97
N THR G 92 -48.53 -4.08 -86.54
CA THR G 92 -47.28 -3.36 -86.72
C THR G 92 -46.50 -3.27 -85.43
N PRO G 93 -45.20 -2.96 -85.52
CA PRO G 93 -44.31 -2.86 -84.35
C PRO G 93 -44.57 -1.57 -83.56
N GLU G 94 -45.15 -0.57 -84.21
CA GLU G 94 -45.45 0.69 -83.57
C GLU G 94 -46.49 0.54 -82.47
N LEU G 95 -47.50 -0.28 -82.73
CA LEU G 95 -48.57 -0.52 -81.76
C LEU G 95 -48.28 -1.75 -80.91
N LEU G 96 -47.32 -2.56 -81.35
CA LEU G 96 -46.96 -3.78 -80.63
C LEU G 96 -46.23 -3.46 -79.33
N LEU G 97 -45.52 -2.34 -79.31
CA LEU G 97 -44.76 -1.92 -78.14
C LEU G 97 -45.66 -1.21 -77.13
N GLU G 98 -46.84 -0.80 -77.56
CA GLU G 98 -47.79 -0.12 -76.70
C GLU G 98 -48.77 -1.10 -76.06
N THR G 99 -48.85 -2.29 -76.62
CA THR G 99 -49.75 -3.32 -76.11
C THR G 99 -49.06 -4.17 -75.03
N GLY G 100 -47.74 -4.18 -75.05
CA GLY G 100 -46.96 -4.94 -74.08
C GLY G 100 -46.26 -6.12 -74.71
N VAL G 101 -46.55 -6.36 -75.99
CA VAL G 101 -45.93 -7.48 -76.71
C VAL G 101 -44.43 -7.26 -76.87
N ILE G 102 -44.04 -6.01 -77.12
CA ILE G 102 -42.62 -5.68 -77.29
C ILE G 102 -42.18 -4.64 -76.27
N SER G 103 -41.24 -5.02 -75.42
CA SER G 103 -40.73 -4.12 -74.39
C SER G 103 -39.74 -3.12 -74.98
N LYS G 104 -38.60 -3.61 -75.42
CA LYS G 104 -37.57 -2.75 -76.00
C LYS G 104 -37.62 -2.78 -77.53
N LEU G 105 -37.25 -1.66 -78.16
CA LEU G 105 -37.25 -1.55 -79.61
C LEU G 105 -35.83 -1.53 -80.15
N ASN G 106 -35.40 -2.65 -80.72
CA ASN G 106 -34.07 -2.77 -81.28
C ASN G 106 -34.09 -2.96 -82.80
N ALA G 107 -33.41 -2.07 -83.51
CA ALA G 107 -33.34 -2.12 -84.97
C ALA G 107 -34.72 -2.27 -85.62
N GLY G 108 -35.12 -3.52 -85.85
CA GLY G 108 -36.40 -3.80 -86.47
C GLY G 108 -37.30 -4.66 -85.60
N VAL G 109 -37.82 -5.74 -86.18
CA VAL G 109 -38.69 -6.65 -85.45
C VAL G 109 -38.92 -7.94 -86.24
N LYS G 110 -38.54 -9.07 -85.66
CA LYS G 110 -38.70 -10.35 -86.31
C LYS G 110 -39.88 -11.14 -85.73
N ILE G 111 -40.64 -11.80 -86.61
CA ILE G 111 -41.79 -12.58 -86.19
C ILE G 111 -41.50 -14.07 -86.25
N LEU G 112 -41.56 -14.73 -85.10
CA LEU G 112 -41.30 -16.16 -85.01
C LEU G 112 -42.60 -16.96 -85.02
N GLY G 113 -42.54 -18.18 -85.54
CA GLY G 113 -43.70 -19.04 -85.61
C GLY G 113 -43.65 -20.16 -84.59
N ASN G 114 -43.53 -19.79 -83.31
CA ASN G 114 -43.46 -20.77 -82.24
C ASN G 114 -44.84 -21.32 -81.88
N GLY G 115 -45.84 -20.43 -81.82
CA GLY G 115 -47.19 -20.83 -81.49
C GLY G 115 -48.00 -21.21 -82.72
N LYS G 116 -49.33 -21.14 -82.59
CA LYS G 116 -50.21 -21.48 -83.70
C LYS G 116 -51.51 -20.68 -83.63
N LEU G 117 -51.70 -19.81 -84.61
CA LEU G 117 -52.91 -18.97 -84.68
C LEU G 117 -53.82 -19.42 -85.82
N THR G 122 -52.93 -8.39 -91.54
CA THR G 122 -52.17 -7.35 -92.23
C THR G 122 -50.93 -6.95 -91.44
N VAL G 123 -49.86 -7.74 -91.57
CA VAL G 123 -48.62 -7.46 -90.85
C VAL G 123 -47.61 -6.79 -91.76
N LYS G 124 -47.11 -5.63 -91.33
CA LYS G 124 -46.13 -4.88 -92.11
C LYS G 124 -44.92 -4.52 -91.26
N ALA G 125 -43.93 -5.41 -91.25
CA ALA G 125 -42.70 -5.18 -90.49
C ALA G 125 -41.48 -5.21 -91.38
N ASN G 126 -40.61 -6.20 -91.16
CA ASN G 126 -39.39 -6.34 -91.95
C ASN G 126 -38.89 -7.77 -91.98
N LYS G 127 -38.38 -8.25 -90.84
CA LYS G 127 -37.87 -9.61 -90.74
C LYS G 127 -38.96 -10.57 -90.29
N PHE G 128 -39.17 -11.64 -91.07
CA PHE G 128 -40.18 -12.63 -90.74
C PHE G 128 -39.65 -14.05 -90.94
N SER G 129 -39.78 -14.87 -89.90
CA SER G 129 -39.32 -16.25 -89.95
C SER G 129 -40.11 -17.06 -90.97
N ALA G 130 -39.45 -18.05 -91.57
CA ALA G 130 -40.10 -18.90 -92.57
C ALA G 130 -41.38 -19.53 -92.02
N SER G 131 -41.30 -20.08 -90.82
CA SER G 131 -42.44 -20.72 -90.18
C SER G 131 -43.61 -19.75 -90.06
N ALA G 132 -43.32 -18.53 -89.61
CA ALA G 132 -44.35 -17.51 -89.44
C ALA G 132 -44.97 -17.12 -90.78
N LYS G 133 -44.12 -16.90 -91.79
CA LYS G 133 -44.59 -16.52 -93.11
C LYS G 133 -45.61 -17.53 -93.63
N GLU G 134 -45.27 -18.81 -93.54
CA GLU G 134 -46.16 -19.87 -94.01
C GLU G 134 -47.42 -19.95 -93.15
N ALA G 135 -47.25 -19.70 -91.84
CA ALA G 135 -48.37 -19.73 -90.92
C ALA G 135 -49.30 -18.55 -91.15
N VAL G 136 -48.74 -17.43 -91.57
CA VAL G 136 -49.51 -16.22 -91.83
C VAL G 136 -50.27 -16.34 -93.15
N GLU G 137 -49.73 -17.15 -94.06
CA GLU G 137 -50.35 -17.36 -95.36
C GLU G 137 -51.36 -18.49 -95.31
N ALA G 138 -51.21 -19.36 -94.31
CA ALA G 138 -52.12 -20.49 -94.13
C ALA G 138 -53.41 -20.07 -93.44
N ALA G 139 -53.36 -18.93 -92.76
CA ALA G 139 -54.53 -18.41 -92.06
C ALA G 139 -55.20 -17.29 -92.84
N SER H 2 23.38 -2.89 37.60
CA SER H 2 24.18 -1.84 37.00
C SER H 2 23.48 -0.51 37.08
N TYR H 3 24.00 0.46 36.35
CA TYR H 3 23.36 1.76 36.24
C TYR H 3 22.67 1.86 34.90
N ARG H 4 21.72 2.78 34.81
CA ARG H 4 21.08 3.00 33.54
C ARG H 4 21.99 3.76 32.61
N LYS H 5 21.55 3.90 31.36
CA LYS H 5 22.29 4.66 30.38
C LYS H 5 21.52 5.81 29.79
N LEU H 6 20.20 5.85 29.97
CA LEU H 6 19.29 6.95 29.67
C LEU H 6 19.13 7.26 28.19
N GLY H 7 19.88 6.61 27.32
CA GLY H 7 19.76 6.87 25.90
C GLY H 7 20.70 7.92 25.36
N ARG H 8 21.86 8.10 25.97
CA ARG H 8 22.88 9.01 25.49
C ARG H 8 24.15 8.23 25.27
N THR H 9 25.21 8.96 24.95
CA THR H 9 26.53 8.39 24.96
C THR H 9 27.22 8.82 26.24
N SER H 10 28.45 8.36 26.48
CA SER H 10 29.12 8.64 27.74
C SER H 10 29.50 10.10 27.87
N ALA H 11 29.60 10.81 26.75
CA ALA H 11 29.82 12.24 26.81
C ALA H 11 28.61 12.95 27.38
N GLN H 12 27.43 12.67 26.82
CA GLN H 12 26.25 13.39 27.27
C GLN H 12 25.73 12.90 28.61
N ARG H 13 25.88 11.60 28.89
CA ARG H 13 25.36 11.07 30.15
C ARG H 13 26.09 11.67 31.32
N LYS H 14 27.41 11.82 31.19
CA LYS H 14 28.15 12.55 32.19
C LYS H 14 27.73 14.00 32.21
N ALA H 15 27.63 14.62 31.05
CA ALA H 15 27.37 16.04 30.97
C ALA H 15 25.90 16.38 30.90
N MET H 16 25.03 15.52 31.41
CA MET H 16 23.66 15.93 31.71
C MET H 16 23.30 15.74 33.16
N LEU H 17 23.80 14.66 33.78
CA LEU H 17 23.71 14.57 35.23
C LEU H 17 24.62 15.56 35.89
N ARG H 18 25.67 16.00 35.21
CA ARG H 18 26.44 17.13 35.72
C ARG H 18 25.61 18.39 35.69
N ASP H 19 24.69 18.52 34.74
CA ASP H 19 23.82 19.69 34.74
C ASP H 19 22.79 19.61 35.85
N LEU H 20 22.10 18.49 35.96
CA LEU H 20 20.90 18.43 36.79
C LEU H 20 21.21 18.51 38.27
N THR H 21 22.42 18.20 38.69
CA THR H 21 22.75 18.45 40.07
C THR H 21 22.88 19.94 40.34
N THR H 22 23.53 20.67 39.45
CA THR H 22 23.80 22.06 39.77
C THR H 22 22.64 22.95 39.47
N ASP H 23 21.62 22.45 38.80
CA ASP H 23 20.39 23.20 38.69
C ASP H 23 19.34 22.66 39.64
N LEU H 24 19.75 21.85 40.62
CA LEU H 24 18.92 21.42 41.73
C LEU H 24 19.23 22.15 43.01
N ILE H 25 20.51 22.38 43.27
CA ILE H 25 20.93 23.13 44.44
C ILE H 25 20.43 24.56 44.38
N ILE H 26 20.20 25.06 43.17
CA ILE H 26 19.79 26.44 43.03
C ILE H 26 18.30 26.61 43.30
N ASN H 27 17.48 25.64 42.89
CA ASN H 27 16.03 25.85 42.95
C ASN H 27 15.29 24.94 43.92
N GLU H 28 15.85 23.79 44.28
CA GLU H 28 15.32 22.78 45.20
C GLU H 28 14.05 22.09 44.73
N ARG H 29 13.51 22.41 43.56
CA ARG H 29 12.42 21.65 42.97
C ARG H 29 12.65 21.57 41.48
N ILE H 30 12.71 20.35 40.97
CA ILE H 30 13.08 20.10 39.59
C ILE H 30 12.09 19.11 39.01
N GLU H 31 11.51 19.43 37.86
CA GLU H 31 10.71 18.44 37.16
C GLU H 31 11.54 17.74 36.10
N THR H 32 11.51 16.42 36.10
CA THR H 32 12.17 15.65 35.06
C THR H 32 11.28 14.45 34.73
N THR H 33 11.83 13.49 34.03
CA THR H 33 11.23 12.18 33.94
C THR H 33 11.73 11.33 35.09
N GLU H 34 10.98 10.26 35.38
CA GLU H 34 11.28 9.47 36.57
C GLU H 34 12.58 8.71 36.43
N THR H 35 12.81 8.11 35.27
CA THR H 35 14.02 7.32 35.11
C THR H 35 15.24 8.20 34.99
N ARG H 36 15.07 9.48 34.73
CA ARG H 36 16.16 10.41 34.90
C ARG H 36 16.24 10.87 36.35
N ALA H 37 15.11 10.94 37.03
CA ALA H 37 15.12 11.34 38.43
C ALA H 37 15.65 10.23 39.32
N LYS H 38 15.27 8.99 39.05
CA LYS H 38 15.74 7.86 39.84
C LYS H 38 17.22 7.61 39.68
N GLU H 39 17.79 8.07 38.58
CA GLU H 39 19.23 8.04 38.45
C GLU H 39 19.87 9.24 39.12
N LEU H 40 19.10 10.29 39.37
CA LEU H 40 19.68 11.48 39.94
C LEU H 40 19.91 11.36 41.43
N ARG H 41 19.15 10.53 42.12
CA ARG H 41 19.30 10.49 43.56
C ARG H 41 20.46 9.64 44.01
N SER H 42 21.39 9.31 43.14
CA SER H 42 22.61 8.66 43.56
C SER H 42 23.82 9.56 43.48
N VAL H 43 23.70 10.73 42.85
CA VAL H 43 24.81 11.65 42.71
C VAL H 43 24.60 12.89 43.57
N VAL H 44 23.39 13.44 43.57
CA VAL H 44 23.06 14.58 44.42
C VAL H 44 23.24 14.21 45.88
N GLU H 45 22.85 13.00 46.25
CA GLU H 45 23.12 12.54 47.59
C GLU H 45 24.59 12.28 47.84
N LYS H 46 25.41 12.18 46.80
CA LYS H 46 26.83 11.94 46.97
C LYS H 46 27.68 13.19 46.76
N MET H 47 27.06 14.35 46.52
CA MET H 47 27.77 15.62 46.57
C MET H 47 27.52 16.37 47.85
N ILE H 48 26.29 16.26 48.37
CA ILE H 48 25.96 16.82 49.67
C ILE H 48 26.82 16.19 50.75
N THR H 49 27.14 14.91 50.60
CA THR H 49 28.00 14.24 51.56
C THR H 49 29.40 14.82 51.58
N LEU H 50 29.89 15.30 50.45
CA LEU H 50 31.15 16.04 50.48
C LEU H 50 30.95 17.43 51.09
N GLY H 51 29.76 18.00 50.94
CA GLY H 51 29.50 19.32 51.50
C GLY H 51 29.48 19.29 53.02
N LYS H 52 29.00 18.19 53.59
CA LYS H 52 29.02 18.09 55.04
C LYS H 52 30.42 17.85 55.59
N ARG H 53 31.36 17.44 54.75
CA ARG H 53 32.72 17.27 55.25
C ARG H 53 33.38 18.62 55.46
N GLY H 54 33.54 19.41 54.41
CA GLY H 54 33.80 20.83 54.54
C GLY H 54 35.24 21.29 54.39
N ASP H 55 36.20 20.41 54.19
CA ASP H 55 37.57 20.86 54.04
C ASP H 55 37.80 21.41 52.63
N LEU H 56 39.02 21.89 52.38
CA LEU H 56 39.34 22.38 51.05
C LEU H 56 39.32 21.27 50.03
N HIS H 57 39.82 20.09 50.42
CA HIS H 57 39.95 18.96 49.50
C HIS H 57 38.59 18.46 49.03
N ALA H 58 37.55 18.68 49.82
CA ALA H 58 36.22 18.38 49.32
C ALA H 58 35.69 19.48 48.44
N ARG H 59 36.24 20.69 48.57
CA ARG H 59 35.81 21.81 47.75
C ARG H 59 36.29 21.63 46.33
N ARG H 60 37.48 21.05 46.18
CA ARG H 60 38.06 20.79 44.87
C ARG H 60 37.41 19.56 44.26
N GLN H 61 36.98 18.64 45.12
CA GLN H 61 36.33 17.42 44.68
C GLN H 61 34.93 17.73 44.15
N ALA H 62 34.30 18.73 44.75
CA ALA H 62 32.96 19.15 44.33
C ALA H 62 33.05 20.09 43.14
N ALA H 63 34.24 20.66 42.93
CA ALA H 63 34.46 21.57 41.81
C ALA H 63 34.44 20.82 40.49
N ALA H 64 34.89 19.57 40.51
CA ALA H 64 34.93 18.73 39.33
C ALA H 64 33.54 18.67 38.69
N TYR H 65 32.53 18.40 39.50
CA TYR H 65 31.16 18.32 39.02
C TYR H 65 30.59 19.70 38.79
N ILE H 66 30.46 20.47 39.86
CA ILE H 66 29.43 21.48 39.95
C ILE H 66 29.79 22.69 39.10
N ARG H 67 28.83 23.14 38.30
CA ARG H 67 29.00 24.17 37.30
C ARG H 67 29.28 25.52 37.93
N ASN H 68 29.58 26.50 37.07
CA ASN H 68 29.94 27.83 37.52
C ASN H 68 28.81 28.82 37.35
N GLU H 69 27.59 28.34 37.26
CA GLU H 69 26.44 29.24 37.17
C GLU H 69 26.28 30.00 38.47
N VAL H 70 25.90 31.27 38.37
CA VAL H 70 25.67 32.08 39.56
C VAL H 70 24.45 31.53 40.29
N ALA H 71 24.64 31.16 41.54
CA ALA H 71 23.59 30.45 42.25
C ALA H 71 22.48 31.41 42.68
N ASN H 72 22.83 32.42 43.44
CA ASN H 72 21.86 33.38 43.93
C ASN H 72 22.29 34.78 43.54
N GLU H 73 21.31 35.57 43.12
CA GLU H 73 21.57 36.99 42.90
C GLU H 73 21.69 37.71 44.23
N GLU H 74 22.21 38.93 44.17
CA GLU H 74 22.39 39.87 45.29
C GLU H 74 23.37 39.36 46.34
N ASN H 75 24.09 38.29 46.06
CA ASN H 75 25.18 37.82 46.90
C ASN H 75 26.38 37.38 46.09
N ASN H 76 26.26 37.31 44.76
CA ASN H 76 27.26 36.76 43.84
C ASN H 76 27.66 35.34 44.24
N GLN H 77 26.69 34.57 44.71
CA GLN H 77 26.98 33.24 45.21
C GLN H 77 27.19 32.28 44.05
N ASP H 78 28.33 31.62 44.06
CA ASP H 78 28.50 30.42 43.26
C ASP H 78 27.67 29.29 43.87
N ALA H 79 27.46 28.23 43.09
CA ALA H 79 26.78 27.07 43.63
C ALA H 79 27.61 26.41 44.73
N LEU H 80 28.92 26.34 44.51
CA LEU H 80 29.81 25.74 45.49
C LEU H 80 29.74 26.46 46.83
N GLN H 81 29.45 27.75 46.78
CA GLN H 81 29.35 28.57 47.98
C GLN H 81 27.94 28.50 48.57
N LYS H 82 26.97 28.13 47.74
CA LYS H 82 25.59 28.03 48.19
C LYS H 82 25.23 26.61 48.61
N LEU H 83 26.23 25.74 48.65
CA LEU H 83 26.02 24.35 49.02
C LEU H 83 26.97 23.93 50.14
N PHE H 84 27.92 24.80 50.46
CA PHE H 84 28.89 24.51 51.51
C PHE H 84 28.71 25.43 52.72
N SER H 85 27.58 26.13 52.75
CA SER H 85 27.29 27.05 53.85
C SER H 85 25.79 27.26 53.99
N ASP H 86 25.01 26.65 53.10
CA ASP H 86 23.56 26.77 53.14
C ASP H 86 22.89 25.41 53.27
N ILE H 87 23.21 24.51 52.36
CA ILE H 87 22.64 23.16 52.38
C ILE H 87 23.35 22.27 53.39
N ALA H 88 24.57 22.67 53.76
CA ALA H 88 25.36 21.91 54.72
C ALA H 88 24.96 22.24 56.15
N THR H 89 24.39 23.42 56.34
CA THR H 89 23.97 23.86 57.67
C THR H 89 22.49 23.57 57.90
N ARG H 90 21.86 22.92 56.91
CA ARG H 90 20.45 22.58 57.00
C ARG H 90 20.25 21.10 57.34
N TYR H 91 21.26 20.29 57.02
CA TYR H 91 21.19 18.86 57.29
C TYR H 91 22.43 18.36 58.04
N GLU H 92 22.74 19.00 59.16
CA GLU H 92 23.89 18.61 59.96
C GLU H 92 23.60 17.41 60.85
N GLU H 93 22.34 17.05 61.01
CA GLU H 93 21.93 16.02 61.95
C GLU H 93 21.40 14.77 61.28
N ARG H 94 21.13 14.82 59.98
CA ARG H 94 20.53 13.74 59.25
C ARG H 94 21.61 12.84 58.65
N GLN H 95 21.25 11.61 58.39
CA GLN H 95 22.12 10.70 57.67
C GLN H 95 21.29 9.99 56.62
N GLY H 96 21.55 10.29 55.35
CA GLY H 96 20.87 9.66 54.25
C GLY H 96 19.47 10.16 54.00
N GLY H 97 19.04 10.11 52.76
CA GLY H 97 17.65 10.37 52.44
C GLY H 97 17.31 11.81 52.25
N TYR H 98 18.20 12.58 51.64
CA TYR H 98 18.03 14.01 51.52
C TYR H 98 16.95 14.42 50.54
N THR H 99 16.54 13.54 49.64
CA THR H 99 15.58 13.88 48.60
C THR H 99 14.25 13.22 48.88
N ARG H 100 13.27 13.52 48.06
CA ARG H 100 12.01 12.78 48.09
C ARG H 100 11.42 12.82 46.69
N ILE H 101 11.62 11.73 45.95
CA ILE H 101 11.14 11.61 44.59
C ILE H 101 9.64 11.37 44.64
N MET H 102 8.87 12.35 44.17
CA MET H 102 7.43 12.23 44.13
C MET H 102 6.98 12.18 42.69
N LYS H 103 6.00 11.34 42.39
CA LYS H 103 5.64 11.06 41.01
C LYS H 103 4.39 11.83 40.61
N LEU H 104 4.27 12.14 39.34
CA LEU H 104 3.09 12.81 38.80
C LEU H 104 2.50 11.97 37.68
N GLY H 105 1.61 12.57 36.92
CA GLY H 105 1.07 11.95 35.73
C GLY H 105 2.05 11.95 34.57
N PRO H 106 1.58 11.56 33.39
CA PRO H 106 2.44 11.56 32.22
C PRO H 106 2.40 12.89 31.46
N ARG H 107 3.37 13.05 30.56
CA ARG H 107 3.38 14.22 29.69
C ARG H 107 2.33 14.11 28.60
N ARG H 108 2.24 15.15 27.81
CA ARG H 108 1.38 15.11 26.65
C ARG H 108 2.15 14.75 25.40
N GLY H 109 3.45 14.94 25.41
CA GLY H 109 4.24 14.65 24.24
C GLY H 109 4.45 13.16 24.02
N ASP H 110 5.18 12.52 24.92
CA ASP H 110 5.60 11.16 24.74
C ASP H 110 5.40 10.33 25.99
N GLY H 111 4.31 10.59 26.71
CA GLY H 111 3.82 9.72 27.77
C GLY H 111 4.76 9.47 28.92
N ALA H 112 5.72 10.33 29.13
CA ALA H 112 6.80 10.04 30.05
C ALA H 112 6.34 10.19 31.49
N PRO H 113 6.79 9.32 32.37
CA PRO H 113 6.48 9.46 33.80
C PRO H 113 7.22 10.63 34.42
N MET H 114 6.50 11.71 34.70
CA MET H 114 7.08 12.91 35.28
C MET H 114 7.26 12.76 36.78
N ALA H 115 8.33 13.36 37.30
CA ALA H 115 8.71 13.13 38.69
C ALA H 115 9.36 14.37 39.26
N ILE H 116 8.65 15.07 40.15
CA ILE H 116 9.23 16.16 40.89
C ILE H 116 10.26 15.61 41.86
N ILE H 117 11.47 16.01 41.72
CA ILE H 117 12.44 15.81 42.78
C ILE H 117 12.39 17.03 43.66
N GLU H 118 12.68 16.87 44.95
CA GLU H 118 12.97 18.02 45.77
C GLU H 118 13.86 17.57 46.91
N LEU H 119 14.55 18.53 47.50
CA LEU H 119 15.31 18.26 48.71
C LEU H 119 14.37 18.33 49.90
N VAL H 120 14.66 17.53 50.91
CA VAL H 120 13.73 17.37 52.03
C VAL H 120 13.78 18.57 52.96
N GLN I 2 29.58 -12.28 52.34
CA GLN I 2 30.49 -13.42 52.32
C GLN I 2 31.02 -13.72 53.71
N LYS I 3 30.24 -13.34 54.72
CA LYS I 3 30.64 -13.55 56.11
C LYS I 3 30.76 -15.03 56.44
N LEU I 4 29.82 -15.84 55.94
CA LEU I 4 29.86 -17.28 56.17
C LEU I 4 31.05 -17.91 55.47
N ILE I 5 31.47 -17.34 54.35
CA ILE I 5 32.63 -17.80 53.62
C ILE I 5 33.92 -17.31 54.28
N GLU I 6 33.84 -16.19 54.99
CA GLU I 6 35.03 -15.54 55.52
C GLU I 6 35.66 -16.35 56.64
N ASP I 7 34.84 -16.80 57.58
CA ASP I 7 35.40 -17.40 58.78
C ASP I 7 35.86 -18.84 58.57
N ILE I 8 35.27 -19.55 57.60
CA ILE I 8 35.58 -20.97 57.45
C ILE I 8 36.91 -21.24 56.78
N THR I 9 37.64 -20.21 56.40
CA THR I 9 38.96 -20.43 55.84
C THR I 9 40.09 -19.98 56.75
N LYS I 10 39.78 -19.46 57.94
CA LYS I 10 40.81 -18.96 58.85
C LYS I 10 41.70 -20.06 59.40
N GLU I 11 41.28 -21.31 59.29
CA GLU I 11 42.06 -22.43 59.80
C GLU I 11 43.20 -22.80 58.86
N GLN I 12 43.13 -22.38 57.60
CA GLN I 12 44.18 -22.65 56.65
C GLN I 12 44.94 -21.40 56.23
N LEU I 13 44.43 -20.21 56.57
CA LEU I 13 45.02 -18.96 56.13
C LEU I 13 46.37 -18.75 56.81
N ARG I 14 47.44 -18.80 56.03
CA ARG I 14 48.76 -18.52 56.56
C ARG I 14 48.85 -17.04 56.90
N THR I 15 49.35 -16.74 58.10
CA THR I 15 49.48 -15.37 58.57
C THR I 15 50.92 -14.93 58.71
N ASP I 16 51.88 -15.84 58.52
CA ASP I 16 53.29 -15.53 58.72
C ASP I 16 53.95 -14.91 57.52
N LEU I 17 53.18 -14.54 56.50
CA LEU I 17 53.76 -13.97 55.29
C LEU I 17 54.25 -12.56 55.58
N PRO I 18 55.47 -12.21 55.15
CA PRO I 18 55.90 -10.81 55.24
C PRO I 18 55.14 -9.95 54.25
N ALA I 19 55.06 -8.67 54.56
CA ALA I 19 54.42 -7.73 53.66
C ALA I 19 55.38 -7.34 52.57
N PHE I 20 54.95 -7.47 51.31
CA PHE I 20 55.83 -7.14 50.20
C PHE I 20 55.00 -6.58 49.06
N ARG I 21 55.45 -5.45 48.55
CA ARG I 21 54.81 -4.72 47.48
C ARG I 21 55.11 -5.40 46.14
N PRO I 22 54.41 -5.05 45.06
CA PRO I 22 54.69 -5.68 43.75
C PRO I 22 56.11 -5.53 43.25
N GLY I 23 56.69 -4.35 43.29
CA GLY I 23 58.05 -4.25 42.81
C GLY I 23 59.04 -4.57 43.91
N ASP I 24 59.56 -5.79 43.90
CA ASP I 24 60.62 -6.21 44.81
C ASP I 24 61.23 -7.49 44.28
N THR I 25 62.25 -7.96 44.97
CA THR I 25 63.00 -9.13 44.55
C THR I 25 63.14 -10.05 45.74
N LEU I 26 62.69 -11.30 45.57
CA LEU I 26 62.69 -12.25 46.66
C LEU I 26 63.12 -13.61 46.15
N ARG I 27 63.41 -14.48 47.12
CA ARG I 27 63.58 -15.90 46.88
C ARG I 27 62.69 -16.65 47.86
N VAL I 28 62.10 -17.75 47.39
CA VAL I 28 61.13 -18.50 48.17
C VAL I 28 61.73 -19.84 48.56
N HIS I 29 61.13 -20.46 49.56
CA HIS I 29 61.51 -21.78 50.04
C HIS I 29 60.38 -22.73 49.70
N VAL I 30 60.43 -23.32 48.51
CA VAL I 30 59.41 -24.27 48.07
C VAL I 30 59.99 -25.66 48.20
N LYS I 31 59.41 -26.46 49.08
CA LYS I 31 59.78 -27.86 49.16
C LYS I 31 59.23 -28.59 47.96
N VAL I 32 59.96 -29.61 47.50
CA VAL I 32 59.47 -30.47 46.43
C VAL I 32 59.80 -31.91 46.82
N VAL I 33 58.92 -32.81 46.41
CA VAL I 33 59.12 -34.23 46.56
C VAL I 33 59.42 -34.79 45.15
N ARG I 39 63.01 -32.40 48.80
CA ARG I 39 63.99 -31.42 48.36
C ARG I 39 63.44 -30.02 48.52
N ILE I 40 64.20 -29.17 49.21
CA ILE I 40 63.82 -27.78 49.46
C ILE I 40 64.74 -26.92 48.60
N GLN I 41 64.25 -26.54 47.43
CA GLN I 41 65.04 -25.70 46.54
C GLN I 41 64.60 -24.24 46.66
N ILE I 42 65.53 -23.35 46.35
CA ILE I 42 65.31 -21.93 46.52
C ILE I 42 65.08 -21.33 45.14
N PHE I 43 64.03 -20.52 45.03
CA PHE I 43 63.61 -19.99 43.74
C PHE I 43 63.56 -18.48 43.86
N GLU I 44 64.52 -17.79 43.24
CA GLU I 44 64.62 -16.34 43.28
C GLU I 44 64.00 -15.72 42.03
N GLY I 45 63.98 -14.39 42.01
CA GLY I 45 63.45 -13.66 40.88
C GLY I 45 62.64 -12.47 41.35
N VAL I 46 61.84 -11.92 40.45
CA VAL I 46 61.21 -10.61 40.62
C VAL I 46 59.70 -10.75 40.60
N VAL I 47 59.03 -10.07 41.53
CA VAL I 47 57.57 -10.18 41.71
C VAL I 47 56.86 -9.31 40.67
N ILE I 48 55.66 -9.70 40.28
CA ILE I 48 54.82 -8.81 39.48
C ILE I 48 53.46 -8.57 40.13
N LYS I 49 52.66 -9.60 40.33
CA LYS I 49 51.27 -9.35 40.67
C LYS I 49 51.01 -9.55 42.15
N ARG I 50 49.87 -9.04 42.59
CA ARG I 50 49.32 -9.36 43.90
C ARG I 50 47.80 -9.37 43.84
N ARG I 51 47.23 -10.05 42.86
CA ARG I 51 45.79 -10.19 42.83
C ARG I 51 45.71 -10.84 44.19
N GLY I 52 44.69 -10.48 44.98
CA GLY I 52 44.42 -11.15 46.23
C GLY I 52 42.96 -11.21 46.58
N GLY I 53 42.70 -11.36 47.88
CA GLY I 53 41.33 -11.45 48.37
C GLY I 53 40.95 -12.64 49.23
N GLY I 54 41.90 -13.22 49.96
CA GLY I 54 41.59 -14.34 50.82
C GLY I 54 42.61 -15.43 50.76
N ILE I 55 42.21 -16.59 50.24
CA ILE I 55 43.19 -17.61 49.87
C ILE I 55 43.67 -17.37 48.46
N SER I 56 42.95 -16.55 47.70
CA SER I 56 43.23 -16.27 46.30
C SER I 56 44.40 -15.31 46.10
N GLU I 57 45.21 -15.08 47.13
CA GLU I 57 46.42 -14.29 46.97
C GLU I 57 47.39 -15.01 46.05
N THR I 58 47.89 -14.28 45.06
CA THR I 58 48.87 -14.78 44.12
C THR I 58 50.17 -14.06 44.33
N PHE I 59 51.21 -14.54 43.68
CA PHE I 59 52.43 -13.77 43.44
C PHE I 59 53.13 -14.47 42.29
N THR I 60 53.56 -13.72 41.28
CA THR I 60 54.03 -14.31 40.04
C THR I 60 55.47 -13.89 39.86
N VAL I 61 56.39 -14.66 40.40
CA VAL I 61 57.80 -14.30 40.33
C VAL I 61 58.34 -14.64 38.95
N ARG I 62 58.89 -13.64 38.27
CA ARG I 62 59.56 -13.87 36.99
C ARG I 62 61.06 -13.89 37.22
N LYS I 63 61.76 -14.56 36.31
CA LYS I 63 63.16 -14.89 36.58
C LYS I 63 63.85 -15.18 35.27
N ILE I 64 64.79 -14.32 34.89
CA ILE I 64 65.67 -14.62 33.77
C ILE I 64 66.70 -15.64 34.23
N SER I 65 66.81 -16.74 33.49
CA SER I 65 67.80 -17.76 33.80
C SER I 65 68.08 -18.52 32.52
N TYR I 66 69.35 -18.51 32.10
CA TYR I 66 69.81 -19.06 30.81
C TYR I 66 69.09 -18.43 29.63
N GLY I 67 68.79 -17.13 29.74
CA GLY I 67 68.20 -16.40 28.64
C GLY I 67 66.73 -16.65 28.40
N VAL I 68 66.09 -17.49 29.19
CA VAL I 68 64.64 -17.69 29.09
C VAL I 68 64.04 -17.40 30.46
N GLY I 69 62.96 -16.62 30.46
CA GLY I 69 62.30 -16.28 31.70
C GLY I 69 61.17 -17.23 32.02
N VAL I 70 61.04 -17.56 33.30
CA VAL I 70 59.94 -18.38 33.78
C VAL I 70 59.10 -17.52 34.72
N GLU I 71 57.78 -17.53 34.52
CA GLU I 71 56.91 -16.80 35.42
C GLU I 71 56.23 -17.76 36.41
N ARG I 72 57.08 -18.38 37.21
CA ARG I 72 56.60 -19.45 38.08
C ARG I 72 55.83 -18.85 39.25
N THR I 73 54.51 -18.79 39.10
CA THR I 73 53.66 -18.31 40.17
C THR I 73 53.29 -19.39 41.17
N PHE I 74 52.80 -18.95 42.32
CA PHE I 74 52.28 -19.81 43.36
C PHE I 74 51.20 -19.03 44.08
N PRO I 75 50.26 -19.69 44.72
CA PRO I 75 49.49 -19.02 45.78
C PRO I 75 50.35 -18.93 47.03
N VAL I 76 49.99 -18.01 47.92
CA VAL I 76 50.89 -17.65 48.99
C VAL I 76 50.67 -18.48 50.24
N HIS I 77 49.65 -19.31 50.27
CA HIS I 77 49.31 -20.05 51.47
C HIS I 77 49.62 -21.53 51.36
N THR I 78 50.35 -21.95 50.34
CA THR I 78 50.59 -23.38 50.21
C THR I 78 51.67 -23.85 51.19
N PRO I 79 51.53 -25.07 51.72
CA PRO I 79 52.60 -25.64 52.54
C PRO I 79 53.72 -26.25 51.73
N LYS I 80 53.66 -26.20 50.40
CA LYS I 80 54.90 -26.34 49.66
C LYS I 80 55.81 -25.15 49.90
N ILE I 81 55.22 -23.96 50.06
CA ILE I 81 55.98 -22.77 50.44
C ILE I 81 56.30 -22.84 51.93
N ALA I 82 57.58 -22.69 52.25
CA ALA I 82 58.03 -22.60 53.64
C ALA I 82 58.23 -21.16 54.08
N LYS I 83 59.11 -20.41 53.40
CA LYS I 83 59.44 -19.06 53.83
C LYS I 83 59.61 -18.16 52.63
N ILE I 84 59.45 -16.86 52.87
CA ILE I 84 59.59 -15.83 51.85
C ILE I 84 60.71 -14.89 52.27
N GLU I 85 61.77 -14.84 51.48
CA GLU I 85 63.00 -14.11 51.81
C GLU I 85 63.12 -12.90 50.88
N VAL I 86 62.53 -11.79 51.26
CA VAL I 86 62.65 -10.58 50.46
C VAL I 86 64.03 -9.99 50.70
N VAL I 87 64.83 -9.90 49.65
CA VAL I 87 66.15 -9.30 49.77
C VAL I 87 66.05 -7.79 49.86
N ARG I 88 65.50 -7.17 48.82
CA ARG I 88 65.43 -5.71 48.71
C ARG I 88 64.03 -5.30 48.30
N TYR I 89 63.76 -4.01 48.42
CA TYR I 89 62.48 -3.45 48.03
C TYR I 89 62.61 -2.82 46.65
N GLY I 90 61.61 -2.05 46.24
CA GLY I 90 61.70 -1.33 44.99
C GLY I 90 60.78 -0.14 44.87
N LYS I 91 61.34 1.01 44.52
CA LYS I 91 60.54 2.20 44.25
C LYS I 91 59.98 2.08 42.85
N VAL I 92 58.69 1.79 42.75
CA VAL I 92 58.05 1.60 41.46
C VAL I 92 56.74 2.36 41.45
N ARG I 93 56.45 2.99 40.32
CA ARG I 93 55.25 3.80 40.24
C ARG I 93 54.02 2.96 40.05
N ARG I 94 54.16 1.74 39.60
CA ARG I 94 53.00 0.93 39.30
C ARG I 94 52.97 -0.27 40.22
N ALA I 95 52.05 -1.18 39.96
CA ALA I 95 51.86 -2.34 40.80
C ALA I 95 51.66 -3.62 40.01
N LYS I 96 51.70 -3.56 38.69
CA LYS I 96 51.56 -4.72 37.80
C LYS I 96 52.57 -4.52 36.70
N LEU I 97 53.79 -4.99 36.92
CA LEU I 97 54.90 -4.59 36.06
C LEU I 97 55.01 -5.52 34.86
N TYR I 98 53.98 -5.45 34.02
CA TYR I 98 53.95 -6.23 32.78
C TYR I 98 54.98 -5.76 31.76
N TYR I 99 55.52 -4.56 31.96
CA TYR I 99 56.53 -4.02 31.05
C TYR I 99 57.92 -4.53 31.39
N LEU I 100 58.00 -5.39 32.41
CA LEU I 100 59.27 -5.94 32.85
C LEU I 100 59.53 -7.30 32.19
N ARG I 101 58.63 -7.70 31.29
CA ARG I 101 58.75 -8.98 30.60
C ARG I 101 59.25 -8.79 29.17
N GLU I 102 59.36 -7.53 28.76
CA GLU I 102 59.82 -7.21 27.41
C GLU I 102 61.23 -6.60 27.44
N LEU I 103 61.44 -5.66 28.35
CA LEU I 103 62.72 -5.00 28.49
C LEU I 103 63.75 -5.92 29.16
N ARG I 104 64.77 -6.30 28.42
CA ARG I 104 65.81 -7.18 28.94
C ARG I 104 67.14 -6.43 29.08
N PRO J 1 -32.33 4.46 -29.82
CA PRO J 1 -32.09 5.20 -28.59
C PRO J 1 -30.89 4.69 -27.88
N ARG J 2 -30.62 5.19 -26.69
CA ARG J 2 -29.58 4.63 -25.86
C ARG J 2 -30.22 4.12 -24.59
N VAL J 3 -29.84 2.92 -24.18
CA VAL J 3 -30.44 2.27 -23.03
C VAL J 3 -29.35 2.11 -21.97
N LYS J 4 -29.49 2.84 -20.87
CA LYS J 4 -28.53 2.73 -19.78
C LYS J 4 -28.69 1.41 -19.06
N GLY J 5 -29.87 1.14 -18.53
CA GLY J 5 -30.13 -0.11 -17.86
C GLY J 5 -29.45 -0.23 -16.52
N GLY J 6 -29.96 0.48 -15.52
CA GLY J 6 -29.45 0.33 -14.19
C GLY J 6 -30.43 -0.35 -13.27
N THR J 7 -31.71 -0.26 -13.60
CA THR J 7 -32.75 -0.85 -12.77
C THR J 7 -32.94 -2.33 -13.03
N VAL J 8 -32.22 -2.91 -14.00
CA VAL J 8 -32.39 -4.31 -14.35
C VAL J 8 -31.22 -5.16 -13.88
N THR J 9 -30.14 -4.54 -13.42
CA THR J 9 -29.02 -5.34 -13.00
C THR J 9 -29.09 -5.69 -11.52
N ARG J 10 -29.52 -4.74 -10.69
CA ARG J 10 -29.59 -5.03 -9.27
C ARG J 10 -30.71 -5.99 -8.94
N LYS J 11 -31.83 -5.90 -9.63
CA LYS J 11 -32.89 -6.86 -9.39
C LYS J 11 -32.57 -8.22 -9.95
N ARG J 12 -31.55 -8.35 -10.78
CA ARG J 12 -31.04 -9.65 -11.17
C ARG J 12 -29.93 -10.12 -10.25
N ARG J 13 -29.42 -9.28 -9.38
CA ARG J 13 -28.39 -9.71 -8.46
C ARG J 13 -28.85 -9.71 -7.03
N LYS J 14 -30.04 -9.23 -6.73
CA LYS J 14 -30.57 -9.48 -5.40
C LYS J 14 -31.01 -10.91 -5.26
N LYS J 15 -31.67 -11.44 -6.29
CA LYS J 15 -32.26 -12.76 -6.22
C LYS J 15 -31.24 -13.88 -6.19
N VAL J 16 -29.97 -13.59 -6.44
CA VAL J 16 -28.92 -14.53 -6.14
C VAL J 16 -28.40 -14.32 -4.73
N LEU J 17 -28.17 -13.08 -4.35
CA LEU J 17 -27.68 -12.79 -3.01
C LEU J 17 -28.75 -12.89 -1.94
N LYS J 18 -29.97 -13.31 -2.27
CA LYS J 18 -30.96 -13.70 -1.30
C LYS J 18 -30.93 -15.20 -1.04
N LEU J 19 -30.61 -16.00 -2.05
CA LEU J 19 -30.52 -17.44 -1.86
C LEU J 19 -29.26 -17.86 -1.14
N ALA J 20 -28.31 -16.96 -0.95
CA ALA J 20 -27.11 -17.29 -0.19
C ALA J 20 -27.23 -16.87 1.25
N LYS J 21 -28.43 -16.57 1.72
CA LYS J 21 -28.61 -15.99 3.04
C LYS J 21 -28.33 -17.00 4.14
N GLY J 22 -27.10 -17.04 4.62
CA GLY J 22 -26.77 -17.93 5.70
C GLY J 22 -25.48 -18.65 5.50
N TYR J 23 -24.71 -18.24 4.50
CA TYR J 23 -23.47 -18.94 4.25
C TYR J 23 -22.38 -18.38 5.14
N PHE J 24 -21.24 -19.05 5.13
CA PHE J 24 -20.13 -18.56 5.93
C PHE J 24 -19.51 -17.36 5.26
N GLY J 25 -19.02 -16.45 6.08
CA GLY J 25 -17.97 -15.51 5.65
C GLY J 25 -18.43 -14.53 4.60
N SER J 26 -17.64 -14.43 3.56
CA SER J 26 -17.92 -13.52 2.47
C SER J 26 -18.97 -14.05 1.51
N LYS J 27 -19.37 -15.31 1.64
CA LYS J 27 -20.22 -15.93 0.64
C LYS J 27 -21.67 -15.59 0.78
N HIS J 28 -22.02 -14.48 1.40
CA HIS J 28 -23.39 -14.00 1.35
C HIS J 28 -23.44 -12.52 1.10
N THR J 29 -22.33 -11.90 0.72
CA THR J 29 -22.27 -10.51 0.34
C THR J 29 -21.75 -10.30 -1.06
N LEU J 30 -20.60 -10.88 -1.38
CA LEU J 30 -19.98 -10.67 -2.68
C LEU J 30 -20.73 -11.45 -3.74
N TYR J 31 -21.19 -10.78 -4.78
CA TYR J 31 -21.93 -11.46 -5.83
C TYR J 31 -21.05 -12.41 -6.62
N LYS J 32 -19.77 -12.11 -6.73
CA LYS J 32 -18.90 -12.91 -7.58
C LYS J 32 -18.68 -14.31 -7.02
N VAL J 33 -18.75 -14.49 -5.71
CA VAL J 33 -18.59 -15.80 -5.10
C VAL J 33 -19.85 -16.29 -4.44
N ALA J 34 -20.95 -15.56 -4.53
CA ALA J 34 -22.23 -16.12 -4.13
C ALA J 34 -22.93 -16.78 -5.29
N ASN J 35 -22.51 -16.50 -6.51
CA ASN J 35 -23.11 -17.18 -7.64
C ASN J 35 -22.57 -18.58 -7.79
N GLN J 36 -21.34 -18.83 -7.37
CA GLN J 36 -20.83 -20.18 -7.45
C GLN J 36 -21.50 -21.09 -6.44
N GLN J 37 -21.66 -20.64 -5.21
CA GLN J 37 -22.31 -21.46 -4.21
C GLN J 37 -23.80 -21.31 -4.21
N VAL J 38 -24.38 -20.83 -5.29
CA VAL J 38 -25.77 -21.12 -5.61
C VAL J 38 -25.86 -22.11 -6.75
N MET J 39 -24.98 -21.98 -7.74
CA MET J 39 -24.91 -22.95 -8.82
C MET J 39 -24.36 -24.29 -8.37
N LYS J 40 -23.72 -24.37 -7.22
CA LYS J 40 -23.34 -25.66 -6.70
C LYS J 40 -24.36 -26.20 -5.72
N SER J 41 -25.05 -25.32 -5.02
CA SER J 41 -26.04 -25.75 -4.06
C SER J 41 -27.36 -26.12 -4.70
N GLY J 42 -27.48 -26.03 -6.01
CA GLY J 42 -28.62 -26.60 -6.67
C GLY J 42 -28.17 -27.89 -7.28
N ASN J 43 -26.87 -28.08 -7.31
CA ASN J 43 -26.31 -29.28 -7.90
C ASN J 43 -26.17 -30.39 -6.90
N TYR J 44 -25.80 -30.07 -5.66
CA TYR J 44 -25.84 -31.07 -4.61
C TYR J 44 -27.26 -31.46 -4.29
N ALA J 45 -28.17 -30.48 -4.29
CA ALA J 45 -29.54 -30.74 -3.90
C ALA J 45 -30.31 -31.54 -4.93
N PHE J 46 -29.74 -31.76 -6.11
CA PHE J 46 -30.23 -32.77 -7.02
C PHE J 46 -29.55 -34.10 -6.76
N ARG J 47 -28.27 -34.06 -6.46
CA ARG J 47 -27.53 -35.28 -6.19
C ARG J 47 -27.93 -35.91 -4.87
N ASP J 48 -28.43 -35.12 -3.93
CA ASP J 48 -28.80 -35.65 -2.63
C ASP J 48 -30.29 -35.66 -2.44
N ARG J 49 -31.06 -35.66 -3.50
CA ARG J 49 -32.41 -36.16 -3.43
C ARG J 49 -32.49 -37.58 -3.94
N ARG J 50 -31.36 -38.13 -4.38
CA ARG J 50 -31.27 -39.52 -4.72
C ARG J 50 -30.61 -40.33 -3.63
N GLN J 51 -29.79 -39.74 -2.78
CA GLN J 51 -29.20 -40.55 -1.72
C GLN J 51 -30.17 -40.73 -0.57
N LYS J 52 -30.95 -39.71 -0.21
CA LYS J 52 -31.94 -39.88 0.83
C LYS J 52 -33.09 -40.77 0.39
N LYS J 53 -33.22 -41.03 -0.90
CA LYS J 53 -34.09 -42.09 -1.35
C LYS J 53 -33.46 -43.44 -1.15
N ARG J 54 -32.14 -43.51 -1.10
CA ARG J 54 -31.45 -44.79 -1.00
C ARG J 54 -30.69 -44.95 0.30
N ASP J 55 -30.68 -43.94 1.16
CA ASP J 55 -30.03 -44.10 2.46
C ASP J 55 -31.03 -43.99 3.59
N PHE J 56 -32.32 -44.03 3.28
CA PHE J 56 -33.29 -44.49 4.24
C PHE J 56 -33.49 -45.99 4.13
N ARG J 57 -33.03 -46.59 3.05
CA ARG J 57 -33.09 -48.04 2.93
C ARG J 57 -32.12 -48.68 3.91
N LYS J 58 -30.90 -48.17 4.00
CA LYS J 58 -29.95 -48.71 4.95
C LYS J 58 -30.29 -48.39 6.38
N LEU J 59 -31.26 -47.52 6.61
CA LEU J 59 -31.77 -47.38 7.96
C LEU J 59 -32.76 -48.48 8.27
N TRP J 60 -33.76 -48.65 7.41
CA TRP J 60 -34.82 -49.62 7.68
C TRP J 60 -34.33 -51.04 7.68
N ILE J 61 -33.27 -51.33 6.93
CA ILE J 61 -32.76 -52.68 6.94
C ILE J 61 -32.04 -52.95 8.24
N THR J 62 -31.25 -51.99 8.72
CA THR J 62 -30.47 -52.18 9.93
C THR J 62 -31.36 -52.27 11.17
N ARG J 63 -32.54 -51.68 11.13
CA ARG J 63 -33.43 -51.81 12.25
C ARG J 63 -34.20 -53.12 12.19
N ILE J 64 -34.55 -53.58 10.99
CA ILE J 64 -35.21 -54.87 10.87
C ILE J 64 -34.26 -55.99 11.22
N ASN J 65 -33.01 -55.84 10.82
CA ASN J 65 -32.01 -56.85 11.12
C ASN J 65 -31.75 -56.97 12.62
N ALA J 66 -31.90 -55.88 13.35
CA ALA J 66 -31.78 -56.00 14.80
C ALA J 66 -33.05 -56.57 15.42
N ALA J 67 -34.21 -56.23 14.87
CA ALA J 67 -35.45 -56.75 15.42
C ALA J 67 -35.69 -58.20 15.07
N ALA J 68 -34.97 -58.74 14.11
CA ALA J 68 -35.05 -60.16 13.81
C ALA J 68 -34.11 -60.99 14.65
N ARG J 69 -33.06 -60.38 15.21
CA ARG J 69 -32.15 -61.13 16.07
C ARG J 69 -32.76 -61.49 17.41
N MET J 70 -33.96 -60.99 17.73
CA MET J 70 -34.69 -61.46 18.91
C MET J 70 -35.19 -62.88 18.71
N ASN J 71 -35.31 -63.35 17.49
CA ASN J 71 -35.86 -64.67 17.22
C ASN J 71 -34.85 -65.56 16.51
N GLY J 72 -33.58 -65.18 16.56
CA GLY J 72 -32.53 -66.00 15.97
C GLY J 72 -32.33 -65.82 14.49
N LEU J 73 -33.36 -65.38 13.78
CA LEU J 73 -33.29 -65.22 12.35
C LEU J 73 -32.48 -63.98 12.01
N SER J 74 -31.71 -64.05 10.93
CA SER J 74 -31.03 -62.88 10.42
C SER J 74 -31.98 -62.18 9.45
N TYR J 75 -31.46 -61.20 8.70
CA TYR J 75 -32.35 -60.49 7.80
C TYR J 75 -32.64 -61.29 6.56
N SER J 76 -31.63 -61.95 6.00
CA SER J 76 -31.80 -62.69 4.77
C SER J 76 -32.68 -63.90 4.99
N ARG J 77 -32.56 -64.53 6.15
CA ARG J 77 -33.41 -65.67 6.46
C ARG J 77 -34.85 -65.23 6.66
N LEU J 78 -35.05 -64.03 7.16
CA LEU J 78 -36.40 -63.56 7.46
C LEU J 78 -37.15 -63.14 6.21
N MET J 79 -36.51 -62.36 5.34
CA MET J 79 -37.22 -61.87 4.16
C MET J 79 -37.50 -62.97 3.17
N HIS J 80 -36.70 -64.03 3.21
CA HIS J 80 -36.88 -65.16 2.32
C HIS J 80 -38.16 -65.92 2.63
N GLY J 81 -38.50 -66.00 3.92
CA GLY J 81 -39.70 -66.69 4.35
C GLY J 81 -40.88 -65.75 4.49
N LEU J 82 -40.64 -64.46 4.27
CA LEU J 82 -41.68 -63.45 4.37
C LEU J 82 -42.41 -63.28 3.03
N LYS J 83 -41.90 -63.93 1.99
CA LYS J 83 -42.51 -63.86 0.67
C LYS J 83 -43.05 -65.21 0.24
N LEU J 84 -42.62 -66.27 0.94
CA LEU J 84 -43.07 -67.62 0.63
C LEU J 84 -44.44 -67.90 1.24
N SER J 85 -44.47 -68.12 2.54
CA SER J 85 -45.72 -68.40 3.25
C SER J 85 -46.68 -67.21 3.14
N GLY J 86 -46.25 -66.07 3.66
CA GLY J 86 -47.07 -64.87 3.62
C GLY J 86 -47.09 -64.23 2.25
N ILE J 87 -48.25 -63.73 1.84
CA ILE J 87 -48.39 -63.10 0.54
C ILE J 87 -48.37 -61.57 0.66
N GLU J 88 -48.06 -61.08 1.86
CA GLU J 88 -47.99 -59.65 2.09
C GLU J 88 -46.82 -59.03 1.32
N VAL J 89 -46.99 -57.77 0.92
CA VAL J 89 -45.95 -57.08 0.17
C VAL J 89 -45.48 -55.91 1.00
N ASN J 90 -45.41 -56.12 2.32
CA ASN J 90 -45.12 -55.06 3.27
C ASN J 90 -43.77 -54.41 2.99
N ARG J 91 -43.76 -53.08 3.06
CA ARG J 91 -42.57 -52.29 2.85
C ARG J 91 -41.54 -52.62 3.91
N LYS J 92 -40.27 -52.46 3.56
CA LYS J 92 -39.24 -52.47 4.58
C LYS J 92 -39.31 -51.24 5.47
N MET J 93 -40.04 -50.21 5.09
CA MET J 93 -40.36 -49.14 6.03
C MET J 93 -41.45 -49.56 7.00
N LEU J 94 -42.58 -50.01 6.48
CA LEU J 94 -43.69 -50.32 7.37
C LEU J 94 -43.52 -51.62 8.11
N ALA J 95 -42.56 -52.46 7.73
CA ALA J 95 -42.13 -53.55 8.58
C ALA J 95 -41.00 -53.11 9.50
N ASP J 96 -40.88 -51.80 9.71
CA ASP J 96 -39.88 -51.31 10.64
C ASP J 96 -40.47 -50.30 11.60
N LEU J 97 -41.54 -49.64 11.16
CA LEU J 97 -42.21 -48.63 11.99
C LEU J 97 -42.99 -49.31 13.11
N ALA J 98 -43.18 -50.62 12.99
CA ALA J 98 -43.89 -51.39 13.99
C ALA J 98 -42.93 -52.09 14.94
N VAL J 99 -41.67 -51.68 14.90
CA VAL J 99 -40.64 -52.25 15.76
C VAL J 99 -40.89 -51.92 17.22
N ASN J 100 -41.42 -50.71 17.47
CA ASN J 100 -41.71 -50.27 18.82
C ASN J 100 -42.67 -51.25 19.53
N ASP J 101 -43.72 -51.65 18.82
CA ASP J 101 -44.69 -52.58 19.36
C ASP J 101 -44.22 -54.02 19.17
N LEU J 102 -43.63 -54.58 20.21
CA LEU J 102 -43.12 -55.96 20.17
C LEU J 102 -44.20 -56.95 19.76
N THR J 103 -45.39 -56.81 20.35
CA THR J 103 -46.50 -57.71 20.05
C THR J 103 -46.78 -57.78 18.56
N ALA J 104 -46.85 -56.63 17.91
CA ALA J 104 -47.11 -56.56 16.48
C ALA J 104 -46.05 -57.31 15.68
N PHE J 105 -44.79 -56.90 15.84
CA PHE J 105 -43.68 -57.52 15.13
C PHE J 105 -43.64 -59.03 15.36
N ASN J 106 -43.77 -59.43 16.62
CA ASN J 106 -43.76 -60.85 16.97
C ASN J 106 -44.74 -61.68 16.15
N GLN J 107 -45.97 -61.18 16.04
CA GLN J 107 -47.01 -61.88 15.29
C GLN J 107 -46.56 -62.19 13.86
N LEU J 108 -46.00 -61.19 13.19
CA LEU J 108 -45.54 -61.35 11.82
C LEU J 108 -44.26 -62.18 11.77
N ALA J 109 -43.56 -62.26 12.90
CA ALA J 109 -42.31 -63.01 12.98
C ALA J 109 -42.59 -64.50 13.16
N ASP J 110 -43.79 -64.83 13.61
CA ASP J 110 -44.18 -66.22 13.83
C ASP J 110 -44.46 -66.94 12.52
N ALA J 111 -44.86 -66.18 11.50
CA ALA J 111 -45.15 -66.74 10.19
C ALA J 111 -43.87 -67.00 9.40
N ALA J 112 -42.79 -66.33 9.79
CA ALA J 112 -41.51 -66.50 9.12
C ALA J 112 -40.97 -67.92 9.28
N LYS J 113 -41.15 -68.48 10.48
CA LYS J 113 -40.68 -69.83 10.75
C LYS J 113 -41.75 -70.88 10.43
N ALA J 114 -42.93 -70.40 10.04
CA ALA J 114 -44.03 -71.30 9.70
C ALA J 114 -43.81 -71.96 8.35
N GLN J 115 -43.09 -71.28 7.47
CA GLN J 115 -42.81 -71.80 6.14
C GLN J 115 -41.31 -71.95 5.92
N LEU J 116 -40.54 -71.91 7.00
CA LEU J 116 -39.09 -72.04 6.92
C LEU J 116 -38.63 -73.44 7.29
N TYR K 2 -55.33 -49.90 13.84
CA TYR K 2 -54.67 -49.01 12.90
C TYR K 2 -54.22 -49.79 11.66
N ALA K 3 -54.51 -49.26 10.50
CA ALA K 3 -54.32 -50.03 9.28
C ALA K 3 -53.14 -49.50 8.48
N ILE K 4 -52.47 -50.41 7.79
CA ILE K 4 -51.43 -50.07 6.83
C ILE K 4 -52.03 -50.19 5.44
N ILE K 5 -52.28 -49.05 4.80
CA ILE K 5 -52.87 -49.03 3.47
C ILE K 5 -51.81 -48.76 2.40
N LYS K 6 -51.77 -49.63 1.39
CA LYS K 6 -50.82 -49.49 0.30
C LYS K 6 -51.54 -49.16 -1.00
N THR K 7 -52.20 -48.00 -1.04
CA THR K 7 -52.93 -47.58 -2.22
C THR K 7 -52.17 -46.53 -3.01
N GLY K 8 -51.83 -46.86 -4.26
CA GLY K 8 -51.09 -45.95 -5.12
C GLY K 8 -49.83 -45.41 -4.48
N GLY K 9 -48.88 -46.31 -4.21
CA GLY K 9 -47.60 -45.92 -3.65
C GLY K 9 -47.22 -46.75 -2.44
N LYS K 10 -46.15 -46.32 -1.75
CA LYS K 10 -45.68 -47.02 -0.57
C LYS K 10 -46.76 -47.07 0.51
N GLN K 11 -46.86 -48.22 1.18
CA GLN K 11 -47.85 -48.41 2.24
C GLN K 11 -47.65 -47.40 3.37
N ILE K 12 -48.76 -46.89 3.89
CA ILE K 12 -48.70 -45.92 4.98
C ILE K 12 -49.48 -46.39 6.21
N LYS K 13 -48.96 -46.06 7.39
CA LYS K 13 -49.59 -46.43 8.65
C LYS K 13 -50.59 -45.37 9.02
N VAL K 14 -51.84 -45.75 9.22
CA VAL K 14 -52.89 -44.79 9.52
C VAL K 14 -53.66 -45.27 10.73
N GLU K 15 -53.66 -44.46 11.78
CA GLU K 15 -54.47 -44.74 12.96
C GLU K 15 -55.82 -44.08 12.81
N GLU K 16 -56.58 -44.00 13.89
CA GLU K 16 -57.88 -43.36 13.86
C GLU K 16 -57.71 -41.87 14.12
N GLY K 17 -58.36 -41.05 13.30
CA GLY K 17 -58.39 -39.62 13.54
C GLY K 17 -57.06 -38.93 13.26
N GLN K 18 -56.60 -38.96 12.02
CA GLN K 18 -55.30 -38.43 11.67
C GLN K 18 -55.26 -38.20 10.17
N THR K 19 -54.85 -37.00 9.78
CA THR K 19 -54.79 -36.64 8.37
C THR K 19 -53.44 -37.04 7.79
N VAL K 20 -53.45 -37.36 6.50
CA VAL K 20 -52.25 -37.75 5.78
C VAL K 20 -52.23 -37.05 4.43
N TYR K 21 -51.21 -37.35 3.64
CA TYR K 21 -50.95 -36.70 2.37
C TYR K 21 -50.74 -37.76 1.30
N ILE K 22 -51.71 -37.88 0.40
CA ILE K 22 -51.70 -38.91 -0.63
C ILE K 22 -51.50 -38.20 -1.95
N GLU K 23 -50.89 -38.91 -2.90
CA GLU K 23 -50.65 -38.38 -4.23
C GLU K 23 -51.97 -38.11 -4.96
N LYS K 24 -51.85 -37.36 -6.05
CA LYS K 24 -53.01 -36.78 -6.69
C LYS K 24 -53.86 -37.82 -7.39
N LEU K 25 -54.66 -38.51 -6.60
CA LEU K 25 -55.83 -39.19 -7.15
C LEU K 25 -56.91 -38.14 -7.35
N ALA K 26 -57.93 -38.51 -8.14
CA ALA K 26 -58.93 -37.55 -8.59
C ALA K 26 -59.73 -36.98 -7.43
N ALA K 27 -60.50 -37.82 -6.76
CA ALA K 27 -60.93 -37.66 -5.37
C ALA K 27 -61.92 -36.56 -5.08
N GLU K 28 -62.14 -35.64 -6.03
CA GLU K 28 -63.20 -34.61 -6.06
C GLU K 28 -63.32 -33.88 -4.70
N ALA K 29 -62.30 -33.05 -4.45
CA ALA K 29 -62.03 -32.43 -3.14
C ALA K 29 -63.25 -31.75 -2.52
N GLY K 30 -63.63 -32.22 -1.33
CA GLY K 30 -64.90 -31.92 -0.71
C GLY K 30 -65.75 -33.15 -0.41
N GLU K 31 -65.45 -34.27 -1.05
CA GLU K 31 -66.21 -35.51 -0.94
C GLU K 31 -65.49 -36.50 -0.04
N THR K 32 -66.01 -37.71 0.01
CA THR K 32 -65.38 -38.81 0.72
C THR K 32 -64.79 -39.80 -0.27
N VAL K 33 -63.95 -40.69 0.25
CA VAL K 33 -63.34 -41.75 -0.54
C VAL K 33 -63.06 -42.88 0.43
N THR K 34 -62.84 -44.08 -0.11
CA THR K 34 -62.59 -45.22 0.76
C THR K 34 -61.62 -46.16 0.07
N PHE K 35 -60.47 -46.38 0.71
CA PHE K 35 -59.48 -47.30 0.18
C PHE K 35 -59.95 -48.75 0.36
N GLU K 36 -59.23 -49.66 -0.29
CA GLU K 36 -59.66 -51.05 -0.30
C GLU K 36 -58.52 -52.04 -0.13
N ASP K 37 -57.34 -51.59 0.26
CA ASP K 37 -56.19 -52.49 0.26
C ASP K 37 -55.54 -52.51 1.63
N VAL K 38 -56.35 -52.75 2.66
CA VAL K 38 -55.86 -52.77 4.03
C VAL K 38 -54.94 -53.97 4.22
N LEU K 39 -53.74 -53.71 4.67
CA LEU K 39 -52.83 -54.72 5.17
C LEU K 39 -52.70 -54.53 6.66
N PHE K 40 -52.92 -55.59 7.44
CA PHE K 40 -52.58 -55.66 8.86
C PHE K 40 -53.32 -54.58 9.66
N VAL K 41 -54.62 -54.82 9.84
CA VAL K 41 -55.46 -53.86 10.55
C VAL K 41 -55.09 -53.72 12.03
N GLY K 42 -54.34 -54.68 12.58
CA GLY K 42 -53.71 -54.52 13.88
C GLY K 42 -54.66 -54.43 15.07
N GLY K 43 -54.07 -54.18 16.24
CA GLY K 43 -54.81 -54.11 17.47
C GLY K 43 -55.14 -55.48 18.02
N ASP K 44 -56.10 -56.15 17.40
CA ASP K 44 -56.36 -57.56 17.66
C ASP K 44 -55.61 -58.47 16.68
N ASN K 45 -54.71 -57.87 15.88
CA ASN K 45 -53.72 -58.59 15.07
C ASN K 45 -54.37 -59.48 14.01
N VAL K 46 -55.16 -58.87 13.15
CA VAL K 46 -55.65 -59.61 11.99
C VAL K 46 -54.59 -59.49 10.92
N LYS K 47 -53.71 -60.49 10.87
CA LYS K 47 -52.60 -60.54 9.93
C LYS K 47 -52.98 -60.15 8.51
N VAL K 48 -51.98 -60.13 7.64
CA VAL K 48 -52.17 -59.77 6.24
C VAL K 48 -52.09 -61.01 5.35
N GLY K 49 -52.38 -62.17 5.93
CA GLY K 49 -52.35 -63.42 5.19
C GLY K 49 -53.25 -63.33 3.98
N ASN K 50 -52.75 -63.79 2.84
CA ASN K 50 -53.44 -63.78 1.54
C ASN K 50 -53.81 -62.36 1.08
N PRO K 51 -52.87 -61.69 0.40
CA PRO K 51 -52.84 -60.33 -0.14
C PRO K 51 -54.02 -59.45 0.26
N THR K 52 -53.83 -58.74 1.39
CA THR K 52 -54.79 -57.81 2.03
C THR K 52 -56.01 -58.48 2.70
N VAL K 53 -56.22 -58.15 3.96
CA VAL K 53 -57.33 -58.71 4.73
C VAL K 53 -58.64 -58.46 4.00
N GLU K 54 -59.47 -59.49 3.88
CA GLU K 54 -60.72 -59.36 3.17
C GLU K 54 -61.74 -58.57 3.99
N GLY K 55 -62.52 -57.75 3.30
CA GLY K 55 -63.57 -56.97 3.91
C GLY K 55 -63.12 -55.72 4.63
N ALA K 56 -61.82 -55.55 4.84
CA ALA K 56 -61.31 -54.41 5.60
C ALA K 56 -61.17 -53.22 4.66
N THR K 57 -61.83 -52.12 4.99
CA THR K 57 -61.70 -50.87 4.27
C THR K 57 -61.41 -49.74 5.26
N VAL K 58 -60.93 -48.62 4.71
CA VAL K 58 -60.72 -47.41 5.49
C VAL K 58 -61.45 -46.28 4.79
N THR K 59 -62.40 -45.67 5.50
CA THR K 59 -63.14 -44.54 4.98
C THR K 59 -62.37 -43.26 5.22
N ALA K 60 -62.40 -42.35 4.25
CA ALA K 60 -61.65 -41.11 4.34
C ALA K 60 -62.44 -39.97 3.74
N LYS K 61 -62.15 -38.76 4.18
CA LYS K 61 -62.81 -37.57 3.65
C LYS K 61 -61.79 -36.74 2.90
N VAL K 62 -62.04 -36.50 1.63
CA VAL K 62 -61.12 -35.72 0.81
C VAL K 62 -61.30 -34.26 1.17
N GLU K 63 -60.20 -33.58 1.40
CA GLU K 63 -60.24 -32.35 2.18
C GLU K 63 -59.62 -31.15 1.49
N LYS K 64 -58.52 -31.34 0.78
CA LYS K 64 -57.75 -30.23 0.23
C LYS K 64 -56.81 -30.77 -0.82
N GLN K 65 -56.84 -30.18 -2.02
CA GLN K 65 -55.86 -30.50 -3.03
C GLN K 65 -55.09 -29.24 -3.40
N GLY K 66 -53.81 -29.42 -3.72
CA GLY K 66 -52.98 -28.28 -4.07
C GLY K 66 -51.61 -28.71 -4.50
N ARG K 67 -50.57 -28.02 -4.01
CA ARG K 67 -49.20 -28.30 -4.40
C ARG K 67 -48.31 -28.30 -3.17
N ALA K 68 -47.04 -28.56 -3.39
CA ALA K 68 -46.07 -28.56 -2.31
C ALA K 68 -45.21 -27.31 -2.36
N LYS K 69 -44.15 -27.31 -1.57
CA LYS K 69 -43.19 -26.22 -1.59
C LYS K 69 -42.40 -26.27 -2.88
N LYS K 70 -42.18 -25.11 -3.49
CA LYS K 70 -41.62 -25.05 -4.83
C LYS K 70 -40.15 -25.46 -4.86
N ILE K 71 -39.89 -26.74 -5.12
CA ILE K 71 -38.53 -27.23 -5.27
C ILE K 71 -38.04 -26.83 -6.66
N THR K 72 -36.96 -26.04 -6.70
CA THR K 72 -36.42 -25.53 -7.95
C THR K 72 -35.12 -26.25 -8.23
N VAL K 73 -35.14 -27.14 -9.22
CA VAL K 73 -33.97 -27.95 -9.53
C VAL K 73 -33.06 -27.18 -10.49
N PHE K 74 -31.83 -26.98 -10.08
CA PHE K 74 -30.78 -26.40 -10.89
C PHE K 74 -29.83 -27.52 -11.27
N ARG K 75 -29.18 -27.39 -12.42
CA ARG K 75 -28.31 -28.46 -12.86
C ARG K 75 -27.28 -27.91 -13.83
N TYR K 76 -26.02 -28.26 -13.64
CA TYR K 76 -24.96 -27.79 -14.52
C TYR K 76 -23.74 -28.70 -14.47
N LYS K 77 -23.03 -28.80 -15.60
CA LYS K 77 -21.84 -29.63 -15.68
C LYS K 77 -20.60 -28.87 -15.22
N PRO K 78 -19.44 -29.54 -15.23
CA PRO K 78 -18.17 -28.94 -14.83
C PRO K 78 -17.59 -28.02 -15.91
N LYS K 79 -18.05 -28.19 -17.14
CA LYS K 79 -17.57 -27.37 -18.24
C LYS K 79 -18.55 -27.37 -19.42
N LYS K 80 -18.04 -26.94 -20.57
CA LYS K 80 -18.81 -26.87 -21.83
C LYS K 80 -20.10 -26.05 -21.76
N ASN K 81 -20.09 -24.98 -20.98
CA ASN K 81 -21.23 -24.08 -20.81
C ASN K 81 -22.57 -24.78 -20.63
N VAL K 82 -22.62 -25.75 -19.72
CA VAL K 82 -23.86 -26.49 -19.46
C VAL K 82 -24.67 -25.84 -18.35
N HIS K 83 -25.93 -25.55 -18.65
CA HIS K 83 -26.83 -24.92 -17.68
C HIS K 83 -28.28 -25.32 -17.92
N LYS K 84 -28.97 -25.70 -16.84
CA LYS K 84 -30.36 -26.10 -16.94
C LYS K 84 -31.06 -25.73 -15.63
N LYS K 85 -32.30 -25.30 -15.73
CA LYS K 85 -32.98 -24.76 -14.58
C LYS K 85 -34.47 -25.00 -14.75
N GLN K 86 -35.14 -25.36 -13.67
CA GLN K 86 -36.52 -25.82 -13.77
C GLN K 86 -37.15 -25.77 -12.40
N GLY K 87 -38.40 -25.33 -12.35
CA GLY K 87 -39.16 -25.36 -11.12
C GLY K 87 -40.14 -26.52 -11.12
N HIS K 88 -40.58 -26.92 -9.94
CA HIS K 88 -41.45 -28.08 -9.87
C HIS K 88 -42.31 -28.01 -8.60
N ARG K 89 -43.59 -27.74 -8.77
CA ARG K 89 -44.55 -27.84 -7.68
C ARG K 89 -45.16 -29.23 -7.74
N GLN K 90 -45.09 -29.93 -6.67
CA GLN K 90 -45.58 -31.30 -6.67
C GLN K 90 -46.99 -31.34 -6.10
N PRO K 91 -47.95 -31.93 -6.80
CA PRO K 91 -49.32 -31.97 -6.29
C PRO K 91 -49.47 -32.98 -5.17
N TYR K 92 -50.56 -32.82 -4.42
CA TYR K 92 -50.78 -33.59 -3.21
C TYR K 92 -52.25 -33.53 -2.86
N THR K 93 -52.66 -34.42 -1.96
CA THR K 93 -54.06 -34.49 -1.55
C THR K 93 -54.11 -34.84 -0.07
N LYS K 94 -54.81 -34.01 0.70
CA LYS K 94 -54.94 -34.20 2.13
C LYS K 94 -56.27 -34.89 2.43
N VAL K 95 -56.22 -35.94 3.24
CA VAL K 95 -57.42 -36.69 3.58
C VAL K 95 -57.42 -36.97 5.08
N THR K 96 -58.56 -36.74 5.72
CA THR K 96 -58.72 -37.12 7.12
C THR K 96 -59.34 -38.50 7.20
N ILE K 97 -59.24 -39.10 8.38
CA ILE K 97 -59.43 -40.53 8.53
C ILE K 97 -60.42 -40.79 9.65
N GLU K 98 -61.43 -41.60 9.36
CA GLU K 98 -62.44 -41.97 10.33
C GLU K 98 -62.98 -43.35 9.99
N LYS K 99 -63.33 -44.11 11.04
CA LYS K 99 -64.10 -45.35 10.94
C LYS K 99 -63.37 -46.41 10.12
N ILE K 100 -62.29 -46.92 10.71
CA ILE K 100 -61.64 -48.10 10.16
C ILE K 100 -62.62 -49.27 10.18
N ASN K 101 -62.83 -49.87 9.02
CA ASN K 101 -63.66 -51.06 8.90
C ASN K 101 -62.77 -52.29 8.92
N GLN L 2 -33.07 11.20 27.47
CA GLN L 2 -31.77 10.66 27.10
C GLN L 2 -30.89 11.67 26.37
N ALA L 3 -29.60 11.63 26.68
CA ALA L 3 -28.66 12.62 26.18
C ALA L 3 -27.68 12.19 25.12
N LYS L 4 -27.39 13.10 24.19
CA LYS L 4 -26.72 12.81 22.94
C LYS L 4 -25.68 13.88 22.70
N ALA L 5 -24.52 13.49 22.20
CA ALA L 5 -23.43 14.45 22.01
C ALA L 5 -22.70 13.79 20.85
N VAL L 6 -22.80 14.38 19.66
CA VAL L 6 -22.02 13.91 18.52
C VAL L 6 -20.88 14.92 18.35
N ALA L 7 -19.66 14.40 18.26
CA ALA L 7 -18.49 15.15 17.81
C ALA L 7 -18.33 14.77 16.36
N ARG L 8 -18.61 15.71 15.46
CA ARG L 8 -18.55 15.41 14.03
C ARG L 8 -17.29 15.82 13.26
N THR L 9 -16.45 14.83 12.96
CA THR L 9 -15.25 15.04 12.14
C THR L 9 -14.13 15.70 12.93
N VAL L 10 -14.09 15.42 14.22
CA VAL L 10 -12.86 15.62 14.97
C VAL L 10 -11.80 14.67 14.44
N ARG L 11 -10.61 15.18 14.22
CA ARG L 11 -9.61 14.49 13.43
C ARG L 11 -8.85 13.50 14.29
N ILE L 12 -9.32 12.24 14.28
CA ILE L 12 -8.59 11.12 14.86
C ILE L 12 -8.95 9.88 14.07
N ALA L 13 -8.01 8.96 13.97
CA ALA L 13 -8.23 7.76 13.18
C ALA L 13 -9.20 6.84 13.91
N PRO L 14 -10.28 6.39 13.27
CA PRO L 14 -11.37 5.73 13.98
C PRO L 14 -11.09 4.30 14.38
N ARG L 15 -9.85 3.86 14.33
CA ARG L 15 -9.47 2.64 15.03
C ARG L 15 -8.63 2.92 16.25
N LYS L 16 -7.96 4.06 16.31
CA LYS L 16 -7.31 4.47 17.53
C LYS L 16 -8.27 5.13 18.50
N ALA L 17 -9.50 5.39 18.08
CA ALA L 17 -10.52 5.93 18.98
C ALA L 17 -11.47 4.87 19.49
N ARG L 18 -11.57 3.74 18.82
CA ARG L 18 -12.37 2.65 19.37
C ARG L 18 -11.66 1.93 20.49
N LEU L 19 -10.35 2.17 20.63
CA LEU L 19 -9.56 1.53 21.67
C LEU L 19 -9.68 2.28 23.00
N VAL L 20 -10.48 3.33 23.02
CA VAL L 20 -10.68 4.13 24.22
C VAL L 20 -12.13 4.12 24.66
N MET L 21 -13.01 3.65 23.78
CA MET L 21 -14.44 3.58 24.08
C MET L 21 -14.86 2.17 24.43
N ASP L 22 -13.98 1.43 25.09
CA ASP L 22 -14.26 0.06 25.49
C ASP L 22 -14.41 -0.05 27.01
N LEU L 23 -14.23 1.07 27.70
CA LEU L 23 -14.34 1.09 29.15
C LEU L 23 -15.34 2.16 29.62
N ILE L 24 -15.98 2.81 28.65
CA ILE L 24 -16.95 3.86 28.95
C ILE L 24 -18.29 3.60 28.26
N ARG L 25 -18.70 2.33 28.26
CA ARG L 25 -19.97 1.95 27.63
C ARG L 25 -20.85 1.17 28.61
N GLY L 26 -20.42 1.08 29.86
CA GLY L 26 -21.16 0.36 30.88
C GLY L 26 -20.87 0.88 32.27
N LYS L 27 -19.99 1.87 32.35
CA LYS L 27 -19.62 2.46 33.63
C LYS L 27 -20.52 3.63 33.99
N GLN L 28 -20.49 3.99 35.27
CA GLN L 28 -21.20 5.15 35.77
C GLN L 28 -20.57 6.43 35.21
N VAL L 29 -21.38 7.49 35.17
CA VAL L 29 -21.00 8.67 34.41
C VAL L 29 -19.90 9.45 35.11
N GLY L 30 -19.93 9.53 36.44
CA GLY L 30 -18.85 10.18 37.14
C GLY L 30 -17.61 9.33 37.22
N GLU L 31 -17.75 8.02 37.07
CA GLU L 31 -16.63 7.12 37.20
C GLU L 31 -15.93 6.90 35.88
N ALA L 32 -16.46 7.43 34.79
CA ALA L 32 -15.82 7.37 33.50
C ALA L 32 -15.04 8.62 33.16
N VAL L 33 -15.58 9.78 33.54
CA VAL L 33 -14.93 11.05 33.27
C VAL L 33 -13.64 11.20 34.07
N SER L 34 -13.56 10.49 35.19
CA SER L 34 -12.38 10.54 36.04
C SER L 34 -11.31 9.59 35.56
N ILE L 35 -11.70 8.64 34.71
CA ILE L 35 -10.76 7.65 34.17
C ILE L 35 -10.16 8.13 32.86
N LEU L 36 -10.81 9.10 32.22
CA LEU L 36 -10.35 9.64 30.95
C LEU L 36 -9.09 10.49 31.13
N ASN L 37 -8.94 11.10 32.30
CA ASN L 37 -7.79 11.94 32.59
C ASN L 37 -6.63 11.15 33.21
N LEU L 38 -6.87 9.86 33.44
CA LEU L 38 -5.85 8.99 34.02
C LEU L 38 -5.20 8.12 32.94
N THR L 39 -5.70 8.24 31.71
CA THR L 39 -5.17 7.48 30.59
C THR L 39 -4.15 8.29 29.80
N PRO L 40 -3.13 7.61 29.27
CA PRO L 40 -2.07 8.25 28.48
C PRO L 40 -2.42 8.29 27.00
N ARG L 41 -3.59 7.77 26.64
CA ARG L 41 -4.04 7.75 25.25
C ARG L 41 -3.97 9.14 24.63
N ALA L 42 -3.42 9.20 23.41
CA ALA L 42 -3.30 10.47 22.70
C ALA L 42 -4.68 11.07 22.41
N ALA L 43 -5.61 10.22 21.98
CA ALA L 43 -6.97 10.67 21.69
C ALA L 43 -7.90 10.43 22.87
N SER L 44 -7.50 10.93 24.04
CA SER L 44 -8.29 10.77 25.25
C SER L 44 -9.00 12.06 25.63
N PRO L 45 -8.35 13.20 25.38
CA PRO L 45 -8.91 14.52 25.69
C PRO L 45 -10.13 14.83 24.83
N ILE L 46 -10.10 14.39 23.58
CA ILE L 46 -11.22 14.62 22.66
C ILE L 46 -12.50 14.00 23.21
N ILE L 47 -12.39 12.78 23.71
CA ILE L 47 -13.54 12.07 24.27
C ILE L 47 -14.00 12.73 25.56
N GLU L 48 -13.03 13.21 26.36
CA GLU L 48 -13.34 13.86 27.62
C GLU L 48 -14.26 15.06 27.40
N LYS L 49 -13.93 15.88 26.42
CA LYS L 49 -14.74 17.06 26.11
C LYS L 49 -16.14 16.65 25.69
N VAL L 50 -16.23 15.60 24.87
CA VAL L 50 -17.52 15.10 24.40
C VAL L 50 -18.38 14.62 25.57
N LEU L 51 -17.78 13.83 26.45
CA LEU L 51 -18.49 13.31 27.61
C LEU L 51 -19.01 14.45 28.49
N LYS L 52 -18.11 15.38 28.82
CA LYS L 52 -18.47 16.52 29.65
C LYS L 52 -19.63 17.28 29.03
N SER L 53 -19.63 17.40 27.71
CA SER L 53 -20.76 18.02 27.05
C SER L 53 -21.96 17.12 26.99
N ALA L 54 -21.77 15.82 27.17
CA ALA L 54 -22.91 14.91 27.10
C ALA L 54 -23.75 15.01 28.36
N ILE L 55 -23.11 15.18 29.50
CA ILE L 55 -23.82 15.37 30.75
C ILE L 55 -24.60 16.67 30.71
N ALA L 56 -23.92 17.74 30.30
CA ALA L 56 -24.50 19.07 30.36
C ALA L 56 -25.60 19.28 29.35
N ASN L 57 -25.76 18.39 28.38
CA ASN L 57 -26.95 18.45 27.56
C ASN L 57 -28.16 17.95 28.33
N ALA L 58 -27.98 16.91 29.13
CA ALA L 58 -29.11 16.29 29.80
C ALA L 58 -29.56 17.10 31.00
N GLU L 59 -28.63 17.51 31.84
CA GLU L 59 -28.98 18.19 33.07
C GLU L 59 -29.47 19.61 32.87
N HIS L 60 -29.39 20.15 31.66
CA HIS L 60 -29.97 21.46 31.40
C HIS L 60 -31.25 21.38 30.60
N ASN L 61 -31.37 20.43 29.69
CA ASN L 61 -32.51 20.40 28.78
C ASN L 61 -33.50 19.29 29.09
N TYR L 62 -33.11 18.27 29.83
CA TYR L 62 -34.07 17.31 30.37
C TYR L 62 -34.05 17.25 31.88
N GLU L 63 -33.02 17.82 32.52
CA GLU L 63 -32.95 18.04 33.96
C GLU L 63 -33.04 16.71 34.73
N MET L 64 -32.02 15.89 34.55
CA MET L 64 -32.14 14.49 34.92
C MET L 64 -30.98 14.03 35.80
N ASP L 65 -30.66 14.82 36.85
CA ASP L 65 -29.99 14.34 38.06
C ASP L 65 -28.60 13.76 37.78
N ALA L 66 -27.66 14.65 37.50
CA ALA L 66 -26.36 14.33 36.91
C ALA L 66 -25.44 13.40 37.69
N ASN L 67 -25.89 12.81 38.80
CA ASN L 67 -25.16 11.72 39.43
C ASN L 67 -25.90 10.39 39.36
N ASN L 68 -26.95 10.30 38.54
CA ASN L 68 -27.67 9.06 38.35
C ASN L 68 -27.53 8.48 36.96
N LEU L 69 -26.83 9.18 36.07
CA LEU L 69 -26.79 8.77 34.68
C LEU L 69 -25.81 7.63 34.46
N VAL L 70 -25.93 7.01 33.30
CA VAL L 70 -25.04 5.92 32.92
C VAL L 70 -25.01 5.89 31.40
N ILE L 71 -23.97 5.30 30.84
CA ILE L 71 -23.65 5.42 29.43
C ILE L 71 -24.19 4.22 28.68
N SER L 72 -25.11 4.46 27.76
CA SER L 72 -25.76 3.38 27.02
C SER L 72 -25.01 3.05 25.73
N GLN L 73 -24.79 4.04 24.87
CA GLN L 73 -24.21 3.82 23.55
C GLN L 73 -22.96 4.67 23.39
N ALA L 74 -21.92 4.08 22.84
CA ALA L 74 -20.62 4.72 22.80
C ALA L 74 -20.33 3.98 21.50
N PHE L 75 -20.52 4.61 20.36
CA PHE L 75 -19.88 4.16 19.14
C PHE L 75 -19.05 5.23 18.47
N VAL L 76 -18.13 4.78 17.61
CA VAL L 76 -17.25 5.64 16.83
C VAL L 76 -17.37 5.24 15.38
N ASP L 77 -17.74 6.17 14.52
CA ASP L 77 -17.93 5.88 13.11
C ASP L 77 -16.88 6.58 12.27
N GLU L 78 -16.51 5.97 11.16
CA GLU L 78 -15.54 6.57 10.26
C GLU L 78 -16.18 7.74 9.54
N GLY L 79 -15.40 8.79 9.33
CA GLY L 79 -15.89 9.98 8.70
C GLY L 79 -15.17 10.23 7.41
N PRO L 80 -15.39 11.38 6.80
CA PRO L 80 -14.82 11.64 5.48
C PRO L 80 -13.32 11.90 5.58
N THR L 81 -12.58 11.27 4.69
CA THR L 81 -11.13 11.30 4.75
C THR L 81 -10.57 12.27 3.73
N LEU L 82 -9.34 12.71 3.99
CA LEU L 82 -8.60 13.57 3.09
C LEU L 82 -7.35 12.81 2.69
N LYS L 83 -7.02 12.82 1.40
CA LYS L 83 -5.91 12.02 0.91
C LYS L 83 -4.83 12.92 0.35
N ARG L 84 -3.59 12.60 0.67
CA ARG L 84 -2.42 13.38 0.31
C ARG L 84 -1.47 12.53 -0.51
N PHE L 85 -0.28 13.07 -0.78
CA PHE L 85 0.74 12.40 -1.60
C PHE L 85 2.10 12.66 -0.98
N SER L 94 3.13 7.59 -3.52
CA SER L 94 2.14 6.90 -2.71
C SER L 94 1.17 7.88 -2.09
N GLN L 95 -0.01 7.37 -1.74
CA GLN L 95 -1.09 8.19 -1.23
C GLN L 95 -1.26 7.97 0.26
N ILE L 96 -1.31 9.05 1.01
CA ILE L 96 -1.54 9.01 2.44
C ILE L 96 -2.93 9.54 2.72
N ASN L 97 -3.74 8.74 3.38
CA ASN L 97 -5.06 9.17 3.80
C ASN L 97 -4.96 9.78 5.18
N LYS L 98 -5.79 10.74 5.45
CA LYS L 98 -5.97 11.24 6.81
C LYS L 98 -7.39 10.92 7.20
N ARG L 99 -7.57 9.93 8.05
CA ARG L 99 -8.92 9.57 8.44
C ARG L 99 -9.49 10.57 9.43
N THR L 100 -10.79 10.48 9.66
CA THR L 100 -11.46 11.29 10.66
C THR L 100 -12.38 10.41 11.49
N SER L 101 -13.23 10.99 12.32
CA SER L 101 -14.07 10.17 13.21
C SER L 101 -15.33 10.94 13.58
N HIS L 102 -16.40 10.22 13.86
CA HIS L 102 -17.68 10.80 14.26
C HIS L 102 -17.35 10.12 15.58
N ILE L 103 -17.52 10.81 16.68
CA ILE L 103 -17.70 10.24 18.01
C ILE L 103 -19.03 10.69 18.58
N THR L 104 -19.89 9.73 18.93
CA THR L 104 -21.14 10.04 19.62
C THR L 104 -21.20 9.28 20.93
N ILE L 105 -21.89 9.86 21.91
CA ILE L 105 -22.11 9.23 23.20
C ILE L 105 -23.54 9.53 23.62
N VAL L 106 -24.31 8.49 23.92
CA VAL L 106 -25.68 8.64 24.37
C VAL L 106 -25.77 8.23 25.82
N VAL L 107 -26.22 9.15 26.67
CA VAL L 107 -26.29 8.94 28.11
C VAL L 107 -27.76 8.90 28.51
N SER L 108 -28.10 7.98 29.40
CA SER L 108 -29.47 7.83 29.87
C SER L 108 -29.47 7.62 31.38
N GLU L 109 -30.67 7.63 31.95
CA GLU L 109 -30.84 7.33 33.35
C GLU L 109 -30.77 5.84 33.60
N LYS L 110 -30.71 5.47 34.87
CA LYS L 110 -30.62 4.07 35.23
C LYS L 110 -31.98 3.53 35.68
N ASP M 3 -1.29 68.21 -19.80
CA ASP M 3 -1.57 69.01 -18.61
C ASP M 3 -0.93 68.40 -17.38
N PRO M 4 -0.53 69.23 -16.42
CA PRO M 4 0.02 68.68 -15.18
C PRO M 4 -1.01 68.13 -14.23
N ARG M 5 -2.28 68.46 -14.42
CA ARG M 5 -3.31 68.10 -13.44
C ARG M 5 -3.66 66.62 -13.45
N ASP M 6 -3.13 65.83 -14.39
CA ASP M 6 -3.39 64.39 -14.40
C ASP M 6 -2.13 63.56 -14.45
N VAL M 7 -1.02 64.09 -13.98
CA VAL M 7 0.15 63.26 -13.74
C VAL M 7 0.09 62.69 -12.33
N LEU M 8 -0.17 63.52 -11.35
CA LEU M 8 -0.43 63.02 -10.01
C LEU M 8 -1.80 62.38 -9.94
N LYS M 9 -1.90 61.29 -9.20
CA LYS M 9 -3.16 60.59 -9.02
C LYS M 9 -3.69 60.73 -7.60
N ARG M 10 -2.88 60.38 -6.61
CA ARG M 10 -3.33 60.41 -5.23
C ARG M 10 -2.10 60.51 -4.35
N PRO M 11 -2.21 61.12 -3.17
CA PRO M 11 -1.09 61.09 -2.24
C PRO M 11 -1.10 59.79 -1.46
N VAL M 12 -0.07 59.62 -0.64
CA VAL M 12 0.12 58.39 0.12
C VAL M 12 0.04 58.77 1.60
N ILE M 13 -0.85 58.12 2.33
CA ILE M 13 -1.07 58.41 3.74
C ILE M 13 -0.79 57.14 4.52
N THR M 14 0.44 56.98 4.99
CA THR M 14 0.84 55.88 5.85
C THR M 14 1.48 56.46 7.11
N GLU M 15 1.86 55.56 8.01
CA GLU M 15 2.64 55.95 9.16
C GLU M 15 4.05 56.34 8.76
N ARG M 16 4.55 55.74 7.69
CA ARG M 16 5.82 56.19 7.13
C ARG M 16 5.67 57.56 6.50
N SER M 17 4.55 57.81 5.83
CA SER M 17 4.35 59.09 5.16
C SER M 17 4.12 60.22 6.14
N ALA M 18 3.62 59.94 7.34
CA ALA M 18 3.54 60.98 8.34
C ALA M 18 4.92 61.33 8.90
N ASP M 19 5.87 60.40 8.82
CA ASP M 19 7.21 60.69 9.30
C ASP M 19 7.98 61.55 8.32
N LEU M 20 7.76 61.38 7.03
CA LEU M 20 8.52 62.15 6.07
C LEU M 20 8.03 63.58 5.94
N MET M 21 6.81 63.87 6.36
CA MET M 21 6.33 65.24 6.30
C MET M 21 6.91 66.11 7.40
N THR M 22 7.58 65.52 8.39
CA THR M 22 8.28 66.32 9.38
C THR M 22 9.54 66.95 8.83
N GLU M 23 10.10 66.41 7.76
CA GLU M 23 11.24 67.02 7.09
C GLU M 23 10.86 67.66 5.77
N LYS M 24 9.57 67.93 5.57
CA LYS M 24 9.02 68.61 4.39
C LYS M 24 9.34 67.87 3.11
N LYS M 25 8.97 66.60 3.06
CA LYS M 25 8.98 65.87 1.81
C LYS M 25 7.72 65.03 1.75
N TYR M 26 7.23 64.84 0.55
CA TYR M 26 5.89 64.32 0.34
C TYR M 26 5.96 63.13 -0.57
N THR M 27 4.92 62.31 -0.55
CA THR M 27 4.85 61.16 -1.43
C THR M 27 3.61 61.27 -2.31
N PHE M 28 3.69 60.70 -3.50
CA PHE M 28 2.57 60.78 -4.41
C PHE M 28 2.46 59.47 -5.17
N GLU M 29 1.51 59.43 -6.09
CA GLU M 29 1.37 58.32 -7.02
C GLU M 29 1.17 58.90 -8.40
N VAL M 30 2.11 58.63 -9.29
CA VAL M 30 2.15 59.26 -10.58
C VAL M 30 1.67 58.28 -11.64
N ASP M 31 1.43 58.80 -12.84
CA ASP M 31 1.22 57.93 -13.98
C ASP M 31 2.53 57.22 -14.31
N VAL M 32 2.41 55.97 -14.75
CA VAL M 32 3.59 55.13 -14.91
C VAL M 32 4.47 55.52 -16.08
N ARG M 33 4.05 56.47 -16.91
CA ARG M 33 4.87 56.95 -18.02
C ARG M 33 5.41 58.35 -17.79
N ALA M 34 5.80 58.68 -16.56
CA ALA M 34 6.22 60.03 -16.24
C ALA M 34 7.68 60.07 -15.81
N ASN M 35 8.36 61.14 -16.20
CA ASN M 35 9.76 61.31 -15.83
C ASN M 35 9.89 61.79 -14.40
N LYS M 36 11.12 61.95 -13.96
CA LYS M 36 11.35 62.76 -12.77
C LYS M 36 11.02 64.22 -13.05
N THR M 37 11.49 64.72 -14.20
CA THR M 37 11.32 66.14 -14.47
C THR M 37 9.91 66.50 -14.88
N GLU M 38 9.08 65.54 -15.25
CA GLU M 38 7.68 65.86 -15.43
C GLU M 38 7.00 66.05 -14.10
N VAL M 39 7.52 65.44 -13.04
CA VAL M 39 6.98 65.67 -11.72
C VAL M 39 7.43 67.02 -11.20
N LYS M 40 8.69 67.37 -11.43
CA LYS M 40 9.26 68.60 -10.91
C LYS M 40 8.64 69.83 -11.51
N ASP M 41 7.99 69.71 -12.66
CA ASP M 41 7.25 70.83 -13.20
C ASP M 41 5.78 70.77 -12.87
N ALA M 42 5.22 69.58 -12.68
CA ALA M 42 3.81 69.48 -12.41
C ALA M 42 3.47 69.89 -10.98
N VAL M 43 4.35 69.60 -10.03
CA VAL M 43 4.07 70.05 -8.68
C VAL M 43 4.38 71.53 -8.53
N GLU M 44 5.26 72.07 -9.37
CA GLU M 44 5.50 73.51 -9.33
C GLU M 44 4.36 74.27 -9.98
N SER M 45 3.65 73.65 -10.90
CA SER M 45 2.54 74.34 -11.54
C SER M 45 1.35 74.46 -10.59
N ILE M 46 0.89 73.33 -10.05
CA ILE M 46 -0.34 73.33 -9.28
C ILE M 46 -0.14 73.98 -7.92
N PHE M 47 1.03 73.78 -7.33
CA PHE M 47 1.20 74.14 -5.93
C PHE M 47 2.03 75.39 -5.72
N GLY M 48 2.85 75.78 -6.68
CA GLY M 48 3.63 76.98 -6.59
C GLY M 48 4.71 76.97 -5.53
N VAL M 49 5.35 75.83 -5.32
CA VAL M 49 6.36 75.66 -4.28
C VAL M 49 7.67 75.28 -4.94
N LYS M 50 8.76 75.88 -4.48
CA LYS M 50 10.06 75.59 -5.06
C LYS M 50 10.52 74.20 -4.65
N VAL M 51 10.91 73.40 -5.63
CA VAL M 51 11.20 71.98 -5.44
C VAL M 51 12.70 71.78 -5.54
N ASP M 52 13.27 71.05 -4.58
CA ASP M 52 14.71 70.83 -4.57
C ASP M 52 15.11 69.58 -5.33
N LYS M 53 14.43 68.47 -5.08
CA LYS M 53 14.91 67.18 -5.55
C LYS M 53 13.74 66.23 -5.56
N VAL M 54 13.59 65.47 -6.65
CA VAL M 54 12.50 64.53 -6.79
C VAL M 54 13.09 63.15 -6.99
N ASN M 55 12.78 62.23 -6.09
CA ASN M 55 13.24 60.86 -6.18
C ASN M 55 12.08 59.97 -6.55
N ILE M 56 12.30 59.04 -7.46
CA ILE M 56 11.21 58.22 -7.96
C ILE M 56 11.62 56.77 -7.91
N MET M 57 10.61 55.90 -7.83
CA MET M 57 10.78 54.47 -7.73
C MET M 57 9.47 53.82 -8.11
N ASN M 58 9.54 52.57 -8.53
CA ASN M 58 8.36 51.90 -9.06
C ASN M 58 8.16 50.55 -8.39
N TYR M 59 6.88 50.22 -8.19
CA TYR M 59 6.48 49.00 -7.51
C TYR M 59 6.02 47.97 -8.53
N LYS M 60 6.54 46.76 -8.42
CA LYS M 60 5.94 45.67 -9.15
C LYS M 60 4.62 45.28 -8.50
N GLY M 61 3.76 44.64 -9.26
CA GLY M 61 2.45 44.30 -8.75
C GLY M 61 2.47 43.10 -7.83
N LYS M 62 1.78 43.24 -6.71
CA LYS M 62 1.64 42.11 -5.80
C LYS M 62 0.58 41.16 -6.32
N SER M 63 0.56 39.97 -5.76
CA SER M 63 -0.45 38.98 -6.09
C SER M 63 -1.52 38.93 -5.02
N LYS M 64 -2.75 38.67 -5.42
CA LYS M 64 -3.89 38.69 -4.52
C LYS M 64 -4.85 37.63 -5.04
N ARG M 65 -5.13 36.62 -4.23
CA ARG M 65 -6.02 35.56 -4.65
C ARG M 65 -7.16 35.38 -3.66
N VAL M 66 -8.37 35.29 -4.18
CA VAL M 66 -9.59 35.21 -3.38
C VAL M 66 -10.24 33.88 -3.70
N GLY M 67 -9.95 32.87 -2.89
CA GLY M 67 -10.56 31.58 -3.11
C GLY M 67 -9.88 30.79 -4.21
N ARG M 68 -10.54 30.66 -5.35
CA ARG M 68 -9.98 29.88 -6.44
C ARG M 68 -9.37 30.72 -7.54
N TYR M 69 -9.64 32.02 -7.58
CA TYR M 69 -9.17 32.87 -8.65
C TYR M 69 -7.93 33.62 -8.19
N THR M 70 -6.96 33.74 -9.09
CA THR M 70 -5.69 34.39 -8.78
C THR M 70 -5.40 35.45 -9.81
N GLY M 71 -5.13 36.67 -9.35
CA GLY M 71 -4.71 37.72 -10.25
C GLY M 71 -3.70 38.65 -9.63
N MET M 72 -2.71 39.06 -10.41
CA MET M 72 -1.75 40.05 -9.95
C MET M 72 -2.42 41.41 -9.85
N THR M 73 -1.98 42.22 -8.88
CA THR M 73 -2.48 43.57 -8.79
C THR M 73 -1.67 44.50 -9.68
N SER M 74 -2.06 45.77 -9.70
CA SER M 74 -1.50 46.71 -10.66
C SER M 74 -0.09 47.12 -10.27
N ARG M 75 0.57 47.83 -11.18
CA ARG M 75 1.87 48.40 -10.93
C ARG M 75 1.68 49.85 -10.50
N ARG M 76 2.47 50.28 -9.54
CA ARG M 76 2.38 51.65 -9.06
C ARG M 76 3.76 52.28 -9.09
N ARG M 77 3.77 53.60 -9.08
CA ARG M 77 5.02 54.36 -9.19
C ARG M 77 4.93 55.53 -8.22
N LYS M 78 5.52 55.37 -7.04
CA LYS M 78 5.50 56.45 -6.07
C LYS M 78 6.66 57.39 -6.33
N ALA M 79 6.50 58.63 -5.91
CA ALA M 79 7.51 59.65 -6.12
C ALA M 79 7.61 60.51 -4.88
N ILE M 80 8.83 60.95 -4.58
CA ILE M 80 9.13 61.64 -3.33
C ILE M 80 9.62 63.03 -3.67
N VAL M 81 8.88 64.04 -3.22
CA VAL M 81 9.10 65.42 -3.63
C VAL M 81 9.63 66.17 -2.43
N LYS M 82 10.91 66.52 -2.44
CA LYS M 82 11.52 67.21 -1.32
C LYS M 82 11.51 68.71 -1.59
N LEU M 83 10.77 69.45 -0.78
CA LEU M 83 10.76 70.88 -0.93
C LEU M 83 12.02 71.48 -0.33
N THR M 84 12.37 72.67 -0.79
CA THR M 84 13.45 73.42 -0.19
C THR M 84 12.88 74.28 0.93
N ALA M 85 13.67 75.22 1.43
CA ALA M 85 13.17 76.17 2.42
C ALA M 85 12.15 77.11 1.80
N ASP M 86 11.44 77.81 2.68
CA ASP M 86 10.33 78.72 2.34
C ASP M 86 9.25 78.00 1.55
N SER M 87 8.66 77.02 2.22
CA SER M 87 7.75 76.10 1.58
C SER M 87 6.59 75.84 2.53
N LYS M 88 5.41 75.64 1.93
CA LYS M 88 4.16 75.66 2.68
C LYS M 88 3.46 74.32 2.61
N GLU M 89 2.60 74.07 3.61
CA GLU M 89 1.83 72.84 3.64
C GLU M 89 0.72 72.89 2.59
N ILE M 90 0.61 71.83 1.81
CA ILE M 90 -0.36 71.77 0.73
C ILE M 90 -1.43 70.71 0.98
N GLU M 91 -1.20 69.81 1.94
CA GLU M 91 -1.89 68.54 2.01
C GLU M 91 -3.29 68.60 2.60
N HIS N 2 -47.08 43.73 -15.57
CA HIS N 2 -48.04 44.68 -16.14
C HIS N 2 -48.37 45.78 -15.13
N VAL N 3 -48.24 45.46 -13.84
CA VAL N 3 -48.52 46.43 -12.79
C VAL N 3 -47.25 46.92 -12.13
N LYS N 4 -47.17 48.22 -11.89
CA LYS N 4 -46.01 48.83 -11.27
C LYS N 4 -46.11 48.78 -9.75
N LYS N 5 -46.39 49.93 -9.14
CA LYS N 5 -46.52 50.02 -7.69
C LYS N 5 -47.31 51.27 -7.29
N GLY N 6 -47.93 51.20 -6.11
CA GLY N 6 -48.69 52.33 -5.60
C GLY N 6 -50.13 51.97 -5.30
N ASP N 7 -50.98 52.03 -6.33
CA ASP N 7 -52.40 51.72 -6.17
C ASP N 7 -52.59 50.34 -5.56
N LYS N 8 -53.51 50.25 -4.59
CA LYS N 8 -53.78 49.00 -3.91
C LYS N 8 -54.18 47.92 -4.91
N VAL N 9 -53.56 46.75 -4.77
CA VAL N 9 -53.84 45.62 -5.65
C VAL N 9 -54.25 44.38 -4.87
N MET N 10 -54.83 43.41 -5.55
CA MET N 10 -55.27 42.18 -4.92
C MET N 10 -54.16 41.14 -4.97
N VAL N 11 -54.40 40.01 -4.29
CA VAL N 11 -53.50 38.87 -4.35
C VAL N 11 -54.35 37.62 -4.56
N ILE N 12 -54.18 36.97 -5.70
CA ILE N 12 -55.02 35.82 -6.00
C ILE N 12 -54.55 34.61 -5.21
N SER N 13 -53.34 34.14 -5.47
CA SER N 13 -52.94 32.80 -5.06
C SER N 13 -51.72 32.83 -4.16
N GLY N 14 -51.76 32.02 -3.12
CA GLY N 14 -50.73 31.97 -2.12
C GLY N 14 -51.34 31.72 -0.75
N LYS N 15 -50.53 31.93 0.28
CA LYS N 15 -50.99 31.79 1.65
C LYS N 15 -51.97 32.87 2.03
N ASP N 16 -51.90 34.02 1.38
CA ASP N 16 -52.76 35.13 1.73
C ASP N 16 -53.70 35.38 0.57
N LYS N 17 -54.26 34.29 0.06
CA LYS N 17 -55.26 34.34 -1.00
C LYS N 17 -56.47 35.16 -0.56
N GLY N 18 -56.80 36.16 -1.37
CA GLY N 18 -57.96 36.98 -1.14
C GLY N 18 -57.70 38.31 -0.45
N LYS N 19 -56.51 38.52 0.08
CA LYS N 19 -56.21 39.75 0.79
C LYS N 19 -55.71 40.81 -0.20
N GLN N 20 -55.45 42.01 0.29
CA GLN N 20 -55.17 43.15 -0.57
C GLN N 20 -54.04 43.98 0.01
N GLY N 21 -53.87 45.18 -0.52
CA GLY N 21 -52.79 46.07 -0.14
C GLY N 21 -52.34 46.87 -1.34
N THR N 22 -51.30 47.67 -1.11
CA THR N 22 -50.61 48.35 -2.20
C THR N 22 -49.15 47.93 -2.20
N ILE N 23 -48.50 48.13 -3.34
CA ILE N 23 -47.21 47.51 -3.60
C ILE N 23 -46.10 48.35 -3.00
N LEU N 24 -45.32 47.74 -2.11
CA LEU N 24 -44.22 48.47 -1.49
C LEU N 24 -43.11 48.73 -2.48
N ALA N 25 -42.61 47.68 -3.14
CA ALA N 25 -41.51 47.84 -4.07
C ALA N 25 -41.72 46.89 -5.24
N ALA N 26 -41.07 47.22 -6.35
CA ALA N 26 -41.21 46.43 -7.56
C ALA N 26 -39.83 46.07 -8.08
N PHE N 27 -39.65 44.81 -8.42
CA PHE N 27 -38.45 44.36 -9.11
C PHE N 27 -38.89 43.73 -10.41
N PRO N 28 -38.70 44.39 -11.54
CA PRO N 28 -39.09 43.79 -12.81
C PRO N 28 -38.05 42.85 -13.38
N LYS N 29 -36.91 42.71 -12.72
CA LYS N 29 -35.88 41.83 -13.23
C LYS N 29 -36.20 40.37 -12.92
N LYS N 30 -36.81 40.11 -11.77
CA LYS N 30 -37.15 38.76 -11.34
C LYS N 30 -38.64 38.60 -11.10
N ASP N 31 -39.45 39.57 -11.53
CA ASP N 31 -40.91 39.54 -11.44
C ASP N 31 -41.37 39.40 -9.99
N ARG N 32 -40.72 40.13 -9.11
CA ARG N 32 -40.97 40.03 -7.68
C ARG N 32 -41.38 41.38 -7.16
N VAL N 33 -42.47 41.41 -6.40
CA VAL N 33 -42.96 42.65 -5.80
C VAL N 33 -43.25 42.37 -4.34
N LEU N 34 -43.31 43.44 -3.57
CA LEU N 34 -43.59 43.39 -2.14
C LEU N 34 -44.90 44.11 -1.86
N VAL N 35 -45.83 43.41 -1.22
CA VAL N 35 -47.15 43.95 -0.97
C VAL N 35 -47.27 44.25 0.52
N GLU N 36 -48.08 45.24 0.84
CA GLU N 36 -48.22 45.70 2.23
C GLU N 36 -48.98 44.68 3.07
N GLY N 37 -48.31 44.18 4.11
CA GLY N 37 -48.92 43.28 5.06
C GLY N 37 -48.84 41.83 4.67
N VAL N 38 -48.95 41.56 3.39
CA VAL N 38 -49.07 40.21 2.88
C VAL N 38 -47.70 39.55 2.87
N ASN N 39 -47.64 38.34 3.42
CA ASN N 39 -46.42 37.54 3.56
C ASN N 39 -45.36 38.28 4.37
N MET N 40 -45.80 38.88 5.46
CA MET N 40 -44.89 39.34 6.49
C MET N 40 -44.27 38.12 7.14
N VAL N 41 -42.96 37.96 6.99
CA VAL N 41 -42.28 36.77 7.46
C VAL N 41 -41.24 37.14 8.50
N LYS N 42 -40.96 36.21 9.39
CA LYS N 42 -39.98 36.46 10.41
C LYS N 42 -38.58 36.28 9.83
N LYS N 43 -37.59 36.80 10.55
CA LYS N 43 -36.21 36.77 10.10
C LYS N 43 -35.30 37.01 11.28
N HIS N 44 -34.35 36.11 11.50
CA HIS N 44 -33.40 36.28 12.58
C HIS N 44 -32.22 37.11 12.09
N SER N 45 -31.47 37.65 13.04
CA SER N 45 -30.31 38.49 12.72
C SER N 45 -29.36 38.52 13.89
N LYS N 46 -28.14 38.07 13.67
CA LYS N 46 -27.04 38.40 14.55
C LYS N 46 -26.90 39.92 14.60
N PRO N 47 -26.99 40.55 15.77
CA PRO N 47 -27.50 41.91 15.86
C PRO N 47 -26.60 42.98 15.27
N GLY N 55 -32.80 40.61 16.97
CA GLY N 55 -34.09 40.03 17.28
C GLY N 55 -34.83 39.54 16.06
N ILE N 56 -35.97 38.92 16.33
CA ILE N 56 -36.84 38.41 15.28
C ILE N 56 -37.51 39.59 14.61
N SER N 57 -37.15 39.83 13.35
CA SER N 57 -37.77 40.91 12.60
C SER N 57 -39.11 40.44 12.02
N ASN N 58 -39.79 41.34 11.33
CA ASN N 58 -41.07 41.04 10.72
C ASN N 58 -41.18 41.68 9.34
N GLN N 59 -40.17 41.46 8.50
CA GLN N 59 -40.21 42.01 7.16
C GLN N 59 -41.19 41.24 6.30
N GLU N 60 -41.42 41.75 5.09
CA GLU N 60 -42.37 41.14 4.18
C GLU N 60 -41.63 40.35 3.11
N ALA N 61 -42.31 39.33 2.59
CA ALA N 61 -41.66 38.45 1.65
C ALA N 61 -42.15 38.73 0.24
N PRO N 62 -41.26 38.70 -0.75
CA PRO N 62 -41.69 39.05 -2.11
C PRO N 62 -42.53 37.96 -2.75
N ILE N 63 -43.53 38.37 -3.52
CA ILE N 63 -44.39 37.45 -4.22
C ILE N 63 -44.08 37.55 -5.69
N HIS N 64 -44.36 36.47 -6.42
CA HIS N 64 -44.30 36.50 -7.86
C HIS N 64 -45.38 37.42 -8.40
N VAL N 65 -45.16 37.94 -9.61
CA VAL N 65 -46.09 38.89 -10.19
C VAL N 65 -47.40 38.21 -10.56
N SER N 66 -47.33 36.99 -11.09
CA SER N 66 -48.51 36.31 -11.63
C SER N 66 -49.58 35.98 -10.60
N ASN N 67 -49.30 36.11 -9.31
CA ASN N 67 -50.32 35.97 -8.29
C ASN N 67 -51.07 37.26 -8.02
N VAL N 68 -50.59 38.36 -8.57
CA VAL N 68 -51.05 39.69 -8.23
C VAL N 68 -51.89 40.22 -9.37
N MET N 69 -52.98 40.90 -9.04
CA MET N 69 -53.85 41.43 -10.08
C MET N 69 -54.42 42.77 -9.62
N PRO N 70 -54.35 43.81 -10.46
CA PRO N 70 -54.77 45.13 -10.02
C PRO N 70 -56.27 45.23 -9.80
N LEU N 71 -56.65 46.12 -8.90
CA LEU N 71 -58.05 46.31 -8.57
C LEU N 71 -58.66 47.31 -9.53
N ASP N 72 -59.83 46.98 -10.05
CA ASP N 72 -60.57 47.89 -10.89
C ASP N 72 -61.17 49.00 -10.03
N PRO N 73 -60.91 50.27 -10.32
CA PRO N 73 -61.41 51.34 -9.45
C PRO N 73 -62.90 51.59 -9.58
N LYS N 74 -63.55 51.03 -10.60
CA LYS N 74 -64.99 51.21 -10.73
C LYS N 74 -65.73 50.42 -9.66
N THR N 75 -65.57 49.10 -9.66
CA THR N 75 -66.33 48.24 -8.77
C THR N 75 -65.52 47.68 -7.61
N GLY N 76 -64.20 47.66 -7.70
CA GLY N 76 -63.41 47.00 -6.69
C GLY N 76 -63.37 45.50 -6.92
N GLU N 77 -63.13 45.09 -8.17
CA GLU N 77 -63.03 43.69 -8.51
C GLU N 77 -61.76 43.44 -9.32
N VAL N 78 -61.62 42.20 -9.72
CA VAL N 78 -60.45 41.71 -10.41
C VAL N 78 -60.69 41.77 -11.91
N THR N 79 -59.71 42.27 -12.65
CA THR N 79 -59.80 42.34 -14.09
C THR N 79 -58.43 42.21 -14.73
N ARG N 80 -58.44 42.03 -16.04
CA ARG N 80 -57.21 41.95 -16.81
C ARG N 80 -56.73 43.36 -17.14
N VAL N 81 -55.79 43.45 -18.07
CA VAL N 81 -55.14 44.71 -18.37
C VAL N 81 -55.08 44.88 -19.88
N GLY N 82 -55.61 46.00 -20.37
CA GLY N 82 -55.38 46.45 -21.73
C GLY N 82 -54.52 47.68 -21.76
N TYR N 83 -54.37 48.24 -22.96
CA TYR N 83 -53.54 49.42 -23.17
C TYR N 83 -54.30 50.32 -24.13
N LYS N 84 -53.57 51.29 -24.71
CA LYS N 84 -54.01 52.05 -25.90
C LYS N 84 -55.28 52.85 -25.61
N VAL N 85 -55.11 53.85 -24.77
CA VAL N 85 -56.14 54.87 -24.61
C VAL N 85 -55.47 56.15 -25.08
N GLU N 86 -54.61 55.99 -26.09
CA GLU N 86 -53.52 56.91 -26.42
C GLU N 86 -53.97 58.34 -26.65
N LYS N 90 -50.10 56.83 -23.21
CA LYS N 90 -50.44 55.41 -23.08
C LYS N 90 -50.65 54.92 -21.67
N VAL N 91 -51.87 54.54 -21.35
CA VAL N 91 -52.24 54.14 -20.00
C VAL N 91 -52.87 52.77 -20.05
N ARG N 92 -52.76 52.05 -18.93
CA ARG N 92 -53.32 50.70 -18.84
C ARG N 92 -54.83 50.76 -18.61
N VAL N 93 -55.58 50.22 -19.56
CA VAL N 93 -57.04 50.21 -19.48
C VAL N 93 -57.54 48.96 -18.75
N ALA N 94 -58.69 49.08 -18.08
CA ALA N 94 -59.27 47.96 -17.35
C ALA N 94 -60.19 47.14 -18.23
N LYS N 95 -60.90 46.19 -17.63
CA LYS N 95 -61.82 45.34 -18.36
C LYS N 95 -63.26 45.53 -17.89
N LYS N 96 -64.20 44.93 -18.62
CA LYS N 96 -65.62 45.02 -18.29
C LYS N 96 -66.08 46.45 -18.05
N SER N 97 -66.00 47.27 -19.10
CA SER N 97 -66.39 48.68 -19.04
C SER N 97 -65.79 49.41 -17.83
N GLY N 98 -64.47 49.48 -17.80
CA GLY N 98 -63.76 50.19 -16.75
C GLY N 98 -63.17 51.50 -17.22
N GLN N 99 -62.65 52.28 -16.29
CA GLN N 99 -62.05 53.57 -16.61
C GLN N 99 -60.62 53.40 -17.11
N VAL N 100 -59.65 53.72 -16.25
CA VAL N 100 -58.24 53.60 -16.60
C VAL N 100 -57.39 53.28 -15.37
N LEU N 101 -56.08 53.18 -15.59
CA LEU N 101 -55.13 52.89 -14.52
C LEU N 101 -55.55 51.69 -13.68
N PRO O 4 2.94 -11.25 1.27
CA PRO O 4 1.74 -12.06 1.47
C PRO O 4 1.36 -12.84 0.23
N PHE O 5 0.49 -13.82 0.45
CA PHE O 5 0.16 -14.81 -0.54
C PHE O 5 -1.32 -14.85 -0.89
N ARG O 6 -2.18 -14.33 -0.01
CA ARG O 6 -3.63 -14.30 -0.11
C ARG O 6 -4.09 -13.45 1.06
N ARG O 7 -5.10 -12.62 0.86
CA ARG O 7 -5.50 -11.68 1.89
C ARG O 7 -6.16 -12.41 3.06
N THR O 8 -6.37 -11.69 4.15
CA THR O 8 -7.02 -12.29 5.32
C THR O 8 -8.46 -11.81 5.40
N SER O 9 -9.31 -12.66 5.95
CA SER O 9 -10.74 -12.43 5.94
C SER O 9 -11.16 -11.50 7.06
N LYS O 10 -12.45 -11.45 7.34
CA LYS O 10 -12.91 -10.72 8.51
C LYS O 10 -12.90 -11.57 9.76
N MET O 11 -12.57 -12.85 9.64
CA MET O 11 -12.50 -13.67 10.84
C MET O 11 -11.08 -13.75 11.38
N LYS O 12 -10.08 -13.88 10.52
CA LYS O 12 -8.72 -13.82 11.02
C LYS O 12 -8.27 -12.41 11.33
N LYS O 13 -9.08 -11.41 11.00
CA LYS O 13 -8.75 -10.05 11.38
C LYS O 13 -9.26 -9.73 12.76
N ARG O 14 -10.53 -10.03 13.04
CA ARG O 14 -11.09 -9.67 14.32
C ARG O 14 -10.61 -10.57 15.44
N LEU O 15 -10.02 -11.72 15.15
CA LEU O 15 -9.45 -12.54 16.19
C LEU O 15 -8.05 -12.12 16.57
N ARG O 16 -7.39 -11.30 15.77
CA ARG O 16 -6.08 -10.81 16.12
C ARG O 16 -6.15 -9.55 16.95
N ARG O 17 -7.34 -9.13 17.36
CA ARG O 17 -7.51 -7.94 18.17
C ARG O 17 -8.12 -8.24 19.52
N THR O 18 -7.91 -9.45 20.03
CA THR O 18 -8.31 -9.73 21.40
C THR O 18 -7.22 -9.30 22.35
N HIS O 19 -5.97 -9.46 21.94
CA HIS O 19 -4.85 -9.10 22.78
C HIS O 19 -4.27 -7.75 22.40
N PHE O 20 -5.15 -6.84 22.02
CA PHE O 20 -4.76 -5.49 21.68
C PHE O 20 -5.41 -4.45 22.55
N LYS O 21 -6.48 -4.79 23.25
CA LYS O 21 -7.24 -3.82 24.03
C LYS O 21 -6.44 -3.39 25.25
N LEU O 22 -6.74 -2.21 25.74
CA LEU O 22 -6.06 -1.62 26.87
C LEU O 22 -6.92 -1.71 28.12
N ASN O 23 -6.26 -1.62 29.27
CA ASN O 23 -6.85 -1.94 30.56
C ASN O 23 -6.99 -0.70 31.42
N VAL O 24 -7.85 -0.81 32.43
CA VAL O 24 -8.10 0.30 33.34
C VAL O 24 -6.88 0.51 34.24
N PRO O 25 -6.35 1.71 34.35
CA PRO O 25 -5.22 1.94 35.26
C PRO O 25 -5.70 1.97 36.71
N GLY O 26 -4.74 1.85 37.62
CA GLY O 26 -5.06 1.76 39.03
C GLY O 26 -5.55 3.05 39.65
N MET O 27 -6.83 3.12 40.00
CA MET O 27 -7.45 4.34 40.48
C MET O 27 -7.89 4.18 41.93
N THR O 28 -7.49 5.13 42.77
CA THR O 28 -7.85 5.09 44.19
C THR O 28 -8.64 6.33 44.58
N GLU O 29 -8.92 6.47 45.88
CA GLU O 29 -9.66 7.61 46.39
C GLU O 29 -8.77 8.49 47.27
N CYS O 30 -8.44 9.67 46.76
CA CYS O 30 -7.60 10.61 47.49
C CYS O 30 -8.22 10.97 48.85
N PRO O 31 -7.36 11.07 49.88
CA PRO O 31 -7.80 11.41 51.23
C PRO O 31 -8.02 12.90 51.42
N SER O 32 -7.55 13.70 50.47
CA SER O 32 -7.71 15.15 50.54
C SER O 32 -9.12 15.58 50.19
N CYS O 33 -9.35 15.88 48.91
CA CYS O 33 -10.66 16.30 48.44
C CYS O 33 -10.85 15.99 46.97
N GLY O 34 -10.43 14.79 46.55
CA GLY O 34 -10.55 14.37 45.17
C GLY O 34 -11.56 13.26 44.99
N GLU O 35 -11.73 12.81 43.75
CA GLU O 35 -12.68 11.74 43.45
C GLU O 35 -11.96 10.54 42.83
N MET O 36 -11.09 10.80 41.87
CA MET O 36 -10.34 9.74 41.21
C MET O 36 -8.94 10.21 40.81
N LYS O 37 -7.94 9.38 41.09
CA LYS O 37 -6.56 9.71 40.78
C LYS O 37 -5.71 8.45 40.75
N LEU O 38 -4.76 8.40 39.81
CA LEU O 38 -3.88 7.25 39.68
C LEU O 38 -3.19 6.94 41.01
N SER O 39 -3.09 5.66 41.35
CA SER O 39 -2.47 5.24 42.58
C SER O 39 -1.00 5.61 42.64
N HIS O 40 -0.52 5.77 43.87
CA HIS O 40 0.89 6.00 44.19
C HIS O 40 1.44 7.27 43.57
N ARG O 41 0.59 8.25 43.34
CA ARG O 41 1.01 9.43 42.60
C ARG O 41 0.36 10.67 43.19
N VAL O 42 0.73 11.83 42.63
CA VAL O 42 0.19 13.10 43.08
C VAL O 42 -1.00 13.51 42.21
N CYS O 43 -2.11 13.87 42.85
CA CYS O 43 -3.31 14.28 42.14
C CYS O 43 -3.08 15.58 41.36
N LYS O 44 -3.78 15.73 40.24
CA LYS O 44 -3.65 16.91 39.41
C LYS O 44 -4.50 18.07 39.96
N ALA O 45 -5.57 17.72 40.66
CA ALA O 45 -6.46 18.72 41.23
C ALA O 45 -6.45 19.36 42.62
N CYS O 46 -6.12 18.56 43.63
CA CYS O 46 -5.63 18.98 44.94
C CYS O 46 -4.13 19.20 44.92
N GLY O 47 -3.40 18.20 44.45
CA GLY O 47 -1.94 18.28 44.38
C GLY O 47 -1.29 18.04 45.72
N SER O 48 -1.69 16.97 46.40
CA SER O 48 -1.13 16.64 47.70
C SER O 48 -0.82 15.15 47.81
N TYR O 49 0.22 14.82 48.57
CA TYR O 49 0.62 13.44 48.76
C TYR O 49 0.50 13.02 50.23
N ASN O 50 0.33 11.72 50.45
CA ASN O 50 0.19 11.18 51.81
C ASN O 50 -0.83 11.92 52.65
N GLY O 51 -0.37 12.95 53.36
CA GLY O 51 -1.25 13.77 54.17
C GLY O 51 -0.79 15.21 54.23
N LYS O 52 0.17 15.56 53.38
CA LYS O 52 0.69 16.93 53.32
C LYS O 52 0.83 17.41 51.88
N ASP O 53 0.18 18.53 51.58
CA ASP O 53 0.22 19.11 50.25
C ASP O 53 1.58 19.72 49.96
N ILE O 54 2.29 19.17 48.98
CA ILE O 54 3.60 19.68 48.61
C ILE O 54 3.44 20.26 47.22
N ASN O 55 3.17 21.56 47.16
CA ASN O 55 2.98 22.27 45.90
C ASN O 55 3.21 23.76 46.10
N MET P 1 -27.00 68.66 -21.31
CA MET P 1 -25.77 69.43 -21.42
C MET P 1 -25.36 69.62 -22.87
N LYS P 2 -26.11 68.99 -23.77
CA LYS P 2 -26.04 69.40 -25.18
C LYS P 2 -26.64 70.78 -25.36
N ALA P 3 -27.62 71.12 -24.53
CA ALA P 3 -28.24 72.43 -24.53
C ALA P 3 -27.32 73.53 -24.01
N ASN P 4 -26.10 73.21 -23.57
CA ASN P 4 -25.16 74.23 -23.14
C ASN P 4 -23.89 74.25 -23.97
N GLU P 5 -23.23 73.11 -24.11
CA GLU P 5 -21.85 73.10 -24.59
C GLU P 5 -21.74 73.22 -26.10
N ILE P 6 -22.81 72.91 -26.84
CA ILE P 6 -22.84 73.30 -28.24
C ILE P 6 -22.96 74.81 -28.34
N ARG P 7 -23.74 75.40 -27.45
CA ARG P 7 -24.10 76.81 -27.54
C ARG P 7 -22.99 77.75 -27.12
N ASP P 8 -21.86 77.24 -26.65
CA ASP P 8 -20.75 78.11 -26.34
C ASP P 8 -19.80 78.20 -27.54
N LEU P 9 -18.89 79.14 -27.47
CA LEU P 9 -17.82 79.17 -28.46
C LEU P 9 -16.72 78.21 -28.04
N THR P 10 -15.70 78.09 -28.87
CA THR P 10 -14.71 77.06 -28.68
C THR P 10 -13.74 77.38 -27.53
N THR P 11 -12.91 78.40 -27.69
CA THR P 11 -11.73 78.50 -26.84
C THR P 11 -12.02 79.03 -25.45
N ALA P 12 -13.12 79.75 -25.28
CA ALA P 12 -13.52 80.13 -23.93
C ALA P 12 -13.98 78.91 -23.15
N GLU P 13 -14.57 77.94 -23.84
CA GLU P 13 -15.03 76.73 -23.20
C GLU P 13 -13.89 75.77 -22.88
N ILE P 14 -13.02 75.50 -23.86
CA ILE P 14 -11.98 74.49 -23.66
C ILE P 14 -10.91 74.97 -22.69
N GLU P 15 -10.76 76.27 -22.50
CA GLU P 15 -9.76 76.75 -21.56
C GLU P 15 -10.34 76.81 -20.16
N GLN P 16 -11.57 77.30 -20.04
CA GLN P 16 -12.16 77.36 -18.72
C GLN P 16 -12.64 75.97 -18.29
N LYS P 17 -13.62 75.43 -19.01
CA LYS P 17 -14.44 74.35 -18.47
C LYS P 17 -13.67 73.05 -18.34
N VAL P 18 -12.70 72.81 -19.21
CA VAL P 18 -11.85 71.65 -19.03
C VAL P 18 -10.91 71.88 -17.86
N LYS P 19 -10.23 73.02 -17.84
CA LYS P 19 -9.31 73.28 -16.76
C LYS P 19 -10.01 73.76 -15.50
N SER P 20 -11.33 73.88 -15.51
CA SER P 20 -12.04 73.97 -14.24
C SER P 20 -12.46 72.62 -13.74
N LEU P 21 -12.93 71.74 -14.63
CA LEU P 21 -13.38 70.43 -14.19
C LEU P 21 -12.21 69.54 -13.81
N LYS P 22 -11.09 69.68 -14.50
CA LYS P 22 -9.90 68.99 -14.06
C LYS P 22 -9.33 69.57 -12.79
N GLU P 23 -9.73 70.79 -12.43
CA GLU P 23 -9.24 71.37 -11.20
C GLU P 23 -9.89 70.72 -9.99
N GLU P 24 -11.19 70.42 -10.07
CA GLU P 24 -11.83 69.79 -8.92
C GLU P 24 -11.44 68.33 -8.82
N LEU P 25 -11.32 67.64 -9.96
CA LEU P 25 -11.05 66.21 -9.96
C LEU P 25 -9.67 65.89 -9.41
N PHE P 26 -8.74 66.82 -9.52
CA PHE P 26 -7.47 66.60 -8.85
C PHE P 26 -7.61 66.83 -7.35
N ASN P 27 -8.45 67.77 -6.95
CA ASN P 27 -8.66 68.02 -5.53
C ASN P 27 -9.79 67.20 -4.93
N LEU P 28 -10.53 66.47 -5.75
CA LEU P 28 -11.56 65.60 -5.18
C LEU P 28 -11.02 64.23 -4.89
N ARG P 29 -10.09 63.75 -5.70
CA ARG P 29 -9.45 62.49 -5.39
C ARG P 29 -8.54 62.61 -4.18
N PHE P 30 -8.04 63.81 -3.91
CA PHE P 30 -7.22 64.00 -2.73
C PHE P 30 -8.03 63.97 -1.45
N GLN P 31 -9.35 64.10 -1.54
CA GLN P 31 -10.20 63.84 -0.39
C GLN P 31 -10.49 62.36 -0.24
N LEU P 32 -10.45 61.60 -1.32
CA LEU P 32 -10.84 60.21 -1.21
C LEU P 32 -9.69 59.33 -0.75
N ALA P 33 -8.46 59.74 -0.99
CA ALA P 33 -7.34 59.00 -0.42
C ALA P 33 -7.25 59.20 1.09
N THR P 34 -7.76 60.31 1.60
CA THR P 34 -7.86 60.54 3.03
C THR P 34 -9.28 60.34 3.57
N GLY P 35 -10.25 60.09 2.71
CA GLY P 35 -11.58 59.73 3.16
C GLY P 35 -12.36 60.84 3.82
N GLN P 36 -11.95 62.10 3.63
CA GLN P 36 -12.63 63.20 4.29
C GLN P 36 -13.99 63.47 3.65
N LEU P 37 -13.99 63.87 2.39
CA LEU P 37 -15.23 64.17 1.68
C LEU P 37 -15.73 62.89 1.04
N GLU P 38 -16.81 62.33 1.59
CA GLU P 38 -17.29 61.05 1.12
C GLU P 38 -17.85 61.09 -0.30
N ASN P 39 -19.10 61.55 -0.52
CA ASN P 39 -19.76 61.95 -1.75
C ASN P 39 -19.30 61.23 -3.02
N THR P 40 -19.19 59.92 -2.98
CA THR P 40 -18.44 59.19 -4.00
C THR P 40 -19.11 59.21 -5.36
N ALA P 41 -20.38 59.59 -5.44
CA ALA P 41 -21.02 59.76 -6.74
C ALA P 41 -20.58 61.02 -7.45
N ARG P 42 -19.81 61.88 -6.79
CA ARG P 42 -19.41 63.11 -7.44
C ARG P 42 -18.25 62.89 -8.40
N ILE P 43 -17.34 61.97 -8.08
CA ILE P 43 -16.18 61.70 -8.93
C ILE P 43 -16.62 61.15 -10.28
N ARG P 44 -17.49 60.15 -10.24
CA ARG P 44 -18.03 59.59 -11.46
C ARG P 44 -18.93 60.57 -12.19
N GLU P 45 -19.50 61.54 -11.49
CA GLU P 45 -20.25 62.59 -12.17
C GLU P 45 -19.29 63.52 -12.91
N VAL P 46 -18.22 63.93 -12.24
CA VAL P 46 -17.33 64.94 -12.80
C VAL P 46 -16.56 64.38 -14.00
N ARG P 47 -16.04 63.18 -13.85
CA ARG P 47 -15.29 62.54 -14.93
C ARG P 47 -16.16 62.19 -16.12
N LYS P 48 -17.46 62.06 -15.92
CA LYS P 48 -18.36 61.95 -17.04
C LYS P 48 -18.61 63.30 -17.69
N ALA P 49 -18.54 64.37 -16.90
CA ALA P 49 -18.78 65.68 -17.45
C ALA P 49 -17.58 66.21 -18.22
N ILE P 50 -16.40 65.64 -18.03
CA ILE P 50 -15.25 66.04 -18.82
C ILE P 50 -15.43 65.57 -20.25
N ALA P 51 -15.83 64.32 -20.43
CA ALA P 51 -15.89 63.74 -21.75
C ALA P 51 -16.96 64.37 -22.61
N ARG P 52 -18.05 64.83 -22.00
CA ARG P 52 -19.11 65.42 -22.80
C ARG P 52 -18.78 66.83 -23.27
N MET P 53 -17.63 67.38 -22.87
CA MET P 53 -17.13 68.58 -23.49
C MET P 53 -15.98 68.32 -24.44
N LYS P 54 -15.18 67.28 -24.18
CA LYS P 54 -14.17 66.92 -25.15
C LYS P 54 -14.79 66.28 -26.38
N THR P 55 -15.99 65.75 -26.28
CA THR P 55 -16.64 65.17 -27.43
C THR P 55 -17.21 66.21 -28.37
N VAL P 56 -17.31 67.47 -27.95
CA VAL P 56 -17.90 68.47 -28.83
C VAL P 56 -16.83 69.15 -29.66
N ILE P 57 -15.67 69.40 -29.06
CA ILE P 57 -14.65 70.14 -29.77
C ILE P 57 -13.96 69.29 -30.80
N ARG P 58 -13.96 67.96 -30.63
CA ARG P 58 -13.48 67.08 -31.69
C ARG P 58 -14.53 66.92 -32.75
N GLU P 59 -15.81 67.02 -32.37
CA GLU P 59 -16.87 67.11 -33.35
C GLU P 59 -16.79 68.43 -34.12
N ARG P 60 -16.26 69.48 -33.49
CA ARG P 60 -16.13 70.76 -34.17
C ARG P 60 -15.09 70.69 -35.27
N GLU P 61 -14.11 69.79 -35.15
CA GLU P 61 -13.08 69.65 -36.18
C GLU P 61 -13.52 68.79 -37.36
N ILE P 62 -14.75 68.30 -37.37
CA ILE P 62 -15.30 67.76 -38.60
C ILE P 62 -16.21 68.78 -39.27
N ALA P 63 -16.94 69.55 -38.46
CA ALA P 63 -17.76 70.63 -39.00
C ALA P 63 -16.90 71.73 -39.60
N PHE Q 5 18.28 20.83 -16.34
CA PHE Q 5 17.63 22.13 -16.45
C PHE Q 5 18.33 23.12 -15.53
N GLN Q 6 18.95 24.14 -16.10
CA GLN Q 6 19.51 25.27 -15.35
C GLN Q 6 19.15 26.52 -16.14
N PRO Q 7 18.07 27.19 -15.79
CA PRO Q 7 17.44 28.13 -16.74
C PRO Q 7 18.21 29.42 -16.95
N ASN Q 8 17.90 30.04 -18.08
CA ASN Q 8 18.45 31.33 -18.50
C ASN Q 8 17.43 31.95 -19.43
N ASN Q 9 16.78 33.01 -18.98
CA ASN Q 9 15.78 33.65 -19.82
C ASN Q 9 16.42 34.40 -20.99
N ARG Q 10 17.68 34.78 -20.86
CA ARG Q 10 18.44 35.25 -22.02
C ARG Q 10 18.58 34.16 -23.05
N LYS Q 11 18.84 32.94 -22.60
CA LYS Q 11 19.08 31.83 -23.52
C LYS Q 11 17.80 31.16 -23.97
N ARG Q 12 16.74 31.25 -23.18
CA ARG Q 12 15.49 30.62 -23.57
C ARG Q 12 14.79 31.44 -24.64
N SER Q 13 14.65 32.73 -24.41
CA SER Q 13 13.79 33.55 -25.24
C SER Q 13 14.35 33.80 -26.63
N LYS Q 14 15.59 33.42 -26.88
CA LYS Q 14 16.12 33.59 -28.22
C LYS Q 14 15.82 32.40 -29.12
N VAL Q 15 15.51 31.25 -28.56
CA VAL Q 15 15.23 30.07 -29.36
C VAL Q 15 13.75 29.72 -29.36
N HIS Q 16 12.98 30.24 -28.40
CA HIS Q 16 11.56 29.96 -28.32
C HIS Q 16 10.73 31.21 -28.22
N GLY Q 17 11.31 32.38 -28.37
CA GLY Q 17 10.57 33.61 -28.21
C GLY Q 17 9.67 33.90 -29.37
N PHE Q 18 8.92 34.99 -29.24
CA PHE Q 18 8.07 35.44 -30.32
C PHE Q 18 8.89 35.94 -31.49
N ARG Q 19 10.04 36.55 -31.22
CA ARG Q 19 10.79 37.16 -32.31
C ARG Q 19 11.57 36.13 -33.11
N SER Q 20 11.85 34.97 -32.54
CA SER Q 20 12.46 33.91 -33.32
C SER Q 20 11.42 33.05 -34.02
N ARG Q 21 10.20 32.99 -33.51
CA ARG Q 21 9.17 32.21 -34.18
C ARG Q 21 8.66 32.91 -35.42
N MET Q 22 8.56 34.24 -35.40
CA MET Q 22 8.03 34.94 -36.55
C MET Q 22 9.03 35.10 -37.68
N SER Q 23 10.28 34.70 -37.48
CA SER Q 23 11.32 35.02 -38.45
C SER Q 23 11.25 34.13 -39.68
N SER Q 24 10.69 32.95 -39.57
CA SER Q 24 10.74 31.99 -40.66
C SER Q 24 9.36 31.79 -41.26
N LYS Q 25 9.26 30.81 -42.15
CA LYS Q 25 7.99 30.32 -42.63
C LYS Q 25 7.51 29.13 -41.82
N ASN Q 26 8.42 28.22 -41.49
CA ASN Q 26 8.06 27.04 -40.71
C ASN Q 26 7.72 27.41 -39.29
N GLY Q 27 8.34 28.45 -38.75
CA GLY Q 27 8.01 28.88 -37.40
C GLY Q 27 6.70 29.62 -37.32
N ARG Q 28 6.31 30.31 -38.39
CA ARG Q 28 5.11 31.11 -38.33
C ARG Q 28 3.87 30.25 -38.34
N LEU Q 29 3.94 29.05 -38.92
CA LEU Q 29 2.78 28.17 -38.89
C LEU Q 29 2.51 27.57 -37.53
N VAL Q 30 3.51 27.56 -36.65
CA VAL Q 30 3.29 27.14 -35.27
C VAL Q 30 2.30 28.08 -34.60
N LEU Q 31 2.52 29.38 -34.76
CA LEU Q 31 1.61 30.35 -34.17
C LEU Q 31 0.27 30.36 -34.88
N ALA Q 32 0.23 29.92 -36.13
CA ALA Q 32 -1.06 29.75 -36.77
C ALA Q 32 -1.79 28.53 -36.20
N ARG Q 33 -1.03 27.50 -35.83
CA ARG Q 33 -1.65 26.33 -35.22
C ARG Q 33 -2.10 26.61 -33.81
N ARG Q 34 -1.40 27.50 -33.10
CA ARG Q 34 -1.72 27.74 -31.71
C ARG Q 34 -2.98 28.55 -31.54
N ARG Q 35 -3.25 29.49 -32.44
CA ARG Q 35 -4.50 30.25 -32.35
C ARG Q 35 -5.69 29.39 -32.74
N ARG Q 36 -5.47 28.34 -33.53
CA ARG Q 36 -6.54 27.40 -33.83
C ARG Q 36 -6.97 26.65 -32.60
N LYS Q 37 -6.01 26.19 -31.80
CA LYS Q 37 -6.34 25.51 -30.55
C LYS Q 37 -6.94 26.48 -29.55
N GLY Q 38 -6.45 27.70 -29.54
CA GLY Q 38 -6.94 28.71 -28.62
C GLY Q 38 -6.12 28.89 -27.37
N ARG Q 39 -4.84 28.53 -27.41
CA ARG Q 39 -4.01 28.50 -26.22
C ARG Q 39 -3.79 29.91 -25.67
N LYS Q 40 -3.76 30.02 -24.36
CA LYS Q 40 -3.69 31.34 -23.75
C LYS Q 40 -2.29 31.91 -23.84
N VAL Q 41 -1.29 31.12 -23.52
CA VAL Q 41 0.08 31.53 -23.72
C VAL Q 41 0.52 31.04 -25.09
N LEU Q 42 1.13 31.93 -25.84
CA LEU Q 42 1.82 31.57 -27.08
C LEU Q 42 3.26 31.23 -26.74
N SER Q 43 4.15 31.36 -27.71
CA SER Q 43 5.58 31.23 -27.46
C SER Q 43 6.03 32.10 -26.30
#